data_4ILM
#
_entry.id   4ILM
#
_cell.length_a   78.981
_cell.length_b   154.608
_cell.length_c   130.848
_cell.angle_alpha   90.00
_cell.angle_beta   93.64
_cell.angle_gamma   90.00
#
_symmetry.space_group_name_H-M   'P 1 21 1'
#
loop_
_entity.id
_entity.type
_entity.pdbx_description
1 polymer 'CRISPR-associated endoribonuclease Cas6 2'
2 polymer "RNA (5'-R(*GP*CP*UP*AP*AP*UP*CP*UP*AP*CP*UP*AP*UP*AP*GP*A)-3')"
#
loop_
_entity_poly.entity_id
_entity_poly.type
_entity_poly.pdbx_seq_one_letter_code
_entity_poly.pdbx_strand_id
1 'polypeptide(L)'
;MPLIFKIGYNVIPLQDVILPTPSSKVLKYLIQSGKLIPSLKDLITSRDKYKPIFISHLGFNQRRIFQTNGNLKTITKGSR
LSSIIAFSTQANVLSEVADEGIFETVYGKFHIMIESIEIVEVEKLKEEVEKHMNDNIRVRFVSPTLLSSKVLLPPSLSER
YKKIHAGYSTLPSVGLIVAYAYNVYCNLIGKKEVEVRAFKFGILSNALSRIIGYDLHPVTVAIGEDSKGNLRKARGVMGW
IEFDIPDERLKRRALNYLLTSSYLGIGRSRGIGFGEIRLEFRKIEEKEG
;
A,B,D,F,H,J,L,N
2 'polyribonucleotide' GCUAAUCUACUAUAGA R,C,E,G,I,K,M,O
#
loop_
_chem_comp.id
_chem_comp.type
_chem_comp.name
_chem_comp.formula
A RNA linking ADENOSINE-5'-MONOPHOSPHATE 'C10 H14 N5 O7 P'
C RNA linking CYTIDINE-5'-MONOPHOSPHATE 'C9 H14 N3 O8 P'
G RNA linking GUANOSINE-5'-MONOPHOSPHATE 'C10 H14 N5 O8 P'
U RNA linking URIDINE-5'-MONOPHOSPHATE 'C9 H13 N2 O9 P'
#
# COMPACT_ATOMS: atom_id res chain seq x y z
N MET A 1 -4.34 -38.09 28.44
CA MET A 1 -5.02 -39.28 27.92
C MET A 1 -6.51 -39.06 27.62
N PRO A 2 -6.83 -38.08 26.76
CA PRO A 2 -8.24 -37.83 26.42
C PRO A 2 -8.75 -38.71 25.29
N LEU A 3 -10.02 -39.08 25.36
CA LEU A 3 -10.65 -39.89 24.32
C LEU A 3 -12.17 -39.70 24.20
N ILE A 4 -12.69 -40.11 23.05
CA ILE A 4 -14.08 -39.93 22.69
C ILE A 4 -14.81 -41.24 22.48
N PHE A 5 -16.00 -41.32 23.07
CA PHE A 5 -16.92 -42.43 22.83
C PHE A 5 -18.06 -41.95 21.95
N LYS A 6 -18.28 -42.66 20.87
CA LYS A 6 -19.45 -42.43 20.03
C LYS A 6 -20.28 -43.69 19.96
N ILE A 7 -21.48 -43.63 20.52
CA ILE A 7 -22.36 -44.79 20.50
C ILE A 7 -23.58 -44.57 19.59
N GLY A 8 -23.79 -45.53 18.70
CA GLY A 8 -24.91 -45.54 17.78
C GLY A 8 -26.04 -46.44 18.21
N TYR A 9 -27.18 -45.81 18.48
CA TYR A 9 -28.38 -46.39 19.06
C TYR A 9 -29.52 -46.67 18.09
N ASN A 10 -30.25 -47.75 18.36
CA ASN A 10 -31.48 -48.05 17.66
C ASN A 10 -32.62 -47.94 18.65
N VAL A 11 -33.53 -46.99 18.39
CA VAL A 11 -34.60 -46.69 19.31
C VAL A 11 -35.96 -47.04 18.74
N ILE A 12 -36.72 -47.85 19.46
CA ILE A 12 -38.07 -48.19 19.07
C ILE A 12 -39.07 -47.84 20.17
N PRO A 13 -40.14 -47.13 19.81
CA PRO A 13 -41.20 -46.84 20.78
C PRO A 13 -42.12 -48.04 20.86
N LEU A 14 -42.72 -48.27 22.02
CA LEU A 14 -43.62 -49.40 22.18
C LEU A 14 -45.06 -48.98 21.95
N GLN A 15 -45.45 -47.83 22.48
CA GLN A 15 -46.79 -47.32 22.24
C GLN A 15 -46.78 -46.29 21.12
N ASP A 16 -47.92 -45.66 20.88
CA ASP A 16 -47.95 -44.51 19.99
C ASP A 16 -47.49 -43.36 20.86
N VAL A 17 -46.57 -42.56 20.35
CA VAL A 17 -45.94 -41.55 21.19
C VAL A 17 -45.69 -40.26 20.40
N ILE A 18 -45.78 -39.12 21.10
CA ILE A 18 -45.41 -37.81 20.57
C ILE A 18 -44.05 -37.40 21.12
N LEU A 19 -43.08 -37.18 20.24
CA LEU A 19 -41.74 -36.78 20.68
C LEU A 19 -41.72 -35.33 21.15
N PRO A 20 -40.91 -35.04 22.17
CA PRO A 20 -40.78 -33.68 22.69
C PRO A 20 -39.84 -32.86 21.81
N THR A 21 -39.63 -31.59 22.17
CA THR A 21 -38.74 -30.73 21.41
C THR A 21 -37.62 -30.22 22.29
N PRO A 22 -36.37 -30.55 21.94
CA PRO A 22 -36.04 -31.40 20.79
C PRO A 22 -36.19 -32.89 21.11
N SER A 23 -36.09 -33.75 20.11
CA SER A 23 -36.31 -35.18 20.32
C SER A 23 -35.20 -35.82 21.14
N SER A 24 -34.08 -35.11 21.24
CA SER A 24 -32.91 -35.66 21.92
C SER A 24 -33.23 -35.76 23.40
N LYS A 25 -34.18 -34.92 23.83
CA LYS A 25 -34.65 -34.93 25.21
C LYS A 25 -34.98 -36.35 25.65
N VAL A 26 -35.54 -37.16 24.75
CA VAL A 26 -35.87 -38.54 25.10
C VAL A 26 -34.63 -39.25 25.64
N LEU A 27 -33.58 -39.30 24.82
CA LEU A 27 -32.35 -39.95 25.25
C LEU A 27 -31.76 -39.24 26.45
N LYS A 28 -31.96 -37.92 26.51
CA LYS A 28 -31.40 -37.14 27.60
C LYS A 28 -31.96 -37.67 28.90
N TYR A 29 -33.23 -38.08 28.83
CA TYR A 29 -33.92 -38.57 30.02
C TYR A 29 -33.20 -39.79 30.55
N LEU A 30 -32.81 -40.70 29.67
CA LEU A 30 -32.21 -41.95 30.10
C LEU A 30 -30.93 -41.73 30.88
N ILE A 31 -30.31 -40.57 30.67
CA ILE A 31 -29.11 -40.26 31.42
C ILE A 31 -29.43 -39.53 32.74
N GLN A 32 -30.35 -38.57 32.69
CA GLN A 32 -30.70 -37.79 33.87
C GLN A 32 -31.43 -38.60 34.94
N SER A 33 -31.68 -39.87 34.68
CA SER A 33 -32.38 -40.74 35.61
C SER A 33 -31.56 -42.00 35.91
N GLY A 34 -30.44 -42.14 35.23
CA GLY A 34 -29.55 -43.25 35.47
C GLY A 34 -30.17 -44.55 34.96
N LYS A 35 -30.56 -44.52 33.69
CA LYS A 35 -31.16 -45.66 33.03
C LYS A 35 -30.13 -46.05 31.99
N LEU A 36 -29.49 -45.02 31.45
CA LEU A 36 -28.35 -45.18 30.56
C LEU A 36 -27.17 -44.41 31.12
N ILE A 37 -25.97 -44.86 30.72
CA ILE A 37 -24.67 -44.33 31.11
C ILE A 37 -24.77 -43.17 32.11
N PRO A 38 -25.00 -43.49 33.39
CA PRO A 38 -25.31 -42.46 34.39
C PRO A 38 -24.17 -41.50 34.63
N SER A 39 -22.94 -41.95 34.37
CA SER A 39 -21.75 -41.13 34.60
C SER A 39 -21.70 -39.90 33.68
N LEU A 40 -22.76 -39.69 32.90
CA LEU A 40 -22.82 -38.57 31.98
C LEU A 40 -23.81 -37.52 32.46
N LYS A 41 -24.56 -37.85 33.52
CA LYS A 41 -25.59 -36.98 34.05
C LYS A 41 -25.14 -35.54 34.20
N ASP A 42 -24.05 -35.34 34.95
CA ASP A 42 -23.52 -34.02 35.22
C ASP A 42 -23.23 -33.28 33.92
N LEU A 43 -22.66 -34.00 32.96
CA LEU A 43 -22.34 -33.45 31.65
C LEU A 43 -23.57 -32.90 30.93
N ILE A 44 -24.73 -33.54 31.13
CA ILE A 44 -25.97 -33.12 30.47
C ILE A 44 -26.53 -31.90 31.19
N THR A 45 -26.15 -31.75 32.46
CA THR A 45 -26.66 -30.67 33.28
C THR A 45 -25.69 -29.51 33.29
N SER A 46 -24.46 -29.79 32.89
CA SER A 46 -23.40 -28.79 32.84
C SER A 46 -23.76 -27.63 31.90
N ARG A 47 -23.29 -26.44 32.26
CA ARG A 47 -23.50 -25.26 31.45
C ARG A 47 -22.18 -24.71 30.96
N ASP A 48 -21.15 -25.56 30.98
CA ASP A 48 -19.83 -25.12 30.56
C ASP A 48 -19.77 -24.88 29.06
N LYS A 49 -19.04 -23.83 28.69
CA LYS A 49 -18.88 -23.42 27.32
C LYS A 49 -18.22 -24.53 26.53
N TYR A 50 -18.85 -24.94 25.44
CA TYR A 50 -18.31 -25.95 24.52
C TYR A 50 -18.02 -27.28 25.20
N LYS A 51 -18.96 -27.75 26.02
CA LYS A 51 -18.79 -29.03 26.71
C LYS A 51 -18.71 -30.14 25.68
N PRO A 52 -17.87 -31.15 25.93
CA PRO A 52 -17.67 -32.23 24.97
C PRO A 52 -18.77 -33.29 25.01
N ILE A 53 -20.01 -32.90 24.74
CA ILE A 53 -21.10 -33.86 24.65
C ILE A 53 -22.06 -33.51 23.52
N PHE A 54 -22.46 -34.53 22.77
CA PHE A 54 -23.42 -34.38 21.68
C PHE A 54 -24.47 -35.46 21.76
N ILE A 55 -25.73 -35.09 21.94
CA ILE A 55 -26.79 -36.08 21.93
C ILE A 55 -27.81 -35.74 20.83
N SER A 56 -27.76 -36.51 19.74
CA SER A 56 -28.47 -36.14 18.51
C SER A 56 -29.98 -36.22 18.63
N HIS A 57 -30.67 -35.56 17.69
CA HIS A 57 -32.11 -35.73 17.56
C HIS A 57 -32.36 -37.15 17.10
N LEU A 58 -33.59 -37.61 17.27
CA LEU A 58 -33.96 -38.91 16.73
C LEU A 58 -34.16 -38.78 15.24
N GLY A 59 -34.03 -39.88 14.52
CA GLY A 59 -34.17 -39.85 13.08
C GLY A 59 -34.72 -41.12 12.49
N PHE A 60 -35.72 -40.92 11.65
CA PHE A 60 -36.35 -41.97 10.88
C PHE A 60 -35.60 -41.78 9.57
N ASN A 61 -35.46 -42.83 8.77
CA ASN A 61 -34.51 -42.79 7.66
C ASN A 61 -33.15 -42.13 7.99
N GLN A 62 -32.44 -41.77 6.92
CA GLN A 62 -31.16 -41.07 7.04
C GLN A 62 -31.30 -39.67 7.62
N ARG A 63 -32.56 -39.19 7.76
CA ARG A 63 -32.83 -37.82 8.18
C ARG A 63 -33.15 -37.70 9.68
N ARG A 64 -32.88 -36.51 10.22
CA ARG A 64 -33.13 -36.21 11.63
C ARG A 64 -34.48 -35.53 11.78
N ILE A 65 -35.34 -36.08 12.63
CA ILE A 65 -36.68 -35.53 12.88
C ILE A 65 -36.70 -34.00 13.07
N PHE A 66 -37.23 -33.31 12.06
CA PHE A 66 -37.43 -31.87 12.07
C PHE A 66 -38.54 -31.59 13.08
N GLN A 67 -38.63 -30.37 13.62
CA GLN A 67 -39.63 -30.07 14.65
C GLN A 67 -40.76 -29.16 14.15
N THR A 68 -41.81 -29.04 14.97
CA THR A 68 -43.03 -28.29 14.67
C THR A 68 -42.83 -27.00 13.84
N ASN A 69 -42.34 -27.18 12.61
CA ASN A 69 -42.06 -26.07 11.68
C ASN A 69 -41.07 -25.06 12.23
N LYS A 73 -45.26 -34.05 16.23
CA LYS A 73 -46.38 -34.86 15.75
C LYS A 73 -46.35 -36.24 16.45
N THR A 74 -46.76 -37.32 15.77
CA THR A 74 -46.76 -38.63 16.45
C THR A 74 -46.28 -39.81 15.60
N ILE A 75 -45.45 -40.66 16.20
CA ILE A 75 -44.99 -41.90 15.57
C ILE A 75 -45.83 -43.12 15.99
N THR A 76 -45.93 -44.09 15.08
CA THR A 76 -46.72 -45.29 15.30
C THR A 76 -46.07 -46.30 16.26
N LYS A 77 -46.90 -47.20 16.78
CA LYS A 77 -46.56 -48.24 17.76
C LYS A 77 -45.23 -48.96 17.49
N GLY A 78 -44.87 -49.15 16.23
CA GLY A 78 -43.60 -49.76 15.89
C GLY A 78 -42.93 -49.00 14.76
N SER A 79 -41.77 -48.41 15.07
CA SER A 79 -41.03 -47.58 14.10
C SER A 79 -39.54 -47.47 14.43
N ARG A 80 -38.70 -47.81 13.47
CA ARG A 80 -37.24 -47.81 13.65
C ARG A 80 -36.59 -46.43 13.68
N LEU A 81 -36.52 -45.82 14.86
CA LEU A 81 -35.84 -44.54 15.02
C LEU A 81 -34.36 -44.76 15.30
N SER A 82 -33.54 -43.76 14.98
CA SER A 82 -32.10 -43.85 15.17
C SER A 82 -31.61 -42.78 16.12
N SER A 83 -30.51 -43.05 16.80
CA SER A 83 -29.91 -42.02 17.63
C SER A 83 -28.41 -42.18 17.66
N ILE A 84 -27.74 -41.10 17.99
CA ILE A 84 -26.29 -41.14 18.14
C ILE A 84 -25.93 -40.24 19.29
N ILE A 85 -25.06 -40.72 20.17
CA ILE A 85 -24.53 -39.87 21.23
C ILE A 85 -23.01 -39.99 21.29
N ALA A 86 -22.35 -38.86 21.42
CA ALA A 86 -20.91 -38.83 21.48
C ALA A 86 -20.49 -37.99 22.67
N PHE A 87 -19.35 -38.32 23.27
CA PHE A 87 -18.89 -37.62 24.45
C PHE A 87 -17.44 -37.89 24.77
N SER A 88 -16.92 -37.12 25.72
CA SER A 88 -15.59 -37.36 26.26
C SER A 88 -15.58 -36.93 27.71
N THR A 89 -14.71 -37.55 28.49
CA THR A 89 -14.57 -37.36 29.94
C THR A 89 -13.67 -38.43 30.48
N GLN A 90 -13.01 -38.12 31.58
CA GLN A 90 -12.09 -39.05 32.22
C GLN A 90 -12.79 -39.89 33.28
N ALA A 91 -14.10 -39.66 33.42
CA ALA A 91 -14.90 -40.36 34.41
C ALA A 91 -15.19 -41.77 33.92
N ASN A 92 -14.98 -42.76 34.76
CA ASN A 92 -15.07 -44.15 34.31
C ASN A 92 -16.46 -44.49 33.80
N VAL A 93 -16.56 -44.53 32.47
CA VAL A 93 -17.79 -44.91 31.79
C VAL A 93 -17.56 -46.27 31.14
N LEU A 94 -16.30 -46.54 30.81
CA LEU A 94 -15.86 -47.75 30.09
C LEU A 94 -16.77 -48.97 30.16
N SER A 95 -17.44 -49.15 31.29
CA SER A 95 -18.40 -50.25 31.46
C SER A 95 -19.78 -49.90 30.91
N GLU A 96 -20.49 -49.03 31.64
CA GLU A 96 -21.86 -48.60 31.31
C GLU A 96 -22.27 -48.46 29.83
N VAL A 97 -21.35 -48.04 28.95
CA VAL A 97 -21.63 -47.94 27.51
C VAL A 97 -22.61 -48.99 26.98
N ALA A 98 -22.21 -50.26 27.05
CA ALA A 98 -23.01 -51.41 26.59
C ALA A 98 -24.51 -51.27 26.81
N ASP A 99 -24.90 -51.12 28.08
CA ASP A 99 -26.30 -50.92 28.54
C ASP A 99 -27.40 -50.66 27.50
N GLU A 100 -28.57 -51.22 27.79
CA GLU A 100 -29.67 -51.26 26.84
C GLU A 100 -30.82 -52.10 27.37
N GLY A 101 -31.88 -52.20 26.59
CA GLY A 101 -33.03 -53.00 26.94
C GLY A 101 -34.31 -52.22 26.70
N ILE A 102 -35.34 -52.52 27.47
CA ILE A 102 -36.59 -51.78 27.36
C ILE A 102 -36.74 -50.88 28.56
N PHE A 103 -36.57 -49.59 28.30
CA PHE A 103 -36.61 -48.61 29.37
C PHE A 103 -37.93 -47.88 29.33
N GLU A 104 -38.26 -47.21 30.42
CA GLU A 104 -39.53 -46.52 30.54
C GLU A 104 -39.29 -45.09 31.01
N THR A 105 -39.80 -44.15 30.22
CA THR A 105 -39.56 -42.73 30.41
C THR A 105 -40.86 -41.97 30.50
N VAL A 106 -40.77 -40.68 30.81
CA VAL A 106 -41.96 -39.84 30.87
C VAL A 106 -42.48 -39.52 29.49
N TYR A 107 -41.69 -39.84 28.47
CA TYR A 107 -42.14 -39.67 27.11
C TYR A 107 -42.75 -40.97 26.63
N GLY A 108 -42.71 -41.98 27.49
CA GLY A 108 -43.29 -43.28 27.20
C GLY A 108 -42.25 -44.37 27.27
N LYS A 109 -42.61 -45.56 26.83
CA LYS A 109 -41.74 -46.73 26.99
C LYS A 109 -41.09 -47.10 25.67
N PHE A 110 -39.77 -47.29 25.71
CA PHE A 110 -38.99 -47.49 24.51
C PHE A 110 -38.13 -48.74 24.61
N HIS A 111 -37.79 -49.31 23.46
CA HIS A 111 -36.81 -50.39 23.41
C HIS A 111 -35.54 -49.87 22.76
N ILE A 112 -34.48 -49.87 23.55
CA ILE A 112 -33.19 -49.37 23.09
C ILE A 112 -32.24 -50.54 22.82
N MET A 113 -31.52 -50.44 21.71
CA MET A 113 -30.50 -51.42 21.30
C MET A 113 -29.23 -50.65 21.02
N ILE A 114 -28.20 -51.39 20.68
CA ILE A 114 -26.95 -50.76 20.30
C ILE A 114 -26.63 -51.37 18.95
N GLU A 115 -26.44 -50.52 17.95
CA GLU A 115 -26.07 -51.02 16.62
C GLU A 115 -24.69 -50.53 16.26
N SER A 116 -24.06 -49.79 17.16
CA SER A 116 -22.69 -49.36 16.92
C SER A 116 -22.05 -48.79 18.17
N ILE A 117 -20.76 -49.04 18.30
CA ILE A 117 -19.95 -48.45 19.35
C ILE A 117 -18.55 -48.17 18.79
N GLU A 118 -18.12 -46.93 18.91
CA GLU A 118 -16.80 -46.53 18.45
C GLU A 118 -16.09 -45.76 19.56
N ILE A 119 -14.82 -46.05 19.75
CA ILE A 119 -14.06 -45.27 20.72
C ILE A 119 -12.79 -44.87 19.99
N VAL A 120 -12.39 -43.60 20.13
CA VAL A 120 -11.15 -43.14 19.49
C VAL A 120 -10.43 -42.23 20.45
N GLU A 121 -9.11 -42.30 20.46
CA GLU A 121 -8.34 -41.34 21.25
C GLU A 121 -7.80 -40.24 20.34
N VAL A 122 -7.92 -39.01 20.81
CA VAL A 122 -7.65 -37.82 20.00
C VAL A 122 -6.24 -37.79 19.41
N GLU A 123 -5.30 -38.52 20.01
CA GLU A 123 -3.92 -38.48 19.54
C GLU A 123 -3.71 -39.29 18.27
N LYS A 124 -4.46 -40.39 18.12
CA LYS A 124 -4.31 -41.22 16.93
C LYS A 124 -4.98 -40.62 15.70
N LEU A 125 -5.83 -39.62 15.90
CA LEU A 125 -6.54 -39.01 14.78
C LEU A 125 -5.66 -38.27 13.77
N LYS A 126 -4.53 -37.74 14.23
CA LYS A 126 -3.69 -36.93 13.36
C LYS A 126 -3.11 -37.74 12.20
N GLU A 127 -3.09 -39.07 12.31
CA GLU A 127 -2.53 -39.89 11.25
C GLU A 127 -3.48 -39.79 10.08
N GLU A 128 -4.77 -39.79 10.42
CA GLU A 128 -5.82 -39.72 9.42
C GLU A 128 -5.66 -38.39 8.69
N VAL A 129 -5.29 -37.37 9.46
CA VAL A 129 -5.10 -36.05 8.91
C VAL A 129 -4.21 -36.12 7.67
N GLU A 130 -3.12 -36.87 7.79
CA GLU A 130 -2.07 -36.84 6.80
C GLU A 130 -2.53 -37.38 5.45
N LYS A 131 -3.53 -38.27 5.46
CA LYS A 131 -3.98 -38.82 4.19
C LYS A 131 -5.05 -37.96 3.51
N HIS A 132 -5.47 -36.89 4.17
CA HIS A 132 -6.48 -36.04 3.56
C HIS A 132 -5.86 -34.68 3.23
N MET A 133 -4.53 -34.64 3.26
CA MET A 133 -3.77 -33.42 3.04
C MET A 133 -3.84 -32.97 1.57
N ASN A 134 -4.47 -33.78 0.73
CA ASN A 134 -4.60 -33.46 -0.67
C ASN A 134 -6.07 -33.55 -1.10
N ASP A 135 -6.96 -33.55 -0.11
CA ASP A 135 -8.40 -33.60 -0.38
C ASP A 135 -9.19 -32.30 -0.26
N ASN A 136 -10.29 -32.25 -1.02
CA ASN A 136 -11.27 -31.22 -0.80
C ASN A 136 -12.07 -31.72 0.39
N ILE A 137 -12.32 -30.81 1.34
CA ILE A 137 -12.99 -31.12 2.59
C ILE A 137 -14.45 -30.76 2.40
N ARG A 138 -15.33 -31.73 2.60
CA ARG A 138 -16.77 -31.48 2.53
C ARG A 138 -17.45 -31.67 3.87
N VAL A 139 -18.12 -30.63 4.35
CA VAL A 139 -18.82 -30.70 5.61
C VAL A 139 -20.31 -30.70 5.31
N ARG A 140 -21.02 -31.72 5.80
CA ARG A 140 -22.46 -31.80 5.60
C ARG A 140 -23.17 -31.60 6.92
N PHE A 141 -24.03 -30.60 6.99
CA PHE A 141 -24.83 -30.36 8.18
C PHE A 141 -26.09 -31.20 8.12
N VAL A 142 -26.07 -32.32 8.86
CA VAL A 142 -27.21 -33.24 8.83
C VAL A 142 -28.23 -32.85 9.90
N SER A 143 -27.97 -31.74 10.57
CA SER A 143 -28.91 -31.17 11.51
C SER A 143 -28.69 -29.66 11.50
N PRO A 144 -29.72 -28.89 11.86
CA PRO A 144 -29.60 -27.43 11.90
C PRO A 144 -28.41 -26.99 12.74
N THR A 145 -27.49 -26.27 12.11
CA THR A 145 -26.24 -25.86 12.76
C THR A 145 -26.25 -24.38 13.08
N LEU A 146 -26.01 -24.06 14.35
CA LEU A 146 -26.04 -22.68 14.80
C LEU A 146 -24.65 -22.11 15.03
N LEU A 147 -24.27 -21.15 14.19
CA LEU A 147 -22.96 -20.52 14.24
C LEU A 147 -23.07 -19.06 14.65
N SER A 148 -22.72 -18.77 15.90
CA SER A 148 -22.72 -17.40 16.39
C SER A 148 -21.63 -16.59 15.67
N SER A 149 -21.98 -15.40 15.20
CA SER A 149 -21.03 -14.59 14.43
C SER A 149 -19.93 -14.04 15.33
N LYS A 150 -20.29 -13.72 16.57
CA LYS A 150 -19.36 -13.11 17.52
C LYS A 150 -18.14 -13.97 17.80
N VAL A 151 -18.22 -15.25 17.45
CA VAL A 151 -17.07 -16.15 17.54
C VAL A 151 -15.87 -15.57 16.82
N LEU A 152 -16.12 -14.84 15.75
CA LEU A 152 -15.04 -14.25 14.98
C LEU A 152 -14.95 -12.74 15.23
N LEU A 153 -15.44 -12.30 16.38
CA LEU A 153 -15.31 -10.91 16.80
C LEU A 153 -13.94 -10.70 17.45
N PRO A 154 -13.28 -9.58 17.12
CA PRO A 154 -11.99 -9.28 17.74
C PRO A 154 -12.15 -9.21 19.25
N PRO A 155 -11.40 -10.04 19.99
CA PRO A 155 -11.52 -10.20 21.44
C PRO A 155 -11.39 -8.87 22.19
N SER A 156 -10.66 -7.93 21.59
CA SER A 156 -10.52 -6.60 22.17
C SER A 156 -11.88 -5.94 22.40
N LEU A 157 -12.76 -6.04 21.43
CA LEU A 157 -14.07 -5.38 21.52
C LEU A 157 -15.11 -6.27 22.19
N SER A 158 -14.65 -7.34 22.83
CA SER A 158 -15.53 -8.25 23.55
C SER A 158 -16.37 -7.51 24.56
N GLU A 159 -15.73 -6.61 25.29
CA GLU A 159 -16.41 -5.85 26.31
C GLU A 159 -17.25 -4.75 25.69
N ARG A 160 -16.75 -4.18 24.59
CA ARG A 160 -17.44 -3.12 23.88
C ARG A 160 -18.85 -3.53 23.45
N TYR A 161 -18.98 -4.77 22.96
CA TYR A 161 -20.27 -5.28 22.47
C TYR A 161 -20.82 -6.45 23.27
N LYS A 162 -20.39 -6.60 24.52
CA LYS A 162 -20.79 -7.73 25.33
C LYS A 162 -22.32 -7.87 25.43
N LYS A 163 -23.03 -6.76 25.27
CA LYS A 163 -24.48 -6.76 25.42
C LYS A 163 -25.24 -7.12 24.15
N ILE A 164 -24.81 -6.58 23.01
CA ILE A 164 -25.51 -6.84 21.75
C ILE A 164 -25.32 -8.28 21.32
N HIS A 165 -26.44 -8.92 20.98
CA HIS A 165 -26.44 -10.30 20.52
C HIS A 165 -26.65 -10.28 19.01
N ALA A 166 -25.57 -10.49 18.26
CA ALA A 166 -25.56 -10.35 16.80
C ALA A 166 -26.24 -11.52 16.11
N GLY A 167 -26.43 -12.58 16.86
CA GLY A 167 -27.10 -13.77 16.37
C GLY A 167 -26.20 -14.69 15.57
N TYR A 168 -26.84 -15.61 14.85
CA TYR A 168 -26.15 -16.67 14.13
C TYR A 168 -25.89 -16.32 12.68
N SER A 169 -24.75 -16.76 12.18
CA SER A 169 -24.46 -16.63 10.77
C SER A 169 -24.96 -17.87 10.06
N THR A 170 -26.17 -17.80 9.51
CA THR A 170 -26.76 -18.91 8.78
C THR A 170 -26.04 -19.14 7.45
N LEU A 171 -24.94 -18.42 7.25
CA LEU A 171 -24.08 -18.55 6.09
C LEU A 171 -22.72 -19.00 6.59
N PRO A 172 -22.43 -20.30 6.48
CA PRO A 172 -21.24 -20.84 7.14
C PRO A 172 -19.96 -20.34 6.48
N SER A 173 -19.18 -19.56 7.21
CA SER A 173 -17.86 -19.19 6.73
C SER A 173 -16.95 -20.36 7.00
N VAL A 174 -15.91 -20.53 6.19
CA VAL A 174 -14.96 -21.60 6.43
C VAL A 174 -14.30 -21.32 7.77
N GLY A 175 -13.93 -20.05 7.97
CA GLY A 175 -13.26 -19.62 9.18
C GLY A 175 -14.09 -19.79 10.43
N LEU A 176 -15.39 -19.56 10.31
CA LEU A 176 -16.28 -19.72 11.45
C LEU A 176 -16.41 -21.17 11.87
N ILE A 177 -16.50 -22.08 10.90
CA ILE A 177 -16.67 -23.48 11.22
C ILE A 177 -15.36 -24.05 11.78
N VAL A 178 -14.23 -23.69 11.18
CA VAL A 178 -12.97 -24.17 11.75
C VAL A 178 -12.65 -23.52 13.12
N ALA A 179 -13.16 -22.31 13.34
CA ALA A 179 -13.00 -21.66 14.64
C ALA A 179 -13.78 -22.41 15.70
N TYR A 180 -15.00 -22.81 15.35
CA TYR A 180 -15.84 -23.58 16.28
C TYR A 180 -15.18 -24.93 16.58
N ALA A 181 -14.71 -25.59 15.53
CA ALA A 181 -13.99 -26.85 15.66
C ALA A 181 -12.80 -26.69 16.60
N TYR A 182 -12.09 -25.58 16.46
CA TYR A 182 -10.93 -25.29 17.28
C TYR A 182 -11.31 -25.12 18.74
N ASN A 183 -12.34 -24.33 19.01
CA ASN A 183 -12.80 -24.12 20.38
C ASN A 183 -13.22 -25.41 21.06
N VAL A 184 -14.00 -26.22 20.35
CA VAL A 184 -14.49 -27.46 20.94
C VAL A 184 -13.32 -28.41 21.22
N TYR A 185 -12.43 -28.56 20.23
CA TYR A 185 -11.22 -29.37 20.39
C TYR A 185 -10.40 -28.93 21.58
N CYS A 186 -10.23 -27.62 21.69
CA CYS A 186 -9.39 -27.03 22.72
C CYS A 186 -9.96 -27.32 24.10
N ASN A 187 -11.25 -27.09 24.27
CA ASN A 187 -11.94 -27.42 25.52
C ASN A 187 -11.85 -28.92 25.82
N LEU A 188 -11.82 -29.71 24.77
CA LEU A 188 -11.72 -31.16 24.88
C LEU A 188 -10.39 -31.58 25.50
N ILE A 189 -9.32 -30.93 25.05
CA ILE A 189 -7.96 -31.26 25.49
C ILE A 189 -7.52 -30.37 26.65
N GLY A 190 -8.47 -29.61 27.19
CA GLY A 190 -8.26 -28.79 28.37
C GLY A 190 -7.36 -27.57 28.20
N LYS A 191 -7.62 -26.75 27.18
CA LYS A 191 -6.86 -25.52 26.96
C LYS A 191 -7.68 -24.26 27.18
N LYS A 192 -7.08 -23.30 27.88
CA LYS A 192 -7.68 -21.98 28.05
C LYS A 192 -7.04 -21.00 27.06
N GLU A 193 -7.02 -19.72 27.44
CA GLU A 193 -6.61 -18.60 26.57
C GLU A 193 -6.71 -18.86 25.07
N VAL A 194 -7.90 -19.25 24.62
CA VAL A 194 -8.07 -19.68 23.24
C VAL A 194 -8.79 -18.64 22.41
N GLU A 195 -9.42 -17.68 23.09
CA GLU A 195 -10.23 -16.66 22.42
C GLU A 195 -9.50 -16.06 21.23
N VAL A 196 -8.31 -15.56 21.51
CA VAL A 196 -7.47 -14.91 20.51
C VAL A 196 -6.87 -15.87 19.48
N ARG A 197 -6.44 -17.05 19.90
CA ARG A 197 -5.93 -18.05 18.96
C ARG A 197 -7.05 -18.50 18.04
N ALA A 198 -8.25 -18.64 18.62
CA ALA A 198 -9.44 -18.98 17.84
C ALA A 198 -9.74 -17.90 16.82
N PHE A 199 -9.83 -16.67 17.28
CA PHE A 199 -10.04 -15.50 16.43
C PHE A 199 -9.08 -15.50 15.25
N LYS A 200 -7.78 -15.55 15.54
CA LYS A 200 -6.78 -15.57 14.49
C LYS A 200 -6.97 -16.74 13.54
N PHE A 201 -7.25 -17.92 14.08
CA PHE A 201 -7.41 -19.12 13.28
C PHE A 201 -8.55 -18.96 12.27
N GLY A 202 -9.71 -18.53 12.77
CA GLY A 202 -10.87 -18.26 11.93
C GLY A 202 -10.59 -17.21 10.86
N ILE A 203 -10.12 -16.04 11.27
CA ILE A 203 -9.81 -14.96 10.34
C ILE A 203 -8.87 -15.42 9.22
N LEU A 204 -7.79 -16.08 9.62
CA LEU A 204 -6.76 -16.52 8.68
C LEU A 204 -7.32 -17.58 7.73
N SER A 205 -8.00 -18.58 8.28
CA SER A 205 -8.57 -19.65 7.46
C SER A 205 -9.59 -19.09 6.49
N ASN A 206 -10.35 -18.09 6.91
CA ASN A 206 -11.34 -17.49 6.03
C ASN A 206 -10.69 -16.62 4.97
N ALA A 207 -9.47 -16.19 5.23
CA ALA A 207 -8.71 -15.39 4.28
C ALA A 207 -7.94 -16.25 3.27
N LEU A 208 -7.62 -17.48 3.67
CA LEU A 208 -6.83 -18.35 2.82
C LEU A 208 -7.62 -19.58 2.35
N SER A 209 -8.94 -19.51 2.42
CA SER A 209 -9.77 -20.63 1.98
C SER A 209 -10.28 -20.41 0.58
N ARG A 210 -10.44 -21.52 -0.14
CA ARG A 210 -11.09 -21.47 -1.43
C ARG A 210 -12.35 -22.30 -1.31
N ILE A 211 -13.50 -21.70 -1.57
CA ILE A 211 -14.75 -22.43 -1.42
C ILE A 211 -15.15 -23.00 -2.79
N ILE A 212 -15.17 -24.32 -2.89
CA ILE A 212 -15.38 -24.99 -4.18
C ILE A 212 -16.82 -25.12 -4.60
N GLY A 213 -17.66 -25.63 -3.72
CA GLY A 213 -19.06 -25.79 -4.06
C GLY A 213 -19.87 -25.82 -2.80
N TYR A 214 -21.19 -25.76 -2.93
CA TYR A 214 -22.06 -25.84 -1.76
C TYR A 214 -23.53 -25.94 -2.12
N ASP A 215 -24.31 -26.45 -1.18
CA ASP A 215 -25.75 -26.38 -1.27
C ASP A 215 -26.29 -26.13 0.13
N LEU A 216 -26.42 -24.86 0.49
CA LEU A 216 -26.91 -24.46 1.81
C LEU A 216 -28.29 -23.84 1.76
N HIS A 217 -28.99 -23.97 2.87
CA HIS A 217 -30.29 -23.34 3.03
C HIS A 217 -30.53 -23.06 4.51
N PRO A 218 -31.03 -21.87 4.81
CA PRO A 218 -31.38 -21.45 6.17
C PRO A 218 -32.63 -22.16 6.67
N VAL A 219 -32.62 -22.63 7.91
CA VAL A 219 -33.82 -23.23 8.50
C VAL A 219 -34.12 -22.66 9.89
N THR A 220 -35.38 -22.67 10.26
CA THR A 220 -35.81 -22.30 11.60
C THR A 220 -36.21 -23.50 12.45
N VAL A 221 -35.61 -23.61 13.62
CA VAL A 221 -35.87 -24.75 14.51
C VAL A 221 -36.50 -24.28 15.82
N ALA A 222 -37.48 -25.02 16.32
CA ALA A 222 -38.12 -24.70 17.60
C ALA A 222 -37.56 -25.60 18.70
N ILE A 223 -37.39 -25.07 19.90
CA ILE A 223 -36.74 -25.83 20.96
C ILE A 223 -37.53 -25.92 22.27
N GLY A 224 -38.80 -25.56 22.25
CA GLY A 224 -39.60 -25.66 23.46
C GLY A 224 -40.20 -24.33 23.86
N GLU A 225 -40.74 -24.26 25.08
CA GLU A 225 -41.34 -23.01 25.55
C GLU A 225 -40.92 -22.53 26.94
N ASP A 226 -41.28 -23.31 27.97
CA ASP A 226 -41.05 -23.02 29.39
C ASP A 226 -41.61 -21.71 29.93
N SER A 227 -41.64 -20.67 29.11
CA SER A 227 -42.03 -19.33 29.54
C SER A 227 -41.13 -18.80 30.65
N ASN A 230 -43.99 -19.09 26.82
CA ASN A 230 -43.29 -18.51 25.68
C ASN A 230 -43.23 -19.56 24.58
N LEU A 231 -42.24 -19.45 23.71
CA LEU A 231 -41.92 -20.49 22.74
C LEU A 231 -40.55 -20.22 22.13
N ARG A 232 -39.63 -21.16 22.28
CA ARG A 232 -38.25 -20.92 21.88
C ARG A 232 -38.04 -21.41 20.47
N LYS A 233 -37.12 -20.74 19.77
CA LYS A 233 -36.80 -21.05 18.38
C LYS A 233 -35.55 -20.29 17.96
N ALA A 234 -34.90 -20.72 16.89
CA ALA A 234 -33.68 -20.08 16.42
C ALA A 234 -33.48 -20.36 14.92
N ARG A 235 -32.52 -19.65 14.31
CA ARG A 235 -32.19 -19.88 12.90
C ARG A 235 -30.80 -20.43 12.69
N GLY A 236 -30.72 -21.49 11.89
CA GLY A 236 -29.45 -22.11 11.56
C GLY A 236 -29.36 -22.48 10.10
N VAL A 237 -28.39 -23.32 9.79
CA VAL A 237 -28.10 -23.70 8.40
C VAL A 237 -28.16 -25.21 8.21
N MET A 238 -28.58 -25.63 7.04
CA MET A 238 -28.44 -27.03 6.66
C MET A 238 -28.03 -27.17 5.21
N GLY A 239 -27.55 -28.36 4.85
CA GLY A 239 -27.03 -28.57 3.51
C GLY A 239 -25.57 -28.95 3.60
N TRP A 240 -24.81 -28.71 2.54
CA TRP A 240 -23.39 -29.07 2.56
C TRP A 240 -22.47 -28.00 1.99
N ILE A 241 -21.18 -28.08 2.30
CA ILE A 241 -20.21 -27.15 1.74
C ILE A 241 -18.84 -27.81 1.50
N GLU A 242 -18.30 -27.62 0.31
CA GLU A 242 -17.04 -28.23 -0.09
C GLU A 242 -15.99 -27.17 -0.38
N PHE A 243 -14.90 -27.23 0.37
CA PHE A 243 -13.83 -26.23 0.27
C PHE A 243 -12.44 -26.85 0.36
N ASP A 244 -11.43 -26.00 0.20
CA ASP A 244 -10.03 -26.42 0.35
C ASP A 244 -9.23 -25.29 0.98
N ILE A 245 -8.18 -25.62 1.72
CA ILE A 245 -7.28 -24.63 2.28
C ILE A 245 -5.85 -24.82 1.76
N PRO A 246 -5.43 -23.97 0.81
CA PRO A 246 -4.11 -24.05 0.14
C PRO A 246 -2.90 -23.96 1.08
N ASP A 247 -3.07 -23.49 2.31
CA ASP A 247 -1.95 -23.43 3.24
C ASP A 247 -1.84 -24.73 4.06
N GLU A 248 -0.66 -25.32 4.04
CA GLU A 248 -0.41 -26.64 4.64
C GLU A 248 -0.67 -26.68 6.14
N ARG A 249 -0.12 -25.70 6.86
CA ARG A 249 -0.22 -25.69 8.32
C ARG A 249 -1.67 -25.48 8.73
N LEU A 250 -2.30 -24.52 8.06
CA LEU A 250 -3.68 -24.19 8.31
C LEU A 250 -4.60 -25.37 7.99
N LYS A 251 -4.40 -25.98 6.82
CA LYS A 251 -5.18 -27.15 6.43
C LYS A 251 -5.02 -28.28 7.45
N ARG A 252 -3.80 -28.47 7.93
CA ARG A 252 -3.53 -29.51 8.92
C ARG A 252 -4.29 -29.29 10.21
N ARG A 253 -4.18 -28.08 10.75
CA ARG A 253 -4.86 -27.73 11.98
C ARG A 253 -6.36 -27.92 11.81
N ALA A 254 -6.86 -27.39 10.69
CA ALA A 254 -8.27 -27.41 10.36
C ALA A 254 -8.82 -28.83 10.30
N LEU A 255 -8.23 -29.68 9.46
CA LEU A 255 -8.63 -31.08 9.41
C LEU A 255 -8.60 -31.74 10.78
N ASN A 256 -7.55 -31.45 11.54
CA ASN A 256 -7.42 -32.01 12.88
C ASN A 256 -8.65 -31.70 13.73
N TYR A 257 -8.92 -30.40 13.93
CA TYR A 257 -10.07 -29.97 14.74
C TYR A 257 -11.39 -30.50 14.18
N LEU A 258 -11.48 -30.51 12.85
CA LEU A 258 -12.69 -30.94 12.15
C LEU A 258 -13.02 -32.39 12.43
N LEU A 259 -12.01 -33.24 12.45
CA LEU A 259 -12.21 -34.66 12.77
C LEU A 259 -12.88 -34.82 14.14
N THR A 260 -12.43 -34.03 15.10
CA THR A 260 -13.04 -34.01 16.43
C THR A 260 -14.50 -33.54 16.37
N SER A 261 -14.73 -32.46 15.64
CA SER A 261 -16.11 -31.95 15.51
C SER A 261 -17.00 -32.97 14.78
N SER A 262 -16.38 -33.88 14.05
CA SER A 262 -17.09 -34.93 13.34
C SER A 262 -17.69 -35.94 14.30
N TYR A 263 -17.31 -35.82 15.57
CA TYR A 263 -17.82 -36.65 16.64
C TYR A 263 -18.65 -35.80 17.59
N LEU A 264 -18.11 -34.65 17.98
CA LEU A 264 -18.75 -33.81 18.98
C LEU A 264 -19.71 -32.77 18.41
N GLY A 265 -19.74 -32.64 17.09
CA GLY A 265 -20.62 -31.69 16.45
C GLY A 265 -19.96 -30.32 16.31
N ILE A 266 -20.65 -29.39 15.67
CA ILE A 266 -20.07 -28.07 15.43
C ILE A 266 -21.05 -26.94 15.76
N GLY A 267 -20.49 -25.84 16.25
CA GLY A 267 -21.29 -24.71 16.67
C GLY A 267 -22.03 -25.06 17.93
N ARG A 268 -22.84 -24.14 18.40
CA ARG A 268 -23.75 -24.45 19.49
C ARG A 268 -25.11 -24.88 18.93
N SER A 269 -25.93 -25.59 19.70
CA SER A 269 -25.53 -26.18 20.98
C SER A 269 -25.58 -27.69 20.84
N ARG A 270 -24.42 -28.31 20.66
CA ARG A 270 -24.31 -29.74 20.39
C ARG A 270 -24.90 -30.61 21.50
N GLY A 271 -25.10 -30.03 22.68
CA GLY A 271 -25.64 -30.78 23.81
C GLY A 271 -27.09 -31.20 23.65
N ILE A 272 -27.78 -30.65 22.66
CA ILE A 272 -29.18 -30.99 22.41
C ILE A 272 -29.49 -31.40 20.98
N GLY A 273 -28.44 -31.71 20.21
CA GLY A 273 -28.63 -32.29 18.90
C GLY A 273 -28.34 -31.39 17.71
N PHE A 274 -27.94 -30.16 17.99
CA PHE A 274 -27.64 -29.19 16.94
C PHE A 274 -26.20 -29.27 16.47
N GLY A 275 -26.00 -29.04 15.18
CA GLY A 275 -24.66 -28.97 14.64
C GLY A 275 -24.10 -30.35 14.36
N GLU A 276 -24.97 -31.32 14.15
CA GLU A 276 -24.50 -32.63 13.74
C GLU A 276 -23.93 -32.53 12.34
N ILE A 277 -22.72 -33.05 12.16
CA ILE A 277 -22.06 -32.96 10.87
C ILE A 277 -21.54 -34.30 10.40
N ARG A 278 -21.41 -34.43 9.10
CA ARG A 278 -20.78 -35.58 8.48
C ARG A 278 -19.62 -35.05 7.65
N LEU A 279 -18.44 -35.65 7.83
CA LEU A 279 -17.26 -35.20 7.12
C LEU A 279 -16.99 -36.14 5.95
N GLU A 280 -16.74 -35.55 4.79
CA GLU A 280 -16.43 -36.30 3.58
C GLU A 280 -15.30 -35.66 2.81
N PHE A 281 -14.81 -36.37 1.81
CA PHE A 281 -13.61 -35.95 1.12
C PHE A 281 -13.67 -36.21 -0.35
N ARG A 282 -12.83 -35.50 -1.09
CA ARG A 282 -12.71 -35.77 -2.50
C ARG A 282 -11.27 -35.70 -2.89
N LYS A 283 -10.89 -36.61 -3.78
CA LYS A 283 -9.55 -36.69 -4.32
C LYS A 283 -9.53 -35.80 -5.56
N ILE A 284 -8.40 -35.15 -5.78
CA ILE A 284 -8.31 -34.14 -6.79
C ILE A 284 -7.59 -34.64 -8.03
N MET C 1 -17.92 16.52 -4.93
CA MET C 1 -17.04 16.80 -6.06
C MET C 1 -16.94 15.64 -7.06
N PRO C 2 -16.68 14.40 -6.59
CA PRO C 2 -16.67 13.35 -7.59
C PRO C 2 -18.10 12.85 -7.80
N LEU C 3 -18.41 12.38 -9.00
CA LEU C 3 -19.76 11.91 -9.26
C LEU C 3 -19.81 10.77 -10.27
N ILE C 4 -20.95 10.07 -10.29
CA ILE C 4 -21.13 8.86 -11.09
C ILE C 4 -22.19 9.03 -12.16
N PHE C 5 -21.86 8.59 -13.37
CA PHE C 5 -22.83 8.51 -14.43
C PHE C 5 -23.18 7.03 -14.65
N LYS C 6 -24.47 6.71 -14.59
CA LYS C 6 -24.97 5.38 -14.96
C LYS C 6 -25.94 5.54 -16.13
N ILE C 7 -25.53 5.04 -17.30
CA ILE C 7 -26.32 5.14 -18.52
C ILE C 7 -26.90 3.80 -18.97
N GLY C 8 -28.20 3.82 -19.25
CA GLY C 8 -28.92 2.65 -19.72
C GLY C 8 -29.09 2.63 -21.23
N TYR C 9 -28.51 1.60 -21.84
CA TYR C 9 -28.48 1.43 -23.28
C TYR C 9 -29.49 0.41 -23.78
N ASN C 10 -30.01 0.66 -24.98
CA ASN C 10 -30.81 -0.32 -25.69
C ASN C 10 -30.04 -0.76 -26.92
N VAL C 11 -29.68 -2.04 -26.97
CA VAL C 11 -28.87 -2.55 -28.08
C VAL C 11 -29.66 -3.58 -28.89
N ILE C 12 -29.76 -3.36 -30.20
CA ILE C 12 -30.41 -4.31 -31.08
C ILE C 12 -29.47 -4.78 -32.18
N PRO C 13 -29.37 -6.10 -32.35
CA PRO C 13 -28.56 -6.65 -33.44
C PRO C 13 -29.38 -6.64 -34.73
N LEU C 14 -28.73 -6.46 -35.88
CA LEU C 14 -29.44 -6.43 -37.14
C LEU C 14 -29.47 -7.82 -37.75
N GLN C 15 -28.33 -8.51 -37.76
CA GLN C 15 -28.32 -9.88 -38.24
C GLN C 15 -28.39 -10.80 -37.04
N ASP C 16 -28.15 -12.08 -37.31
CA ASP C 16 -27.95 -13.07 -36.27
C ASP C 16 -26.47 -13.09 -35.90
N VAL C 17 -26.18 -13.20 -34.60
CA VAL C 17 -24.81 -13.06 -34.09
C VAL C 17 -24.46 -14.02 -32.96
N ILE C 18 -23.19 -14.43 -32.90
CA ILE C 18 -22.68 -15.16 -31.74
C ILE C 18 -21.87 -14.18 -30.89
N LEU C 19 -22.33 -13.92 -29.67
CA LEU C 19 -21.63 -12.98 -28.82
C LEU C 19 -20.36 -13.60 -28.26
N PRO C 20 -19.31 -12.79 -28.09
CA PRO C 20 -18.06 -13.30 -27.53
C PRO C 20 -18.14 -13.39 -26.01
N THR C 21 -17.06 -13.83 -25.37
CA THR C 21 -17.02 -13.96 -23.92
C THR C 21 -15.93 -13.06 -23.32
N PRO C 22 -16.33 -12.11 -22.45
CA PRO C 22 -17.71 -11.90 -22.03
C PRO C 22 -18.51 -11.06 -23.03
N SER C 23 -19.82 -10.98 -22.83
CA SER C 23 -20.68 -10.28 -23.78
C SER C 23 -20.47 -8.78 -23.78
N SER C 24 -19.80 -8.26 -22.75
CA SER C 24 -19.62 -6.81 -22.65
C SER C 24 -18.62 -6.33 -23.69
N LYS C 25 -17.81 -7.27 -24.17
CA LYS C 25 -16.74 -7.01 -25.13
C LYS C 25 -17.17 -6.13 -26.29
N VAL C 26 -18.40 -6.33 -26.75
CA VAL C 26 -18.92 -5.56 -27.87
C VAL C 26 -18.81 -4.06 -27.57
N LEU C 27 -19.40 -3.63 -26.47
CA LEU C 27 -19.37 -2.22 -26.10
C LEU C 27 -17.94 -1.77 -25.87
N LYS C 28 -17.09 -2.67 -25.39
CA LYS C 28 -15.72 -2.32 -25.10
C LYS C 28 -15.07 -1.90 -26.41
N TYR C 29 -15.44 -2.59 -27.48
CA TYR C 29 -14.90 -2.34 -28.81
C TYR C 29 -15.29 -0.94 -29.23
N LEU C 30 -16.53 -0.56 -28.90
CA LEU C 30 -17.06 0.74 -29.29
C LEU C 30 -16.28 1.85 -28.56
N ILE C 31 -15.74 1.51 -27.39
CA ILE C 31 -14.90 2.44 -26.64
C ILE C 31 -13.46 2.31 -27.08
N GLN C 32 -13.03 1.07 -27.25
CA GLN C 32 -11.66 0.78 -27.63
C GLN C 32 -11.34 1.22 -29.05
N SER C 33 -12.33 1.75 -29.75
CA SER C 33 -12.15 2.23 -31.11
C SER C 33 -12.61 3.67 -31.22
N GLY C 34 -13.20 4.19 -30.15
CA GLY C 34 -13.65 5.56 -30.12
C GLY C 34 -14.84 5.70 -31.04
N LYS C 35 -15.84 4.84 -30.84
CA LYS C 35 -17.05 4.84 -31.64
C LYS C 35 -18.14 5.29 -30.71
N LEU C 36 -18.03 4.86 -29.46
CA LEU C 36 -18.86 5.41 -28.41
C LEU C 36 -17.92 5.96 -27.35
N ILE C 37 -18.35 7.07 -26.74
CA ILE C 37 -17.61 7.89 -25.78
C ILE C 37 -16.14 7.49 -25.54
N PRO C 38 -15.21 8.00 -26.38
CA PRO C 38 -13.77 7.68 -26.41
C PRO C 38 -13.06 8.12 -25.14
N SER C 39 -13.63 9.09 -24.44
CA SER C 39 -13.01 9.63 -23.24
C SER C 39 -12.84 8.60 -22.12
N LEU C 40 -13.12 7.34 -22.41
CA LEU C 40 -13.00 6.25 -21.44
C LEU C 40 -11.82 5.33 -21.72
N LYS C 41 -11.13 5.57 -22.84
CA LYS C 41 -10.05 4.68 -23.27
C LYS C 41 -9.16 4.29 -22.10
N ASP C 42 -8.58 5.30 -21.45
CA ASP C 42 -7.67 5.06 -20.33
C ASP C 42 -8.33 4.21 -19.26
N LEU C 43 -9.53 4.63 -18.89
CA LEU C 43 -10.29 3.94 -17.86
C LEU C 43 -10.56 2.49 -18.26
N ILE C 44 -10.81 2.25 -19.55
CA ILE C 44 -11.12 0.90 -20.00
C ILE C 44 -9.84 0.09 -20.15
N THR C 45 -8.71 0.78 -20.26
CA THR C 45 -7.44 0.10 -20.42
C THR C 45 -6.71 0.02 -19.08
N SER C 46 -7.21 0.78 -18.10
CA SER C 46 -6.60 0.88 -16.79
C SER C 46 -6.42 -0.45 -16.07
N ARG C 47 -5.34 -0.54 -15.29
CA ARG C 47 -5.05 -1.71 -14.50
C ARG C 47 -5.06 -1.34 -13.03
N ASP C 48 -5.60 -0.17 -12.70
CA ASP C 48 -5.61 0.28 -11.33
C ASP C 48 -6.62 -0.52 -10.51
N LYS C 49 -6.23 -0.81 -9.28
CA LYS C 49 -7.04 -1.61 -8.38
C LYS C 49 -8.38 -0.93 -8.14
N TYR C 50 -9.46 -1.70 -8.31
CA TYR C 50 -10.81 -1.23 -8.01
C TYR C 50 -11.20 0.01 -8.82
N LYS C 51 -10.86 0.03 -10.11
CA LYS C 51 -11.17 1.17 -10.96
C LYS C 51 -12.68 1.38 -11.06
N PRO C 52 -13.12 2.65 -11.04
CA PRO C 52 -14.56 2.98 -11.05
C PRO C 52 -15.22 2.92 -12.43
N ILE C 53 -15.19 1.77 -13.09
CA ILE C 53 -15.90 1.58 -14.35
C ILE C 53 -16.54 0.20 -14.41
N PHE C 54 -17.80 0.18 -14.86
CA PHE C 54 -18.57 -1.04 -14.97
C PHE C 54 -19.24 -1.11 -16.33
N ILE C 55 -18.89 -2.13 -17.10
CA ILE C 55 -19.53 -2.35 -18.40
C ILE C 55 -20.24 -3.70 -18.41
N SER C 56 -21.56 -3.65 -18.29
CA SER C 56 -22.35 -4.83 -18.01
C SER C 56 -22.46 -5.78 -19.19
N HIS C 57 -22.86 -7.02 -18.91
CA HIS C 57 -23.21 -7.95 -19.97
C HIS C 57 -24.50 -7.45 -20.59
N LEU C 58 -24.77 -7.86 -21.83
CA LEU C 58 -26.08 -7.56 -22.39
C LEU C 58 -27.05 -8.52 -21.76
N GLY C 59 -28.32 -8.15 -21.75
CA GLY C 59 -29.28 -9.03 -21.15
C GLY C 59 -30.55 -9.09 -21.97
N PHE C 60 -30.94 -10.32 -22.26
CA PHE C 60 -32.18 -10.61 -22.96
C PHE C 60 -33.20 -10.97 -21.88
N ASN C 61 -34.46 -10.81 -22.21
CA ASN C 61 -35.54 -10.77 -21.23
C ASN C 61 -35.12 -10.09 -19.92
N GLN C 62 -35.52 -10.64 -18.77
CA GLN C 62 -35.20 -10.01 -17.49
C GLN C 62 -33.91 -10.58 -16.91
N ARG C 63 -33.04 -11.06 -17.77
CA ARG C 63 -31.84 -11.77 -17.33
C ARG C 63 -30.59 -11.32 -18.09
N ARG C 64 -29.44 -11.45 -17.45
CA ARG C 64 -28.16 -11.17 -18.08
C ARG C 64 -27.62 -12.44 -18.72
N ILE C 65 -27.39 -12.40 -20.02
CA ILE C 65 -26.88 -13.55 -20.78
C ILE C 65 -25.72 -14.28 -20.12
N PHE C 66 -26.02 -15.47 -19.60
CA PHE C 66 -25.00 -16.34 -19.02
C PHE C 66 -24.13 -16.93 -20.13
N GLN C 67 -22.90 -17.29 -19.78
CA GLN C 67 -21.96 -17.84 -20.74
C GLN C 67 -21.67 -19.30 -20.44
N THR C 68 -20.38 -19.63 -20.36
CA THR C 68 -19.89 -20.98 -20.09
C THR C 68 -20.43 -22.03 -21.07
N ASN C 69 -19.58 -22.37 -22.05
CA ASN C 69 -19.96 -23.31 -23.09
C ASN C 69 -18.75 -24.07 -23.62
N LYS C 73 -25.47 -21.27 -26.68
CA LYS C 73 -24.23 -20.85 -27.30
C LYS C 73 -24.39 -19.47 -27.95
N THR C 74 -25.52 -19.28 -28.63
CA THR C 74 -25.79 -18.03 -29.34
C THR C 74 -27.17 -17.44 -29.06
N ILE C 75 -27.37 -16.23 -29.56
CA ILE C 75 -28.67 -15.58 -29.54
C ILE C 75 -29.37 -15.82 -30.89
N THR C 76 -28.65 -15.56 -31.99
CA THR C 76 -29.17 -15.67 -33.36
C THR C 76 -30.58 -15.14 -33.58
N LYS C 77 -30.77 -13.83 -33.40
CA LYS C 77 -32.07 -13.18 -33.59
C LYS C 77 -32.03 -11.69 -33.24
N GLY C 78 -32.39 -10.83 -34.19
CA GLY C 78 -32.47 -9.40 -33.92
C GLY C 78 -33.50 -9.17 -32.85
N SER C 79 -33.08 -8.69 -31.68
CA SER C 79 -33.98 -8.54 -30.53
C SER C 79 -33.58 -7.41 -29.59
N ARG C 80 -34.46 -7.06 -28.67
CA ARG C 80 -34.22 -5.94 -27.76
C ARG C 80 -33.32 -6.29 -26.58
N LEU C 81 -32.01 -6.17 -26.81
CA LEU C 81 -31.01 -6.43 -25.79
C LEU C 81 -30.83 -5.20 -24.92
N SER C 82 -30.38 -5.41 -23.69
CA SER C 82 -30.22 -4.32 -22.73
C SER C 82 -28.77 -4.16 -22.29
N SER C 83 -28.38 -2.94 -21.94
CA SER C 83 -27.04 -2.71 -21.41
C SER C 83 -27.01 -1.58 -20.41
N ILE C 84 -25.99 -1.57 -19.57
CA ILE C 84 -25.79 -0.51 -18.59
C ILE C 84 -24.29 -0.25 -18.46
N ILE C 85 -23.91 1.01 -18.43
CA ILE C 85 -22.52 1.39 -18.20
C ILE C 85 -22.48 2.38 -17.06
N ALA C 86 -21.58 2.17 -16.11
CA ALA C 86 -21.48 3.12 -15.01
C ALA C 86 -20.03 3.51 -14.80
N PHE C 87 -19.79 4.76 -14.42
CA PHE C 87 -18.43 5.25 -14.26
C PHE C 87 -18.30 6.60 -13.57
N SER C 88 -17.06 6.99 -13.28
CA SER C 88 -16.78 8.31 -12.73
C SER C 88 -15.46 8.79 -13.29
N THR C 89 -15.33 10.12 -13.40
CA THR C 89 -14.19 10.78 -14.00
C THR C 89 -14.54 12.23 -14.30
N GLN C 90 -13.51 13.05 -14.45
CA GLN C 90 -13.64 14.48 -14.64
C GLN C 90 -13.88 14.86 -16.10
N ALA C 91 -13.92 13.85 -16.96
CA ALA C 91 -14.16 14.06 -18.39
C ALA C 91 -15.65 14.15 -18.71
N ASN C 92 -16.03 15.19 -19.43
CA ASN C 92 -17.43 15.45 -19.79
C ASN C 92 -18.00 14.38 -20.70
N VAL C 93 -18.94 13.60 -20.16
CA VAL C 93 -19.59 12.52 -20.91
C VAL C 93 -20.80 13.10 -21.62
N LEU C 94 -21.38 14.15 -21.05
CA LEU C 94 -22.57 14.79 -21.61
C LEU C 94 -22.32 15.35 -23.01
N SER C 95 -21.05 15.64 -23.32
CA SER C 95 -20.69 16.15 -24.63
C SER C 95 -20.85 15.07 -25.68
N GLU C 96 -20.58 13.83 -25.29
CA GLU C 96 -20.69 12.71 -26.21
C GLU C 96 -22.03 11.99 -26.11
N VAL C 97 -21.99 10.72 -25.69
CA VAL C 97 -23.19 9.89 -25.61
C VAL C 97 -23.91 9.89 -26.96
N ALA C 98 -25.12 10.46 -26.99
CA ALA C 98 -25.97 10.46 -28.18
C ALA C 98 -26.03 9.10 -28.86
N ASP C 99 -25.74 9.07 -30.15
CA ASP C 99 -25.71 7.84 -30.93
C ASP C 99 -27.03 7.05 -30.90
N GLU C 100 -27.82 7.17 -31.95
CA GLU C 100 -29.14 6.54 -31.97
C GLU C 100 -29.26 5.68 -33.21
N GLY C 101 -28.27 5.77 -34.08
CA GLY C 101 -28.21 4.96 -35.28
C GLY C 101 -27.55 3.60 -35.04
N ILE C 102 -26.95 3.05 -36.09
CA ILE C 102 -26.28 1.76 -35.98
C ILE C 102 -24.75 1.85 -36.11
N PHE C 103 -24.09 0.82 -35.59
CA PHE C 103 -22.62 0.71 -35.56
C PHE C 103 -22.19 -0.68 -36.03
N GLU C 104 -20.92 -0.80 -36.39
CA GLU C 104 -20.38 -2.05 -36.93
C GLU C 104 -19.11 -2.46 -36.21
N THR C 105 -19.07 -3.70 -35.75
CA THR C 105 -17.97 -4.24 -35.00
C THR C 105 -17.47 -5.51 -35.68
N VAL C 106 -16.38 -6.08 -35.18
CA VAL C 106 -15.87 -7.32 -35.73
C VAL C 106 -16.81 -8.44 -35.28
N TYR C 107 -17.71 -8.12 -34.36
CA TYR C 107 -18.73 -9.06 -33.91
C TYR C 107 -20.03 -8.91 -34.70
N GLY C 108 -20.08 -7.95 -35.62
CA GLY C 108 -21.25 -7.79 -36.45
C GLY C 108 -21.92 -6.42 -36.31
N LYS C 109 -23.15 -6.31 -36.79
CA LYS C 109 -23.82 -5.02 -36.85
C LYS C 109 -24.84 -4.87 -35.73
N PHE C 110 -24.76 -3.75 -35.03
CA PHE C 110 -25.65 -3.51 -33.90
C PHE C 110 -26.30 -2.15 -34.02
N HIS C 111 -27.52 -2.04 -33.51
CA HIS C 111 -28.16 -0.74 -33.43
C HIS C 111 -28.28 -0.37 -31.97
N ILE C 112 -27.59 0.68 -31.57
CA ILE C 112 -27.59 1.09 -30.18
C ILE C 112 -28.46 2.32 -29.99
N MET C 113 -29.13 2.36 -28.84
CA MET C 113 -29.96 3.49 -28.43
C MET C 113 -29.60 3.84 -27.00
N ILE C 114 -30.30 4.83 -26.45
CA ILE C 114 -30.18 5.18 -25.05
C ILE C 114 -31.59 5.10 -24.49
N GLU C 115 -31.74 4.42 -23.36
CA GLU C 115 -33.05 4.25 -22.73
C GLU C 115 -33.11 5.10 -21.49
N SER C 116 -31.96 5.23 -20.84
CA SER C 116 -31.86 5.99 -19.59
C SER C 116 -30.55 6.75 -19.37
N ILE C 117 -30.68 7.85 -18.62
CA ILE C 117 -29.56 8.66 -18.14
C ILE C 117 -29.77 8.90 -16.66
N GLU C 118 -28.80 8.49 -15.85
CA GLU C 118 -28.83 8.82 -14.45
C GLU C 118 -27.47 9.36 -14.03
N ILE C 119 -27.45 10.51 -13.38
CA ILE C 119 -26.20 11.08 -12.88
C ILE C 119 -26.39 11.42 -11.42
N VAL C 120 -25.41 11.09 -10.59
CA VAL C 120 -25.51 11.40 -9.17
C VAL C 120 -24.17 11.79 -8.56
N GLU C 121 -24.17 12.69 -7.58
CA GLU C 121 -22.94 13.01 -6.88
C GLU C 121 -22.86 12.15 -5.61
N VAL C 122 -21.69 11.56 -5.40
CA VAL C 122 -21.52 10.51 -4.41
C VAL C 122 -21.87 10.94 -2.99
N GLU C 123 -21.76 12.23 -2.73
CA GLU C 123 -22.04 12.75 -1.40
C GLU C 123 -23.54 12.86 -1.17
N LYS C 124 -24.32 13.01 -2.24
CA LYS C 124 -25.76 13.12 -2.08
C LYS C 124 -26.41 11.77 -1.75
N LEU C 125 -25.73 10.66 -2.06
CA LEU C 125 -26.29 9.35 -1.72
C LEU C 125 -26.37 9.15 -0.22
N LYS C 126 -25.59 9.91 0.54
CA LYS C 126 -25.60 9.84 1.99
C LYS C 126 -26.99 10.24 2.49
N GLU C 127 -27.77 10.87 1.61
CA GLU C 127 -29.12 11.29 1.94
C GLU C 127 -30.03 10.07 1.93
N GLU C 128 -29.77 9.16 1.00
CA GLU C 128 -30.56 7.94 0.86
C GLU C 128 -30.41 7.03 2.07
N VAL C 129 -29.18 6.93 2.57
CA VAL C 129 -28.83 6.03 3.67
C VAL C 129 -29.78 6.11 4.86
N GLU C 130 -30.11 7.32 5.27
CA GLU C 130 -30.87 7.52 6.50
C GLU C 130 -32.28 6.92 6.39
N LYS C 131 -32.80 6.81 5.17
CA LYS C 131 -34.15 6.29 5.02
C LYS C 131 -34.17 4.76 5.00
N HIS C 132 -32.98 4.15 5.07
CA HIS C 132 -32.93 2.70 5.06
C HIS C 132 -32.35 2.14 6.37
N MET C 133 -32.27 2.98 7.39
CA MET C 133 -31.63 2.58 8.64
C MET C 133 -32.48 1.61 9.46
N ASN C 134 -33.69 1.35 8.98
CA ASN C 134 -34.58 0.42 9.66
C ASN C 134 -35.01 -0.68 8.71
N ASP C 135 -34.29 -0.81 7.60
CA ASP C 135 -34.59 -1.84 6.63
C ASP C 135 -33.62 -3.00 6.67
N ASN C 136 -34.11 -4.18 6.29
CA ASN C 136 -33.26 -5.32 6.03
C ASN C 136 -32.68 -5.06 4.65
N ILE C 137 -31.39 -5.32 4.50
CA ILE C 137 -30.69 -5.05 3.25
C ILE C 137 -30.62 -6.34 2.45
N ARG C 138 -31.12 -6.32 1.23
CA ARG C 138 -31.01 -7.47 0.35
C ARG C 138 -30.16 -7.12 -0.86
N VAL C 139 -29.06 -7.86 -1.03
CA VAL C 139 -28.16 -7.64 -2.15
C VAL C 139 -28.34 -8.78 -3.14
N ARG C 140 -28.70 -8.46 -4.38
CA ARG C 140 -28.87 -9.49 -5.41
C ARG C 140 -27.76 -9.41 -6.45
N PHE C 141 -27.06 -10.52 -6.59
CA PHE C 141 -25.99 -10.67 -7.57
C PHE C 141 -26.62 -11.08 -8.89
N VAL C 142 -26.84 -10.11 -9.77
CA VAL C 142 -27.51 -10.35 -11.03
C VAL C 142 -26.52 -10.71 -12.13
N SER C 143 -25.27 -10.86 -11.73
CA SER C 143 -24.23 -11.32 -12.63
C SER C 143 -23.24 -12.09 -11.78
N PRO C 144 -22.53 -13.04 -12.38
CA PRO C 144 -21.55 -13.83 -11.62
C PRO C 144 -20.59 -12.92 -10.86
N THR C 145 -20.61 -13.06 -9.53
CA THR C 145 -19.83 -12.19 -8.67
C THR C 145 -18.62 -12.90 -8.07
N LEU C 146 -17.47 -12.30 -8.33
CA LEU C 146 -16.19 -12.85 -7.94
C LEU C 146 -15.59 -12.10 -6.75
N LEU C 147 -15.54 -12.78 -5.60
CA LEU C 147 -15.03 -12.19 -4.35
C LEU C 147 -13.79 -12.90 -3.82
N SER C 148 -12.63 -12.29 -4.00
CA SER C 148 -11.39 -12.86 -3.50
C SER C 148 -11.35 -12.87 -1.97
N SER C 149 -10.96 -14.01 -1.40
CA SER C 149 -10.99 -14.18 0.05
C SER C 149 -9.95 -13.34 0.77
N LYS C 150 -8.79 -13.20 0.13
CA LYS C 150 -7.67 -12.49 0.74
C LYS C 150 -8.01 -11.03 1.05
N VAL C 151 -9.08 -10.53 0.45
CA VAL C 151 -9.59 -9.19 0.73
C VAL C 151 -9.78 -8.98 2.23
N LEU C 152 -10.10 -10.05 2.95
CA LEU C 152 -10.30 -9.93 4.39
C LEU C 152 -9.13 -10.52 5.15
N LEU C 153 -7.98 -10.58 4.50
CA LEU C 153 -6.75 -11.00 5.17
C LEU C 153 -6.16 -9.81 5.90
N PRO C 154 -5.65 -10.05 7.12
CA PRO C 154 -4.98 -8.98 7.86
C PRO C 154 -3.81 -8.45 7.05
N PRO C 155 -3.77 -7.13 6.81
CA PRO C 155 -2.79 -6.48 5.94
C PRO C 155 -1.35 -6.78 6.34
N SER C 156 -1.14 -7.07 7.63
CA SER C 156 0.17 -7.46 8.14
C SER C 156 0.78 -8.67 7.42
N LEU C 157 -0.03 -9.70 7.19
CA LEU C 157 0.47 -10.92 6.56
C LEU C 157 0.38 -10.88 5.03
N SER C 158 0.11 -9.71 4.49
CA SER C 158 -0.03 -9.53 3.05
C SER C 158 1.17 -10.06 2.25
N GLU C 159 2.38 -9.74 2.70
CA GLU C 159 3.60 -10.16 1.99
C GLU C 159 3.90 -11.64 2.22
N ARG C 160 3.57 -12.14 3.40
CA ARG C 160 3.77 -13.54 3.75
C ARG C 160 3.10 -14.48 2.75
N TYR C 161 1.90 -14.12 2.33
CA TYR C 161 1.12 -14.96 1.43
C TYR C 161 0.96 -14.30 0.08
N LYS C 162 1.84 -13.36 -0.23
CA LYS C 162 1.77 -12.61 -1.48
C LYS C 162 1.83 -13.48 -2.74
N LYS C 163 2.50 -14.63 -2.65
CA LYS C 163 2.65 -15.49 -3.82
C LYS C 163 1.48 -16.44 -4.00
N ILE C 164 0.97 -16.96 -2.89
CA ILE C 164 -0.13 -17.91 -2.94
C ILE C 164 -1.47 -17.23 -3.28
N HIS C 165 -2.18 -17.81 -4.24
CA HIS C 165 -3.48 -17.31 -4.67
C HIS C 165 -4.55 -18.23 -4.09
N ALA C 166 -5.24 -17.76 -3.05
CA ALA C 166 -6.20 -18.59 -2.34
C ALA C 166 -7.49 -18.75 -3.13
N GLY C 167 -7.70 -17.86 -4.10
CA GLY C 167 -8.88 -17.92 -4.93
C GLY C 167 -10.09 -17.26 -4.31
N TYR C 168 -11.26 -17.58 -4.85
CA TYR C 168 -12.50 -16.89 -4.50
C TYR C 168 -13.36 -17.53 -3.43
N SER C 169 -14.00 -16.67 -2.64
CA SER C 169 -15.02 -17.11 -1.71
C SER C 169 -16.34 -17.06 -2.46
N THR C 170 -16.71 -18.19 -3.06
CA THR C 170 -17.96 -18.28 -3.81
C THR C 170 -19.16 -18.29 -2.86
N LEU C 171 -18.87 -18.16 -1.57
CA LEU C 171 -19.91 -18.05 -0.56
C LEU C 171 -19.65 -16.73 0.17
N PRO C 172 -20.36 -15.67 -0.22
CA PRO C 172 -20.13 -14.28 0.19
C PRO C 172 -20.51 -13.99 1.63
N SER C 173 -19.55 -13.63 2.46
CA SER C 173 -19.85 -13.13 3.80
C SER C 173 -20.28 -11.68 3.65
N VAL C 174 -21.03 -11.18 4.63
CA VAL C 174 -21.44 -9.79 4.61
C VAL C 174 -20.19 -8.92 4.61
N GLY C 175 -19.21 -9.32 5.40
CA GLY C 175 -17.96 -8.58 5.55
C GLY C 175 -17.18 -8.46 4.27
N LEU C 176 -17.20 -9.50 3.44
CA LEU C 176 -16.51 -9.46 2.15
C LEU C 176 -17.20 -8.48 1.21
N ILE C 177 -18.53 -8.43 1.29
CA ILE C 177 -19.29 -7.57 0.40
C ILE C 177 -19.07 -6.10 0.77
N VAL C 178 -19.19 -5.79 2.05
CA VAL C 178 -18.98 -4.41 2.49
C VAL C 178 -17.52 -3.98 2.43
N ALA C 179 -16.59 -4.92 2.58
CA ALA C 179 -15.17 -4.60 2.45
C ALA C 179 -14.86 -4.24 1.01
N TYR C 180 -15.42 -5.01 0.08
CA TYR C 180 -15.24 -4.70 -1.33
C TYR C 180 -15.88 -3.36 -1.69
N ALA C 181 -17.11 -3.16 -1.23
CA ALA C 181 -17.84 -1.92 -1.45
C ALA C 181 -17.02 -0.73 -0.97
N TYR C 182 -16.39 -0.92 0.18
CA TYR C 182 -15.55 0.11 0.80
C TYR C 182 -14.33 0.39 -0.06
N ASN C 183 -13.63 -0.65 -0.49
CA ASN C 183 -12.45 -0.44 -1.33
C ASN C 183 -12.79 0.35 -2.58
N VAL C 184 -13.90 -0.01 -3.20
CA VAL C 184 -14.34 0.66 -4.42
C VAL C 184 -14.66 2.14 -4.14
N TYR C 185 -15.44 2.38 -3.08
CA TYR C 185 -15.82 3.73 -2.66
C TYR C 185 -14.58 4.57 -2.44
N CYS C 186 -13.62 3.97 -1.76
CA CYS C 186 -12.39 4.62 -1.35
C CYS C 186 -11.55 5.04 -2.54
N ASN C 187 -11.33 4.11 -3.47
CA ASN C 187 -10.63 4.43 -4.70
C ASN C 187 -11.39 5.48 -5.51
N LEU C 188 -12.72 5.45 -5.39
CA LEU C 188 -13.58 6.39 -6.10
C LEU C 188 -13.40 7.82 -5.60
N ILE C 189 -13.36 8.00 -4.28
CA ILE C 189 -13.27 9.35 -3.73
C ILE C 189 -11.83 9.75 -3.43
N GLY C 190 -10.89 8.98 -3.95
CA GLY C 190 -9.47 9.33 -3.91
C GLY C 190 -8.87 9.32 -2.52
N LYS C 191 -9.15 8.26 -1.78
CA LYS C 191 -8.58 8.08 -0.46
C LYS C 191 -7.65 6.87 -0.52
N LYS C 192 -6.38 7.04 -0.15
CA LYS C 192 -5.46 5.90 -0.13
C LYS C 192 -5.15 5.30 1.25
N GLU C 193 -4.03 4.58 1.27
CA GLU C 193 -3.57 3.77 2.40
C GLU C 193 -4.69 3.27 3.31
N VAL C 194 -5.62 2.54 2.73
CA VAL C 194 -6.88 2.21 3.39
C VAL C 194 -7.04 0.72 3.80
N GLU C 195 -6.05 -0.10 3.46
CA GLU C 195 -6.09 -1.54 3.75
C GLU C 195 -6.61 -1.92 5.14
N VAL C 196 -6.06 -1.32 6.19
CA VAL C 196 -6.45 -1.65 7.56
C VAL C 196 -7.90 -1.24 7.91
N ARG C 197 -8.33 -0.08 7.43
CA ARG C 197 -9.70 0.33 7.67
C ARG C 197 -10.66 -0.65 7.00
N ALA C 198 -10.30 -1.08 5.80
CA ALA C 198 -11.09 -2.05 5.06
C ALA C 198 -11.18 -3.38 5.80
N PHE C 199 -10.00 -3.94 6.14
CA PHE C 199 -9.91 -5.18 6.89
C PHE C 199 -10.80 -5.17 8.12
N LYS C 200 -10.53 -4.22 9.01
CA LYS C 200 -11.31 -4.11 10.24
C LYS C 200 -12.79 -3.91 9.96
N PHE C 201 -13.12 -3.12 8.96
CA PHE C 201 -14.54 -2.90 8.62
C PHE C 201 -15.22 -4.21 8.29
N GLY C 202 -14.62 -5.00 7.40
CA GLY C 202 -15.17 -6.30 7.03
C GLY C 202 -15.32 -7.24 8.21
N ILE C 203 -14.21 -7.46 8.94
CA ILE C 203 -14.22 -8.35 10.09
C ILE C 203 -15.31 -7.96 11.10
N LEU C 204 -15.35 -6.69 11.44
CA LEU C 204 -16.30 -6.20 12.42
C LEU C 204 -17.72 -6.34 11.90
N SER C 205 -17.92 -5.99 10.63
CA SER C 205 -19.24 -6.03 10.03
C SER C 205 -19.85 -7.42 10.00
N ASN C 206 -19.08 -8.42 9.59
CA ASN C 206 -19.66 -9.77 9.53
C ASN C 206 -19.63 -10.46 10.90
N ALA C 207 -18.89 -9.89 11.84
CA ALA C 207 -18.92 -10.41 13.21
C ALA C 207 -20.16 -9.87 13.93
N LEU C 208 -20.69 -8.73 13.46
CA LEU C 208 -21.85 -8.12 14.08
C LEU C 208 -23.06 -8.01 13.14
N SER C 209 -23.06 -8.79 12.06
CA SER C 209 -24.20 -8.78 11.13
C SER C 209 -25.13 -9.93 11.40
N ARG C 210 -26.39 -9.72 11.06
CA ARG C 210 -27.38 -10.78 11.16
C ARG C 210 -27.90 -11.12 9.78
N ILE C 211 -27.69 -12.36 9.40
CA ILE C 211 -28.08 -12.80 8.08
C ILE C 211 -29.47 -13.38 8.19
N ILE C 212 -30.43 -12.72 7.54
CA ILE C 212 -31.83 -13.09 7.67
C ILE C 212 -32.21 -14.22 6.76
N GLY C 213 -31.84 -14.10 5.49
CA GLY C 213 -32.17 -15.15 4.54
C GLY C 213 -31.22 -15.09 3.36
N TYR C 214 -31.29 -16.07 2.48
CA TYR C 214 -30.49 -16.06 1.26
C TYR C 214 -30.84 -17.17 0.29
N ASP C 215 -30.53 -16.94 -0.98
CA ASP C 215 -30.59 -17.99 -2.00
C ASP C 215 -29.43 -17.84 -2.96
N LEU C 216 -28.32 -18.52 -2.66
CA LEU C 216 -27.10 -18.46 -3.45
C LEU C 216 -26.80 -19.76 -4.17
N HIS C 217 -26.02 -19.65 -5.25
CA HIS C 217 -25.54 -20.80 -6.00
C HIS C 217 -24.20 -20.48 -6.66
N PRO C 218 -23.24 -21.41 -6.55
CA PRO C 218 -21.93 -21.27 -7.19
C PRO C 218 -22.07 -21.46 -8.69
N VAL C 219 -21.44 -20.61 -9.47
CA VAL C 219 -21.44 -20.77 -10.92
C VAL C 219 -20.01 -20.69 -11.45
N THR C 220 -19.77 -21.33 -12.58
CA THR C 220 -18.50 -21.21 -13.27
C THR C 220 -18.67 -20.25 -14.43
N VAL C 221 -17.80 -19.26 -14.52
CA VAL C 221 -17.93 -18.21 -15.52
C VAL C 221 -16.80 -18.34 -16.52
N ALA C 222 -17.13 -18.16 -17.79
CA ALA C 222 -16.07 -18.18 -18.79
C ALA C 222 -15.78 -16.73 -19.11
N ILE C 223 -14.50 -16.40 -19.32
CA ILE C 223 -14.13 -15.00 -19.52
C ILE C 223 -13.27 -14.80 -20.75
N GLY C 224 -13.23 -15.82 -21.60
CA GLY C 224 -12.54 -15.67 -22.86
C GLY C 224 -11.41 -16.65 -23.07
N GLU C 225 -10.72 -16.42 -24.17
CA GLU C 225 -9.40 -16.97 -24.43
C GLU C 225 -8.43 -15.80 -24.43
N ASP C 226 -7.14 -16.06 -24.21
CA ASP C 226 -6.07 -15.04 -24.29
C ASP C 226 -4.77 -15.58 -23.72
N SER C 227 -3.69 -15.46 -24.49
CA SER C 227 -3.78 -15.26 -25.94
C SER C 227 -4.01 -16.61 -26.58
N LYS C 228 -3.46 -16.80 -27.76
CA LYS C 228 -3.37 -18.13 -28.33
C LYS C 228 -2.40 -18.89 -27.43
N GLY C 229 -2.68 -20.15 -27.14
CA GLY C 229 -3.96 -20.77 -27.47
C GLY C 229 -4.55 -21.35 -26.21
N ASN C 230 -5.11 -20.49 -25.36
CA ASN C 230 -5.56 -20.93 -24.05
C ASN C 230 -7.06 -21.06 -24.01
N LEU C 231 -7.60 -20.76 -22.83
CA LEU C 231 -9.04 -20.62 -22.61
C LEU C 231 -9.17 -20.45 -21.12
N ARG C 232 -9.82 -19.36 -20.75
CA ARG C 232 -9.81 -18.87 -19.39
C ARG C 232 -11.23 -18.89 -18.75
N LYS C 233 -11.34 -19.24 -17.45
CA LYS C 233 -12.65 -19.35 -16.73
C LYS C 233 -12.58 -19.54 -15.17
N ALA C 234 -13.37 -18.77 -14.40
CA ALA C 234 -13.39 -18.78 -12.91
C ALA C 234 -14.63 -19.34 -12.24
N ARG C 235 -14.57 -19.38 -10.92
CA ARG C 235 -15.78 -19.62 -10.17
C ARG C 235 -16.24 -18.47 -9.29
N GLY C 236 -17.52 -18.14 -9.45
CA GLY C 236 -18.12 -17.07 -8.67
C GLY C 236 -19.48 -17.45 -8.12
N VAL C 237 -20.23 -16.44 -7.70
CA VAL C 237 -21.52 -16.65 -7.04
C VAL C 237 -22.67 -15.93 -7.72
N MET C 238 -23.87 -16.49 -7.60
CA MET C 238 -25.06 -15.76 -8.01
C MET C 238 -26.21 -16.02 -7.05
N GLY C 239 -27.27 -15.22 -7.13
CA GLY C 239 -28.39 -15.35 -6.22
C GLY C 239 -28.61 -14.09 -5.41
N TRP C 240 -29.23 -14.22 -4.24
CA TRP C 240 -29.45 -13.05 -3.38
C TRP C 240 -29.14 -13.34 -1.94
N ILE C 241 -28.91 -12.29 -1.16
CA ILE C 241 -28.64 -12.43 0.27
C ILE C 241 -29.22 -11.28 1.09
N GLU C 242 -29.93 -11.62 2.16
CA GLU C 242 -30.60 -10.63 2.99
C GLU C 242 -30.09 -10.63 4.42
N PHE C 243 -29.54 -9.49 4.82
CA PHE C 243 -28.95 -9.34 6.14
C PHE C 243 -29.27 -8.01 6.80
N ASP C 244 -28.86 -7.86 8.05
CA ASP C 244 -29.02 -6.62 8.80
C ASP C 244 -27.83 -6.40 9.73
N ILE C 245 -27.50 -5.14 10.00
CA ILE C 245 -26.44 -4.81 10.95
C ILE C 245 -27.03 -3.98 12.09
N PRO C 246 -27.24 -4.59 13.26
CA PRO C 246 -27.81 -3.92 14.45
C PRO C 246 -27.04 -2.68 14.94
N ASP C 247 -25.79 -2.52 14.52
CA ASP C 247 -25.01 -1.35 14.96
C ASP C 247 -25.28 -0.19 14.01
N GLU C 248 -25.73 0.93 14.55
CA GLU C 248 -26.19 2.05 13.74
C GLU C 248 -25.09 2.62 12.84
N ARG C 249 -23.92 2.83 13.43
CA ARG C 249 -22.78 3.42 12.72
C ARG C 249 -22.30 2.50 11.61
N LEU C 250 -22.17 1.24 11.96
CA LEU C 250 -21.73 0.22 11.01
C LEU C 250 -22.74 0.13 9.87
N LYS C 251 -24.02 0.06 10.21
CA LYS C 251 -25.07 -0.01 9.21
C LYS C 251 -25.03 1.17 8.26
N ARG C 252 -24.85 2.37 8.82
CA ARG C 252 -24.80 3.58 8.00
C ARG C 252 -23.62 3.54 7.02
N ARG C 253 -22.43 3.23 7.51
CA ARG C 253 -21.27 3.12 6.62
C ARG C 253 -21.53 2.11 5.52
N ALA C 254 -22.05 0.96 5.92
CA ALA C 254 -22.32 -0.14 5.02
C ALA C 254 -23.27 0.28 3.90
N LEU C 255 -24.43 0.82 4.28
CA LEU C 255 -25.40 1.34 3.32
C LEU C 255 -24.75 2.32 2.35
N ASN C 256 -23.94 3.22 2.91
CA ASN C 256 -23.24 4.21 2.12
C ASN C 256 -22.40 3.57 1.01
N TYR C 257 -21.45 2.72 1.39
CA TYR C 257 -20.58 2.06 0.41
C TYR C 257 -21.37 1.20 -0.59
N LEU C 258 -22.40 0.54 -0.07
CA LEU C 258 -23.25 -0.35 -0.85
C LEU C 258 -23.98 0.37 -1.98
N LEU C 259 -24.49 1.56 -1.67
CA LEU C 259 -25.15 2.39 -2.69
C LEU C 259 -24.22 2.68 -3.87
N THR C 260 -22.95 2.95 -3.57
CA THR C 260 -21.94 3.14 -4.60
C THR C 260 -21.75 1.86 -5.43
N SER C 261 -21.66 0.72 -4.75
CA SER C 261 -21.52 -0.54 -5.49
C SER C 261 -22.77 -0.86 -6.32
N SER C 262 -23.90 -0.26 -5.95
CA SER C 262 -25.15 -0.44 -6.69
C SER C 262 -25.04 0.20 -8.07
N TYR C 263 -23.94 0.93 -8.28
CA TYR C 263 -23.66 1.51 -9.58
C TYR C 263 -22.42 0.86 -10.19
N LEU C 264 -21.34 0.76 -9.42
CA LEU C 264 -20.10 0.24 -10.00
C LEU C 264 -19.86 -1.28 -9.87
N GLY C 265 -20.74 -1.96 -9.13
CA GLY C 265 -20.62 -3.39 -8.98
C GLY C 265 -19.77 -3.81 -7.79
N ILE C 266 -19.65 -5.11 -7.56
CA ILE C 266 -18.91 -5.61 -6.39
C ILE C 266 -17.91 -6.71 -6.78
N GLY C 267 -16.78 -6.72 -6.09
CA GLY C 267 -15.76 -7.73 -6.33
C GLY C 267 -15.00 -7.52 -7.61
N ARG C 268 -14.22 -8.54 -7.98
CA ARG C 268 -13.59 -8.58 -9.30
C ARG C 268 -14.57 -9.17 -10.29
N SER C 269 -14.41 -8.82 -11.56
CA SER C 269 -13.64 -7.68 -12.01
C SER C 269 -14.72 -6.87 -12.71
N ARG C 270 -15.25 -5.86 -12.03
CA ARG C 270 -16.41 -5.13 -12.53
C ARG C 270 -16.20 -4.50 -13.90
N GLY C 271 -14.93 -4.39 -14.29
CA GLY C 271 -14.57 -3.80 -15.56
C GLY C 271 -14.98 -4.61 -16.78
N ILE C 272 -15.43 -5.85 -16.56
CA ILE C 272 -15.87 -6.69 -17.67
C ILE C 272 -17.28 -7.24 -17.48
N GLY C 273 -18.01 -6.67 -16.53
CA GLY C 273 -19.43 -6.98 -16.39
C GLY C 273 -19.80 -7.85 -15.22
N PHE C 274 -18.79 -8.26 -14.46
CA PHE C 274 -18.97 -9.14 -13.31
C PHE C 274 -19.27 -8.39 -12.03
N GLY C 275 -20.09 -8.99 -11.19
CA GLY C 275 -20.40 -8.41 -9.89
C GLY C 275 -21.49 -7.36 -9.95
N GLU C 276 -22.33 -7.45 -10.97
CA GLU C 276 -23.49 -6.57 -11.05
C GLU C 276 -24.47 -6.88 -9.94
N ILE C 277 -24.92 -5.85 -9.23
CA ILE C 277 -25.81 -6.05 -8.09
C ILE C 277 -27.04 -5.12 -8.11
N ARG C 278 -28.09 -5.58 -7.45
CA ARG C 278 -29.30 -4.79 -7.23
C ARG C 278 -29.54 -4.71 -5.74
N LEU C 279 -29.83 -3.51 -5.25
CA LEU C 279 -30.04 -3.31 -3.83
C LEU C 279 -31.53 -3.17 -3.54
N GLU C 280 -32.02 -3.90 -2.53
CA GLU C 280 -33.42 -3.79 -2.13
C GLU C 280 -33.54 -3.78 -0.62
N PHE C 281 -34.72 -3.41 -0.12
CA PHE C 281 -34.86 -3.20 1.31
C PHE C 281 -36.21 -3.70 1.81
N ARG C 282 -36.29 -3.96 3.12
CA ARG C 282 -37.56 -4.38 3.70
C ARG C 282 -37.79 -3.75 5.07
N LYS C 283 -39.02 -3.39 5.39
CA LYS C 283 -39.28 -2.76 6.68
C LYS C 283 -39.61 -3.80 7.75
N ILE C 284 -39.27 -3.50 9.01
CA ILE C 284 -39.54 -4.41 10.12
C ILE C 284 -40.69 -3.87 10.96
N MET E 1 19.24 8.61 -5.47
CA MET E 1 18.19 7.70 -5.91
C MET E 1 18.26 7.32 -7.40
N PRO E 2 18.38 8.30 -8.30
CA PRO E 2 18.47 7.89 -9.70
C PRO E 2 19.91 7.58 -10.14
N LEU E 3 20.04 6.69 -11.13
CA LEU E 3 21.34 6.36 -11.69
C LEU E 3 21.18 6.05 -13.18
N ILE E 4 22.27 6.17 -13.93
CA ILE E 4 22.20 6.00 -15.38
C ILE E 4 23.05 4.84 -15.88
N PHE E 5 22.44 4.03 -16.73
CA PHE E 5 23.17 2.98 -17.42
C PHE E 5 23.30 3.35 -18.88
N LYS E 6 24.53 3.36 -19.39
CA LYS E 6 24.75 3.50 -20.81
C LYS E 6 25.45 2.24 -21.30
N ILE E 7 24.72 1.46 -22.08
CA ILE E 7 25.25 0.21 -22.58
C ILE E 7 25.52 0.30 -24.08
N GLY E 8 26.73 -0.09 -24.46
CA GLY E 8 27.17 -0.06 -25.84
C GLY E 8 27.07 -1.40 -26.53
N TYR E 9 26.21 -1.43 -27.55
CA TYR E 9 25.89 -2.65 -28.28
C TYR E 9 26.67 -2.71 -29.60
N ASN E 10 27.02 -3.92 -30.00
CA ASN E 10 27.55 -4.17 -31.32
C ASN E 10 26.53 -5.02 -32.06
N VAL E 11 26.00 -4.50 -33.16
CA VAL E 11 24.92 -5.21 -33.83
C VAL E 11 25.37 -5.67 -35.23
N ILE E 12 25.22 -6.98 -35.47
CA ILE E 12 25.55 -7.58 -36.76
C ILE E 12 24.36 -8.33 -37.34
N PRO E 13 24.00 -8.04 -38.60
CA PRO E 13 22.96 -8.82 -39.27
C PRO E 13 23.54 -10.09 -39.90
N LEU E 14 22.71 -11.13 -39.95
CA LEU E 14 23.12 -12.40 -40.54
C LEU E 14 22.70 -12.43 -42.00
N GLN E 15 21.50 -11.93 -42.27
CA GLN E 15 21.00 -11.88 -43.64
C GLN E 15 21.24 -10.51 -44.28
N ASP E 16 20.74 -10.35 -45.50
CA ASP E 16 20.73 -9.05 -46.18
C ASP E 16 19.47 -8.29 -45.78
N VAL E 17 19.61 -7.00 -45.45
CA VAL E 17 18.47 -6.25 -44.93
C VAL E 17 18.47 -4.76 -45.35
N ILE E 18 17.29 -4.17 -45.49
CA ILE E 18 17.16 -2.73 -45.65
C ILE E 18 16.68 -2.15 -44.31
N LEU E 19 17.44 -1.22 -43.75
CA LEU E 19 17.09 -0.65 -42.45
C LEU E 19 15.86 0.25 -42.53
N PRO E 20 15.02 0.23 -41.48
CA PRO E 20 13.81 1.06 -41.44
C PRO E 20 14.12 2.49 -41.02
N THR E 21 13.10 3.33 -40.94
CA THR E 21 13.30 4.73 -40.58
C THR E 21 12.51 5.14 -39.34
N PRO E 22 13.23 5.52 -38.27
CA PRO E 22 14.69 5.58 -38.21
C PRO E 22 15.34 4.21 -37.93
N SER E 23 16.66 4.14 -38.03
CA SER E 23 17.38 2.87 -37.91
C SER E 23 17.36 2.28 -36.50
N SER E 24 16.93 3.09 -35.52
CA SER E 24 16.90 2.64 -34.14
C SER E 24 15.76 1.66 -33.91
N LYS E 25 14.77 1.73 -34.79
CA LYS E 25 13.51 0.99 -34.74
C LYS E 25 13.66 -0.49 -34.39
N VAL E 26 14.71 -1.11 -34.91
CA VAL E 26 14.97 -2.52 -34.65
C VAL E 26 15.02 -2.76 -33.15
N LEU E 27 15.90 -2.05 -32.47
CA LEU E 27 16.05 -2.20 -31.03
C LEU E 27 14.73 -1.86 -30.35
N LYS E 28 14.00 -0.91 -30.91
CA LYS E 28 12.74 -0.46 -30.33
C LYS E 28 11.77 -1.63 -30.32
N TYR E 29 11.82 -2.45 -31.36
CA TYR E 29 10.99 -3.64 -31.44
C TYR E 29 11.41 -4.63 -30.38
N LEU E 30 12.73 -4.75 -30.22
CA LEU E 30 13.29 -5.76 -29.35
C LEU E 30 12.88 -5.60 -27.88
N ILE E 31 12.53 -4.38 -27.47
CA ILE E 31 11.88 -4.19 -26.17
C ILE E 31 10.38 -4.30 -26.37
N GLN E 32 9.85 -3.69 -27.42
CA GLN E 32 8.40 -3.65 -27.63
C GLN E 32 7.79 -5.03 -27.89
N SER E 33 8.62 -6.08 -27.88
CA SER E 33 8.14 -7.44 -28.04
C SER E 33 8.62 -8.27 -26.86
N GLY E 34 9.46 -7.66 -26.03
CA GLY E 34 9.95 -8.32 -24.84
C GLY E 34 10.95 -9.42 -25.20
N LYS E 35 11.98 -9.05 -25.94
CA LYS E 35 13.00 -10.00 -26.34
C LYS E 35 14.27 -9.63 -25.59
N LEU E 36 14.54 -8.34 -25.44
CA LEU E 36 15.53 -7.90 -24.47
C LEU E 36 14.91 -6.84 -23.58
N ILE E 37 15.52 -6.69 -22.41
CA ILE E 37 15.04 -5.90 -21.29
C ILE E 37 13.59 -5.44 -21.44
N PRO E 38 12.64 -6.36 -21.18
CA PRO E 38 11.22 -6.03 -21.33
C PRO E 38 10.76 -5.05 -20.27
N SER E 39 11.47 -5.01 -19.14
CA SER E 39 11.11 -4.09 -18.05
C SER E 39 11.23 -2.63 -18.49
N LEU E 40 11.45 -2.41 -19.79
CA LEU E 40 11.65 -1.08 -20.35
C LEU E 40 10.39 -0.62 -21.13
N LYS E 41 9.42 -1.53 -21.24
CA LYS E 41 8.19 -1.32 -22.03
C LYS E 41 7.63 0.08 -21.83
N ASP E 42 7.29 0.37 -20.57
CA ASP E 42 6.66 1.64 -20.24
C ASP E 42 7.45 2.84 -20.70
N LEU E 43 8.76 2.91 -20.42
CA LEU E 43 9.52 4.09 -20.81
C LEU E 43 9.52 4.22 -22.34
N ILE E 44 9.49 3.10 -23.07
CA ILE E 44 9.53 3.17 -24.53
C ILE E 44 8.16 3.60 -25.07
N THR E 45 7.12 3.36 -24.27
CA THR E 45 5.78 3.70 -24.70
C THR E 45 5.36 5.03 -24.09
N SER E 46 6.09 5.43 -23.05
CA SER E 46 5.82 6.67 -22.33
C SER E 46 5.83 7.87 -23.25
N ARG E 47 4.95 8.83 -22.99
CA ARG E 47 4.89 10.05 -23.79
C ARG E 47 5.16 11.29 -22.94
N ASP E 48 5.62 11.10 -21.71
CA ASP E 48 5.91 12.25 -20.86
C ASP E 48 7.22 12.93 -21.25
N LYS E 49 7.22 14.23 -21.08
CA LYS E 49 8.26 15.14 -21.51
C LYS E 49 9.64 14.87 -20.93
N TYR E 50 10.63 14.86 -21.83
CA TYR E 50 12.04 14.74 -21.48
C TYR E 50 12.33 13.44 -20.75
N LYS E 51 11.73 12.37 -21.22
CA LYS E 51 11.90 11.06 -20.62
C LYS E 51 13.36 10.64 -20.67
N PRO E 52 13.83 9.98 -19.61
CA PRO E 52 15.25 9.62 -19.50
C PRO E 52 15.63 8.35 -20.29
N ILE E 53 15.42 8.34 -21.59
CA ILE E 53 15.90 7.26 -22.45
C ILE E 53 16.45 7.75 -23.77
N PHE E 54 17.51 7.09 -24.19
CA PHE E 54 18.09 7.32 -25.48
C PHE E 54 18.34 5.98 -26.20
N ILE E 55 17.69 5.80 -27.35
CA ILE E 55 17.95 4.62 -28.19
C ILE E 55 18.48 5.07 -29.56
N SER E 56 19.80 4.93 -29.72
CA SER E 56 20.52 5.53 -30.83
C SER E 56 20.25 4.89 -32.18
N HIS E 57 20.59 5.62 -33.24
CA HIS E 57 20.60 5.04 -34.58
C HIS E 57 21.72 4.03 -34.62
N LEU E 58 21.64 3.11 -35.57
CA LEU E 58 22.75 2.20 -35.83
C LEU E 58 23.80 2.98 -36.58
N GLY E 59 25.06 2.53 -36.49
CA GLY E 59 26.10 3.25 -37.20
C GLY E 59 27.21 2.33 -37.67
N PHE E 60 27.48 2.44 -38.97
CA PHE E 60 28.58 1.75 -39.60
C PHE E 60 29.70 2.76 -39.67
N ASN E 61 30.95 2.30 -39.72
CA ASN E 61 32.09 3.18 -39.44
C ASN E 61 31.84 4.17 -38.30
N GLN E 62 32.75 5.13 -38.14
CA GLN E 62 32.60 6.19 -37.14
C GLN E 62 31.25 6.93 -37.11
N ARG E 63 30.48 6.82 -38.18
CA ARG E 63 29.26 7.61 -38.35
C ARG E 63 27.97 6.82 -38.13
N ARG E 64 26.87 7.52 -37.83
CA ARG E 64 25.58 6.88 -37.67
C ARG E 64 24.92 6.81 -39.06
N ILE E 65 23.64 6.45 -39.12
CA ILE E 65 22.97 6.30 -40.41
C ILE E 65 22.04 7.45 -40.86
N PHE E 66 22.52 8.15 -41.88
CA PHE E 66 21.79 9.21 -42.59
C PHE E 66 20.67 8.61 -43.45
N GLN E 67 19.63 9.40 -43.72
CA GLN E 67 18.52 8.93 -44.55
C GLN E 67 18.44 9.72 -45.86
N THR E 68 17.88 9.09 -46.89
CA THR E 68 17.78 9.72 -48.21
C THR E 68 16.74 8.99 -49.08
N ASN E 69 17.21 8.00 -49.85
CA ASN E 69 16.34 7.20 -50.73
C ASN E 69 15.73 8.02 -51.87
N LYS E 73 18.73 3.24 -49.17
CA LYS E 73 19.40 2.17 -49.91
C LYS E 73 19.32 0.84 -49.18
N THR E 74 20.35 0.02 -49.31
CA THR E 74 20.41 -1.29 -48.67
C THR E 74 21.66 -1.46 -47.80
N ILE E 75 21.73 -2.58 -47.08
CA ILE E 75 22.92 -2.95 -46.34
C ILE E 75 23.21 -4.44 -46.51
N THR E 76 24.50 -4.77 -46.57
CA THR E 76 24.97 -6.14 -46.80
C THR E 76 24.81 -7.11 -45.64
N LYS E 77 24.91 -8.40 -45.96
CA LYS E 77 24.95 -9.46 -44.96
C LYS E 77 26.18 -9.24 -44.10
N GLY E 78 25.97 -8.80 -42.86
CA GLY E 78 27.07 -8.57 -41.94
C GLY E 78 27.98 -7.41 -42.34
N SER E 79 28.04 -6.38 -41.50
CA SER E 79 28.86 -5.22 -41.83
C SER E 79 29.38 -4.53 -40.57
N ARG E 80 29.27 -5.24 -39.45
CA ARG E 80 29.69 -4.74 -38.14
C ARG E 80 29.13 -3.36 -37.83
N LEU E 81 27.87 -3.33 -37.41
CA LEU E 81 27.19 -2.08 -37.06
C LEU E 81 27.37 -1.77 -35.57
N SER E 82 27.29 -0.50 -35.21
CA SER E 82 27.45 -0.08 -33.82
C SER E 82 26.16 0.55 -33.32
N SER E 83 25.89 0.40 -32.03
CA SER E 83 24.72 1.02 -31.43
C SER E 83 24.99 1.36 -29.98
N ILE E 84 24.20 2.27 -29.44
CA ILE E 84 24.34 2.70 -28.05
C ILE E 84 22.95 2.93 -27.49
N ILE E 85 22.71 2.43 -26.27
CA ILE E 85 21.45 2.74 -25.61
C ILE E 85 21.71 3.17 -24.19
N ALA E 86 21.08 4.27 -23.76
CA ALA E 86 21.27 4.78 -22.42
C ALA E 86 19.92 5.02 -21.77
N PHE E 87 19.85 4.85 -20.46
CA PHE E 87 18.59 5.04 -19.76
C PHE E 87 18.75 5.15 -18.26
N SER E 88 17.65 5.50 -17.61
CA SER E 88 17.54 5.51 -16.17
C SER E 88 16.09 5.16 -15.88
N THR E 89 15.81 4.62 -14.71
CA THR E 89 14.47 4.18 -14.32
C THR E 89 14.55 3.38 -13.02
N GLN E 90 13.43 3.35 -12.30
CA GLN E 90 13.41 2.71 -10.98
C GLN E 90 13.03 1.23 -11.03
N ALA E 91 12.81 0.70 -12.23
CA ALA E 91 12.47 -0.72 -12.36
C ALA E 91 13.75 -1.54 -12.34
N ASN E 92 13.78 -2.56 -11.49
CA ASN E 92 15.00 -3.36 -11.31
C ASN E 92 15.42 -4.11 -12.56
N VAL E 93 16.47 -3.62 -13.21
CA VAL E 93 17.02 -4.25 -14.41
C VAL E 93 18.38 -4.91 -14.12
N LEU E 94 19.04 -4.36 -13.10
CA LEU E 94 20.41 -4.71 -12.66
C LEU E 94 20.96 -6.09 -13.06
N SER E 95 20.12 -7.11 -13.00
CA SER E 95 20.47 -8.45 -13.46
C SER E 95 20.13 -8.58 -14.94
N GLU E 96 18.82 -8.55 -15.19
CA GLU E 96 18.22 -8.65 -16.52
C GLU E 96 18.98 -8.05 -17.71
N VAL E 97 19.63 -6.90 -17.49
CA VAL E 97 20.46 -6.22 -18.50
C VAL E 97 21.18 -7.10 -19.53
N ALA E 98 22.02 -8.02 -19.03
CA ALA E 98 22.93 -8.86 -19.83
C ALA E 98 22.50 -9.20 -21.26
N ASP E 99 21.30 -9.78 -21.39
CA ASP E 99 20.68 -10.21 -22.65
C ASP E 99 21.41 -9.97 -23.98
N GLU E 100 21.40 -10.99 -24.83
CA GLU E 100 22.20 -11.00 -26.06
C GLU E 100 22.11 -12.37 -26.70
N GLY E 101 21.88 -12.38 -28.02
CA GLY E 101 21.81 -13.61 -28.77
C GLY E 101 21.45 -13.34 -30.21
N ILE E 102 20.76 -14.29 -30.84
CA ILE E 102 20.31 -14.09 -32.21
C ILE E 102 18.80 -13.89 -32.20
N PHE E 103 18.38 -12.64 -32.39
CA PHE E 103 16.97 -12.31 -32.29
C PHE E 103 16.30 -12.13 -33.63
N GLU E 104 14.99 -12.18 -33.59
CA GLU E 104 14.17 -12.21 -34.78
C GLU E 104 13.14 -11.09 -34.67
N THR E 105 13.14 -10.22 -35.65
CA THR E 105 12.25 -9.07 -35.66
C THR E 105 11.52 -9.07 -36.99
N VAL E 106 10.54 -8.18 -37.10
CA VAL E 106 9.80 -8.03 -38.35
C VAL E 106 10.64 -7.30 -39.40
N TYR E 107 11.77 -6.77 -38.98
CA TYR E 107 12.72 -6.17 -39.91
C TYR E 107 13.75 -7.20 -40.33
N GLY E 108 13.62 -8.40 -39.79
CA GLY E 108 14.52 -9.49 -40.17
C GLY E 108 15.27 -10.07 -39.00
N LYS E 109 16.29 -10.86 -39.30
CA LYS E 109 17.02 -11.59 -38.28
C LYS E 109 18.36 -10.93 -38.01
N PHE E 110 18.64 -10.64 -36.74
CA PHE E 110 19.87 -9.96 -36.36
C PHE E 110 20.59 -10.67 -35.22
N HIS E 111 21.91 -10.53 -35.16
CA HIS E 111 22.65 -11.03 -34.01
C HIS E 111 23.26 -9.88 -33.23
N ILE E 112 22.77 -9.69 -32.02
CA ILE E 112 23.26 -8.59 -31.19
C ILE E 112 24.16 -9.07 -30.06
N MET E 113 25.19 -8.28 -29.77
CA MET E 113 26.10 -8.56 -28.67
C MET E 113 26.30 -7.29 -27.86
N ILE E 114 27.16 -7.37 -26.85
CA ILE E 114 27.47 -6.21 -26.04
C ILE E 114 28.97 -6.03 -26.12
N GLU E 115 29.41 -4.84 -26.51
CA GLU E 115 30.84 -4.60 -26.61
C GLU E 115 31.28 -3.52 -25.63
N SER E 116 30.34 -3.07 -24.80
CA SER E 116 30.66 -2.08 -23.77
C SER E 116 29.54 -1.94 -22.76
N ILE E 117 29.93 -1.67 -21.52
CA ILE E 117 28.97 -1.38 -20.46
C ILE E 117 29.50 -0.28 -19.56
N GLU E 118 28.70 0.77 -19.41
CA GLU E 118 29.07 1.85 -18.52
C GLU E 118 27.91 2.13 -17.59
N ILE E 119 28.22 2.32 -16.32
CA ILE E 119 27.21 2.68 -15.35
C ILE E 119 27.74 3.88 -14.56
N VAL E 120 26.87 4.86 -14.34
CA VAL E 120 27.28 6.04 -13.62
C VAL E 120 26.17 6.51 -12.70
N GLU E 121 26.58 7.09 -11.57
CA GLU E 121 25.67 7.70 -10.61
C GLU E 121 25.54 9.19 -10.87
N VAL E 122 24.32 9.69 -10.88
CA VAL E 122 24.06 11.08 -11.26
C VAL E 122 24.79 12.03 -10.32
N GLU E 123 25.03 11.60 -9.09
CA GLU E 123 25.70 12.44 -8.11
C GLU E 123 27.21 12.49 -8.30
N LYS E 124 27.78 11.41 -8.85
CA LYS E 124 29.22 11.34 -9.04
C LYS E 124 29.78 12.17 -10.20
N LEU E 125 28.92 12.51 -11.17
CA LEU E 125 29.41 13.29 -12.31
C LEU E 125 29.86 14.69 -11.90
N LYS E 126 29.35 15.15 -10.75
CA LYS E 126 29.72 16.45 -10.23
C LYS E 126 31.21 16.49 -9.94
N GLU E 127 31.82 15.30 -9.86
CA GLU E 127 33.25 15.20 -9.63
C GLU E 127 34.02 15.52 -10.91
N GLU E 128 33.48 15.09 -12.05
CA GLU E 128 34.12 15.31 -13.34
C GLU E 128 34.18 16.78 -13.68
N VAL E 129 33.09 17.48 -13.37
CA VAL E 129 32.91 18.90 -13.64
C VAL E 129 34.13 19.71 -13.21
N GLU E 130 34.64 19.40 -12.02
CA GLU E 130 35.67 20.22 -11.42
C GLU E 130 36.96 20.20 -12.22
N LYS E 131 37.24 19.12 -12.95
CA LYS E 131 38.47 19.09 -13.73
C LYS E 131 38.30 19.71 -15.11
N HIS E 132 37.08 20.12 -15.42
CA HIS E 132 36.77 20.76 -16.69
C HIS E 132 36.36 22.21 -16.48
N MET E 133 36.58 22.72 -15.27
CA MET E 133 36.05 24.01 -14.90
C MET E 133 36.82 25.16 -15.55
N ASN E 134 37.91 24.83 -16.23
CA ASN E 134 38.72 25.84 -16.91
C ASN E 134 38.94 25.49 -18.37
N ASP E 135 38.14 24.56 -18.89
CA ASP E 135 38.23 24.14 -20.28
C ASP E 135 37.12 24.76 -21.13
N ASN E 136 37.40 24.90 -22.42
CA ASN E 136 36.38 25.25 -23.39
C ASN E 136 35.51 24.03 -23.65
N ILE E 137 34.20 24.27 -23.76
CA ILE E 137 33.23 23.19 -23.92
C ILE E 137 32.92 23.04 -25.40
N ARG E 138 33.13 21.84 -25.93
CA ARG E 138 32.78 21.54 -27.31
C ARG E 138 31.70 20.48 -27.35
N VAL E 139 30.57 20.82 -27.96
CA VAL E 139 29.48 19.88 -28.09
C VAL E 139 29.40 19.47 -29.55
N ARG E 140 29.47 18.16 -29.80
CA ARG E 140 29.37 17.62 -31.15
C ARG E 140 28.08 16.87 -31.38
N PHE E 141 27.29 17.32 -32.34
CA PHE E 141 26.05 16.65 -32.69
C PHE E 141 26.33 15.54 -33.71
N VAL E 142 26.43 14.30 -33.23
CA VAL E 142 26.74 13.19 -34.12
C VAL E 142 25.46 12.61 -34.71
N SER E 143 24.34 13.25 -34.37
CA SER E 143 23.04 12.90 -34.94
C SER E 143 22.21 14.18 -34.95
N PRO E 144 21.26 14.28 -35.89
CA PRO E 144 20.40 15.46 -36.01
C PRO E 144 19.71 15.82 -34.70
N THR E 145 19.95 17.04 -34.25
CA THR E 145 19.43 17.53 -32.98
C THR E 145 18.29 18.50 -33.19
N LEU E 146 17.14 18.18 -32.60
CA LEU E 146 15.95 18.98 -32.79
C LEU E 146 15.71 19.86 -31.56
N LEU E 147 15.86 21.16 -31.74
CA LEU E 147 15.64 22.12 -30.65
C LEU E 147 14.46 23.03 -30.93
N SER E 148 13.35 22.76 -30.25
CA SER E 148 12.18 23.63 -30.34
C SER E 148 12.54 24.96 -29.70
N SER E 149 12.19 26.06 -30.37
CA SER E 149 12.56 27.39 -29.88
C SER E 149 11.78 27.76 -28.63
N LYS E 150 10.54 27.29 -28.55
CA LYS E 150 9.68 27.65 -27.42
C LYS E 150 10.22 27.20 -26.06
N VAL E 151 11.23 26.34 -26.09
CA VAL E 151 11.94 25.95 -24.87
C VAL E 151 12.41 27.20 -24.11
N LEU E 152 12.73 28.26 -24.85
CA LEU E 152 13.14 29.51 -24.23
C LEU E 152 12.05 30.57 -24.29
N LEU E 153 10.80 30.14 -24.41
CA LEU E 153 9.69 31.08 -24.37
C LEU E 153 9.39 31.41 -22.91
N PRO E 154 9.16 32.71 -22.62
CA PRO E 154 8.82 33.12 -21.25
C PRO E 154 7.55 32.42 -20.80
N PRO E 155 7.62 31.70 -19.67
CA PRO E 155 6.57 30.80 -19.13
C PRO E 155 5.24 31.52 -18.94
N SER E 156 5.29 32.83 -18.70
CA SER E 156 4.09 33.64 -18.57
C SER E 156 3.19 33.51 -19.81
N LEU E 157 3.81 33.54 -20.99
CA LEU E 157 3.09 33.48 -22.25
C LEU E 157 2.89 32.06 -22.79
N SER E 158 3.21 31.05 -21.97
CA SER E 158 3.07 29.64 -22.39
C SER E 158 1.65 29.41 -22.88
N GLU E 159 0.70 30.05 -22.21
CA GLU E 159 -0.69 29.98 -22.59
C GLU E 159 -0.98 30.85 -23.83
N ARG E 160 -0.34 32.01 -23.93
CA ARG E 160 -0.59 32.88 -25.08
C ARG E 160 -0.35 32.21 -26.43
N TYR E 161 0.71 31.40 -26.54
CA TYR E 161 1.09 30.82 -27.83
C TYR E 161 0.94 29.29 -27.92
N LYS E 162 0.07 28.70 -27.12
CA LYS E 162 -0.09 27.24 -27.09
C LYS E 162 -0.41 26.62 -28.45
N LYS E 163 -1.06 27.38 -29.32
CA LYS E 163 -1.49 26.86 -30.61
C LYS E 163 -0.40 26.92 -31.65
N ILE E 164 0.38 27.99 -31.62
CA ILE E 164 1.45 28.19 -32.58
C ILE E 164 2.61 27.21 -32.35
N HIS E 165 3.01 26.54 -33.42
CA HIS E 165 4.12 25.60 -33.36
C HIS E 165 5.31 26.28 -34.04
N ALA E 166 6.23 26.79 -33.24
CA ALA E 166 7.33 27.58 -33.77
C ALA E 166 8.36 26.72 -34.48
N GLY E 167 8.30 25.42 -34.22
CA GLY E 167 9.20 24.48 -34.86
C GLY E 167 10.57 24.46 -34.22
N TYR E 168 11.54 23.91 -34.93
CA TYR E 168 12.87 23.71 -34.40
C TYR E 168 13.83 24.84 -34.74
N SER E 169 14.70 25.19 -33.79
CA SER E 169 15.76 26.15 -34.05
C SER E 169 17.01 25.43 -34.53
N THR E 170 17.18 25.31 -35.84
CA THR E 170 18.34 24.62 -36.42
C THR E 170 19.63 25.42 -36.21
N LEU E 171 19.54 26.50 -35.45
CA LEU E 171 20.69 27.30 -35.05
C LEU E 171 20.79 27.21 -33.53
N PRO E 172 21.72 26.39 -33.05
CA PRO E 172 21.77 26.06 -31.62
C PRO E 172 22.21 27.26 -30.79
N SER E 173 21.34 27.76 -29.92
CA SER E 173 21.77 28.76 -28.96
C SER E 173 22.48 27.98 -27.87
N VAL E 174 23.46 28.59 -27.21
CA VAL E 174 24.09 27.95 -26.07
C VAL E 174 23.02 27.78 -25.00
N GLY E 175 22.23 28.83 -24.83
CA GLY E 175 21.16 28.83 -23.85
C GLY E 175 20.10 27.77 -24.11
N LEU E 176 19.82 27.52 -25.39
CA LEU E 176 18.82 26.53 -25.74
C LEU E 176 19.33 25.12 -25.40
N ILE E 177 20.61 24.87 -25.67
CA ILE E 177 21.15 23.55 -25.43
C ILE E 177 21.26 23.30 -23.94
N VAL E 178 21.72 24.29 -23.18
CA VAL E 178 21.81 24.13 -21.73
C VAL E 178 20.42 24.05 -21.08
N ALA E 179 19.43 24.71 -21.69
CA ALA E 179 18.06 24.62 -21.19
C ALA E 179 17.51 23.22 -21.39
N TYR E 180 17.79 22.63 -22.55
CA TYR E 180 17.35 21.26 -22.81
C TYR E 180 18.03 20.29 -21.83
N ALA E 181 19.34 20.44 -21.70
CA ALA E 181 20.12 19.63 -20.79
C ALA E 181 19.55 19.71 -19.38
N TYR E 182 19.15 20.92 -19.01
CA TYR E 182 18.54 21.17 -17.72
C TYR E 182 17.21 20.45 -17.57
N ASN E 183 16.34 20.57 -18.57
CA ASN E 183 15.04 19.90 -18.52
C ASN E 183 15.15 18.39 -18.38
N VAL E 184 16.02 17.77 -19.18
CA VAL E 184 16.17 16.33 -19.08
C VAL E 184 16.74 15.95 -17.71
N TYR E 185 17.78 16.67 -17.25
CA TYR E 185 18.36 16.43 -15.94
C TYR E 185 17.31 16.52 -14.83
N CYS E 186 16.51 17.56 -14.93
CA CYS E 186 15.51 17.87 -13.92
C CYS E 186 14.45 16.79 -13.85
N ASN E 187 13.93 16.40 -15.01
CA ASN E 187 12.98 15.29 -15.06
C ASN E 187 13.61 14.00 -14.55
N LEU E 188 14.92 13.88 -14.78
CA LEU E 188 15.68 12.70 -14.38
C LEU E 188 15.78 12.57 -12.85
N ILE E 189 16.03 13.67 -12.15
CA ILE E 189 16.19 13.59 -10.70
C ILE E 189 14.90 13.86 -9.95
N GLY E 190 13.78 13.85 -10.68
CA GLY E 190 12.47 13.97 -10.09
C GLY E 190 12.21 15.34 -9.52
N LYS E 191 12.55 16.37 -10.29
CA LYS E 191 12.29 17.74 -9.89
C LYS E 191 11.24 18.30 -10.81
N LYS E 192 10.12 18.71 -10.24
CA LYS E 192 9.07 19.24 -11.05
C LYS E 192 8.99 20.74 -10.98
N GLU E 193 7.92 21.28 -11.59
CA GLU E 193 7.67 22.71 -11.75
C GLU E 193 8.95 23.54 -11.89
N VAL E 194 9.72 23.24 -12.93
CA VAL E 194 11.08 23.72 -13.13
C VAL E 194 11.18 24.75 -14.28
N GLU E 195 10.05 24.98 -14.94
CA GLU E 195 9.92 25.84 -16.11
C GLU E 195 10.63 27.20 -16.03
N VAL E 196 10.32 28.00 -15.01
CA VAL E 196 10.88 29.34 -14.92
C VAL E 196 12.38 29.39 -14.69
N ARG E 197 12.89 28.47 -13.88
CA ARG E 197 14.34 28.39 -13.68
C ARG E 197 15.03 28.03 -14.98
N ALA E 198 14.41 27.16 -15.75
CA ALA E 198 14.95 26.77 -17.04
C ALA E 198 15.02 27.99 -17.94
N PHE E 199 13.91 28.70 -18.06
CA PHE E 199 13.85 29.94 -18.84
C PHE E 199 14.98 30.89 -18.49
N LYS E 200 15.04 31.30 -17.22
CA LYS E 200 16.07 32.23 -16.77
C LYS E 200 17.46 31.71 -17.08
N PHE E 201 17.67 30.41 -16.84
CA PHE E 201 18.97 29.79 -17.09
C PHE E 201 19.41 29.94 -18.54
N GLY E 202 18.54 29.52 -19.46
CA GLY E 202 18.82 29.63 -20.88
C GLY E 202 19.10 31.04 -21.35
N ILE E 203 18.16 31.95 -21.06
CA ILE E 203 18.31 33.34 -21.45
C ILE E 203 19.65 33.87 -20.95
N LEU E 204 19.95 33.58 -19.69
CA LEU E 204 21.17 34.08 -19.07
C LEU E 204 22.39 33.53 -19.77
N SER E 205 22.39 32.22 -19.97
CA SER E 205 23.54 31.54 -20.56
C SER E 205 23.84 32.02 -21.96
N ASN E 206 22.83 32.16 -22.82
CA ASN E 206 23.15 32.61 -24.18
C ASN E 206 23.38 34.11 -24.24
N ALA E 207 22.97 34.83 -23.20
CA ALA E 207 23.23 36.26 -23.17
C ALA E 207 24.65 36.55 -22.68
N LEU E 208 25.24 35.68 -21.86
CA LEU E 208 26.59 35.95 -21.36
C LEU E 208 27.64 34.92 -21.76
N SER E 209 27.35 34.07 -22.73
CA SER E 209 28.38 33.12 -23.15
C SER E 209 29.05 33.61 -24.42
N ARG E 210 30.31 33.25 -24.56
CA ARG E 210 31.06 33.57 -25.76
C ARG E 210 31.32 32.30 -26.54
N ILE E 211 30.85 32.32 -27.78
CA ILE E 211 30.92 31.17 -28.66
C ILE E 211 32.25 31.23 -29.40
N ILE E 212 33.09 30.22 -29.18
CA ILE E 212 34.46 30.25 -29.69
C ILE E 212 34.55 29.86 -31.15
N GLY E 213 33.96 28.73 -31.49
CA GLY E 213 33.99 28.28 -32.87
C GLY E 213 32.84 27.36 -33.15
N TYR E 214 32.63 27.02 -34.42
CA TYR E 214 31.57 26.09 -34.79
C TYR E 214 31.67 25.68 -36.23
N ASP E 215 31.11 24.51 -36.54
CA ASP E 215 30.92 24.09 -37.91
C ASP E 215 29.54 23.45 -37.90
N LEU E 216 28.54 24.26 -38.18
CA LEU E 216 27.16 23.82 -38.12
C LEU E 216 26.50 23.78 -39.49
N HIS E 217 25.52 22.89 -39.63
CA HIS E 217 24.72 22.80 -40.84
C HIS E 217 23.35 22.18 -40.55
N PRO E 218 22.29 22.82 -41.05
CA PRO E 218 20.94 22.28 -40.88
C PRO E 218 20.76 21.04 -41.73
N VAL E 219 20.12 20.01 -41.19
CA VAL E 219 19.85 18.82 -41.97
C VAL E 219 18.36 18.45 -41.90
N THR E 220 17.87 17.78 -42.93
CA THR E 220 16.51 17.25 -42.94
C THR E 220 16.52 15.76 -42.72
N VAL E 221 15.74 15.34 -41.72
CA VAL E 221 15.72 13.95 -41.28
C VAL E 221 14.35 13.31 -41.47
N ALA E 222 14.31 12.01 -41.78
CA ALA E 222 13.04 11.28 -41.91
C ALA E 222 12.76 10.49 -40.62
N ILE E 223 11.48 10.45 -40.24
CA ILE E 223 11.09 9.80 -38.99
C ILE E 223 9.93 8.83 -39.16
N GLY E 224 9.64 8.46 -40.41
CA GLY E 224 8.56 7.54 -40.70
C GLY E 224 7.59 8.08 -41.73
N GLU E 225 6.48 7.37 -41.97
CA GLU E 225 6.04 6.27 -41.12
C GLU E 225 6.47 4.91 -41.65
N LEU E 231 6.55 10.17 -44.33
CA LEU E 231 5.45 11.10 -44.16
C LEU E 231 5.68 11.96 -42.90
N ARG E 232 6.81 11.73 -42.25
CA ARG E 232 7.14 12.38 -40.98
C ARG E 232 8.02 13.60 -41.21
N LYS E 233 9.31 13.33 -41.18
CA LYS E 233 10.41 14.24 -41.47
C LYS E 233 10.44 15.54 -40.66
N ALA E 234 11.64 16.11 -40.56
CA ALA E 234 11.88 17.28 -39.71
C ALA E 234 13.18 17.99 -40.08
N ARG E 235 13.39 19.20 -39.54
CA ARG E 235 14.67 19.88 -39.75
C ARG E 235 15.42 20.09 -38.43
N GLY E 236 16.69 19.67 -38.38
CA GLY E 236 17.50 19.81 -37.20
C GLY E 236 18.89 20.31 -37.51
N VAL E 237 19.81 20.11 -36.56
CA VAL E 237 21.17 20.62 -36.71
C VAL E 237 22.20 19.51 -36.62
N MET E 238 23.29 19.68 -37.36
CA MET E 238 24.45 18.82 -37.16
C MET E 238 25.74 19.61 -37.24
N GLY E 239 26.82 18.99 -36.76
CA GLY E 239 28.11 19.67 -36.71
C GLY E 239 28.56 19.84 -35.28
N TRP E 240 29.41 20.81 -35.02
CA TRP E 240 29.88 21.02 -33.65
C TRP E 240 29.89 22.48 -33.26
N ILE E 241 29.90 22.74 -31.95
CA ILE E 241 29.97 24.09 -31.43
C ILE E 241 30.77 24.17 -30.14
N GLU E 242 31.73 25.07 -30.10
CA GLU E 242 32.62 25.21 -28.96
C GLU E 242 32.50 26.60 -28.37
N PHE E 243 32.16 26.65 -27.08
CA PHE E 243 31.91 27.89 -26.36
C PHE E 243 32.50 27.87 -24.96
N ASP E 244 32.36 29.00 -24.27
CA ASP E 244 32.80 29.13 -22.89
C ASP E 244 31.81 30.02 -22.12
N ILE E 245 31.67 29.79 -20.82
CA ILE E 245 30.81 30.62 -19.98
C ILE E 245 31.61 31.30 -18.86
N PRO E 246 31.81 32.63 -18.98
CA PRO E 246 32.64 33.45 -18.07
C PRO E 246 32.20 33.42 -16.61
N ASP E 247 30.95 33.06 -16.37
CA ASP E 247 30.38 33.01 -15.03
C ASP E 247 30.54 31.62 -14.41
N GLU E 248 31.12 31.59 -13.20
CA GLU E 248 31.51 30.35 -12.53
C GLU E 248 30.34 29.41 -12.17
N ARG E 249 29.30 29.94 -11.53
CA ARG E 249 28.16 29.13 -11.12
C ARG E 249 27.38 28.65 -12.33
N LEU E 250 27.20 29.56 -13.29
CA LEU E 250 26.50 29.25 -14.54
C LEU E 250 27.23 28.12 -15.24
N LYS E 251 28.56 28.24 -15.35
CA LYS E 251 29.39 27.23 -15.97
C LYS E 251 29.29 25.88 -15.25
N ARG E 252 29.30 25.90 -13.92
CA ARG E 252 29.21 24.66 -13.15
C ARG E 252 27.87 23.96 -13.46
N ARG E 253 26.79 24.72 -13.40
CA ARG E 253 25.45 24.20 -13.74
C ARG E 253 25.46 23.59 -15.14
N ALA E 254 26.03 24.32 -16.08
CA ALA E 254 26.10 23.92 -17.47
C ALA E 254 26.81 22.59 -17.63
N LEU E 255 28.05 22.50 -17.13
CA LEU E 255 28.80 21.25 -17.15
C LEU E 255 28.01 20.10 -16.57
N ASN E 256 27.34 20.36 -15.45
CA ASN E 256 26.55 19.32 -14.82
C ASN E 256 25.48 18.76 -15.73
N TYR E 257 24.58 19.62 -16.19
CA TYR E 257 23.50 19.19 -17.07
C TYR E 257 24.01 18.54 -18.36
N LEU E 258 25.06 19.13 -18.92
CA LEU E 258 25.63 18.66 -20.17
C LEU E 258 26.23 17.26 -20.05
N LEU E 259 26.92 16.98 -18.95
CA LEU E 259 27.47 15.64 -18.74
C LEU E 259 26.38 14.56 -18.80
N THR E 260 25.23 14.83 -18.21
CA THR E 260 24.10 13.92 -18.33
C THR E 260 23.60 13.83 -19.77
N SER E 261 23.47 14.96 -20.46
CA SER E 261 23.03 14.89 -21.86
C SER E 261 24.04 14.14 -22.74
N SER E 262 25.28 14.04 -22.28
CA SER E 262 26.31 13.29 -22.98
C SER E 262 26.00 11.79 -22.92
N TYR E 263 25.00 11.44 -22.13
CA TYR E 263 24.54 10.07 -22.02
C TYR E 263 23.14 9.96 -22.62
N LEU E 264 22.25 10.84 -22.20
CA LEU E 264 20.84 10.76 -22.54
C LEU E 264 20.46 11.52 -23.81
N GLY E 265 21.42 12.25 -24.36
CA GLY E 265 21.19 13.01 -25.57
C GLY E 265 20.65 14.39 -25.25
N ILE E 266 20.48 15.22 -26.27
CA ILE E 266 20.03 16.59 -26.07
C ILE E 266 18.92 16.94 -27.05
N GLY E 267 17.98 17.78 -26.62
CA GLY E 267 16.84 18.16 -27.43
C GLY E 267 15.86 17.01 -27.57
N ARG E 268 14.78 17.17 -28.33
CA ARG E 268 13.94 16.02 -28.66
C ARG E 268 14.42 15.45 -29.98
N SER E 269 14.07 14.22 -30.31
CA SER E 269 13.43 13.29 -29.39
C SER E 269 14.38 12.14 -29.20
N ARG E 270 15.09 12.17 -28.07
CA ARG E 270 16.14 11.20 -27.79
C ARG E 270 15.59 9.78 -27.75
N GLY E 271 14.27 9.65 -27.62
CA GLY E 271 13.62 8.36 -27.57
C GLY E 271 13.69 7.55 -28.85
N ILE E 272 14.10 8.19 -29.96
CA ILE E 272 14.25 7.49 -31.24
C ILE E 272 15.60 7.70 -31.94
N GLY E 273 16.58 8.24 -31.22
CA GLY E 273 17.94 8.33 -31.74
C GLY E 273 18.44 9.72 -32.13
N PHE E 274 17.57 10.71 -31.99
CA PHE E 274 17.91 12.09 -32.34
C PHE E 274 18.57 12.81 -31.17
N GLY E 275 19.52 13.68 -31.49
CA GLY E 275 20.15 14.49 -30.46
C GLY E 275 21.29 13.79 -29.75
N GLU E 276 21.90 12.80 -30.41
CA GLU E 276 23.09 12.19 -29.86
C GLU E 276 24.23 13.19 -29.88
N ILE E 277 24.93 13.31 -28.76
CA ILE E 277 26.02 14.27 -28.64
C ILE E 277 27.30 13.65 -28.10
N ARG E 278 28.43 14.27 -28.43
CA ARG E 278 29.72 13.91 -27.87
C ARG E 278 30.24 15.17 -27.20
N LEU E 279 30.72 15.05 -25.97
CA LEU E 279 31.24 16.22 -25.29
C LEU E 279 32.77 16.14 -25.32
N GLU E 280 33.41 17.25 -25.67
CA GLU E 280 34.86 17.33 -25.68
C GLU E 280 35.26 18.64 -25.04
N PHE E 281 36.53 18.77 -24.66
CA PHE E 281 36.96 19.93 -23.90
C PHE E 281 38.34 20.34 -24.38
N ARG E 282 38.71 21.60 -24.17
CA ARG E 282 40.03 22.03 -24.58
C ARG E 282 40.66 23.00 -23.58
N LYS E 283 41.98 22.96 -23.43
CA LYS E 283 42.65 23.82 -22.46
C LYS E 283 42.93 25.19 -23.07
N ILE E 284 42.94 26.22 -22.23
CA ILE E 284 43.07 27.60 -22.66
C ILE E 284 44.44 28.19 -22.36
N MET G 1 28.31 -2.64 12.78
CA MET G 1 27.33 -1.97 13.63
C MET G 1 27.83 -0.61 14.12
N PRO G 2 27.01 0.43 13.99
CA PRO G 2 27.34 1.79 14.42
C PRO G 2 26.99 2.03 15.89
N LEU G 3 27.74 2.91 16.54
CA LEU G 3 27.45 3.24 17.93
C LEU G 3 27.88 4.67 18.27
N ILE G 4 27.35 5.19 19.36
CA ILE G 4 27.56 6.58 19.77
C ILE G 4 28.31 6.71 21.08
N PHE G 5 29.27 7.63 21.10
CA PHE G 5 29.98 7.97 22.32
C PHE G 5 29.53 9.35 22.82
N LYS G 6 29.18 9.42 24.10
CA LYS G 6 28.90 10.68 24.75
C LYS G 6 29.87 10.89 25.92
N ILE G 7 30.76 11.87 25.78
CA ILE G 7 31.73 12.18 26.81
C ILE G 7 31.41 13.51 27.50
N GLY G 8 31.37 13.47 28.82
CA GLY G 8 31.15 14.66 29.62
C GLY G 8 32.45 15.19 30.15
N TYR G 9 32.83 16.37 29.67
CA TYR G 9 34.11 16.97 30.00
C TYR G 9 33.91 18.09 31.01
N ASN G 10 34.87 18.24 31.92
CA ASN G 10 34.86 19.37 32.84
C ASN G 10 36.05 20.25 32.54
N VAL G 11 35.78 21.49 32.14
CA VAL G 11 36.84 22.38 31.69
C VAL G 11 37.01 23.57 32.64
N ILE G 12 38.23 23.75 33.13
CA ILE G 12 38.53 24.90 33.95
C ILE G 12 39.66 25.70 33.35
N PRO G 13 39.46 27.01 33.25
CA PRO G 13 40.54 27.87 32.77
C PRO G 13 41.46 28.22 33.91
N LEU G 14 42.72 28.44 33.55
CA LEU G 14 43.72 28.85 34.51
C LEU G 14 43.77 30.38 34.46
N GLN G 15 43.71 31.00 33.28
CA GLN G 15 43.61 32.44 33.31
C GLN G 15 42.18 33.02 33.11
N ASP G 16 42.13 34.33 33.23
CA ASP G 16 40.99 35.07 32.83
C ASP G 16 40.99 35.12 31.31
N VAL G 17 39.85 34.75 30.75
CA VAL G 17 39.83 34.62 29.30
C VAL G 17 38.52 35.09 28.68
N ILE G 18 38.61 35.61 27.47
CA ILE G 18 37.42 35.92 26.73
C ILE G 18 37.20 34.72 25.83
N LEU G 19 36.07 34.05 25.99
CA LEU G 19 35.75 32.88 25.20
C LEU G 19 35.45 33.31 23.78
N PRO G 20 35.73 32.45 22.80
CA PRO G 20 35.44 32.82 21.41
C PRO G 20 33.96 32.62 21.08
N THR G 21 33.58 32.95 19.85
CA THR G 21 32.19 32.78 19.41
C THR G 21 32.14 31.84 18.21
N PRO G 22 31.47 30.69 18.36
CA PRO G 22 30.77 30.22 19.56
C PRO G 22 31.72 29.60 20.60
N SER G 23 31.18 29.32 21.79
CA SER G 23 31.98 28.91 22.93
C SER G 23 32.64 27.54 22.79
N SER G 24 32.19 26.77 21.79
CA SER G 24 32.70 25.43 21.56
C SER G 24 34.08 25.44 20.90
N LYS G 25 34.38 26.57 20.26
CA LYS G 25 35.59 26.75 19.46
C LYS G 25 36.87 26.26 20.14
N VAL G 26 36.94 26.46 21.45
CA VAL G 26 38.12 26.05 22.22
C VAL G 26 38.39 24.56 21.99
N LEU G 27 37.39 23.72 22.24
CA LEU G 27 37.53 22.29 22.05
C LEU G 27 37.84 22.01 20.59
N LYS G 28 37.22 22.79 19.70
CA LYS G 28 37.41 22.60 18.27
C LYS G 28 38.88 22.85 17.93
N TYR G 29 39.48 23.84 18.60
CA TYR G 29 40.87 24.16 18.32
C TYR G 29 41.69 22.96 18.75
N LEU G 30 41.31 22.35 19.87
CA LEU G 30 42.05 21.20 20.37
C LEU G 30 41.96 20.05 19.39
N ILE G 31 40.85 19.98 18.65
CA ILE G 31 40.72 18.92 17.66
C ILE G 31 41.55 19.37 16.49
N GLN G 32 41.48 20.67 16.21
CA GLN G 32 42.23 21.27 15.12
C GLN G 32 43.75 21.29 15.35
N SER G 33 44.21 20.78 16.49
CA SER G 33 45.64 20.80 16.81
C SER G 33 46.24 19.43 17.10
N GLY G 34 45.38 18.41 17.16
CA GLY G 34 45.83 17.04 17.30
C GLY G 34 46.38 16.59 18.63
N LYS G 35 45.59 16.76 19.68
CA LYS G 35 46.00 16.31 21.01
C LYS G 35 45.10 15.20 21.49
N LEU G 36 44.06 15.59 22.21
CA LEU G 36 43.04 14.64 22.61
C LEU G 36 42.19 14.35 21.37
N ILE G 37 41.88 13.07 21.20
CA ILE G 37 41.27 12.46 20.00
C ILE G 37 41.31 13.31 18.70
N PRO G 38 42.48 13.34 18.03
CA PRO G 38 42.68 14.10 16.79
C PRO G 38 41.96 13.45 15.59
N SER G 39 41.61 12.17 15.72
CA SER G 39 40.96 11.43 14.63
C SER G 39 39.63 12.05 14.17
N LEU G 40 39.32 13.25 14.66
CA LEU G 40 38.07 13.93 14.35
C LEU G 40 38.27 15.11 13.38
N LYS G 41 39.53 15.36 13.03
CA LYS G 41 39.95 16.53 12.24
C LYS G 41 38.97 16.85 11.14
N ASP G 42 39.06 15.99 10.14
CA ASP G 42 38.27 16.09 8.94
C ASP G 42 36.79 16.12 9.25
N LEU G 43 36.32 15.25 10.15
CA LEU G 43 34.89 15.23 10.46
C LEU G 43 34.40 16.56 11.02
N ILE G 44 35.25 17.26 11.77
CA ILE G 44 34.81 18.51 12.35
C ILE G 44 34.85 19.59 11.28
N THR G 45 35.64 19.35 10.23
CA THR G 45 35.77 20.32 9.15
C THR G 45 34.87 19.98 7.97
N SER G 46 34.37 18.75 7.96
CA SER G 46 33.51 18.26 6.89
C SER G 46 32.29 19.15 6.71
N ARG G 47 31.80 19.21 5.48
CA ARG G 47 30.61 19.99 5.18
C ARG G 47 29.49 19.06 4.74
N ASP G 48 29.62 17.78 5.07
CA ASP G 48 28.62 16.80 4.67
C ASP G 48 27.32 17.00 5.45
N LYS G 49 26.21 16.82 4.76
CA LYS G 49 24.88 17.08 5.29
C LYS G 49 24.58 16.18 6.48
N TYR G 50 24.17 16.80 7.59
CA TYR G 50 23.74 16.09 8.79
C TYR G 50 24.80 15.15 9.38
N LYS G 51 26.05 15.62 9.45
CA LYS G 51 27.13 14.79 9.96
C LYS G 51 26.89 14.45 11.44
N PRO G 52 27.19 13.20 11.83
CA PRO G 52 26.95 12.75 13.21
C PRO G 52 28.04 13.21 14.17
N ILE G 53 28.18 14.53 14.34
CA ILE G 53 29.16 15.09 15.26
C ILE G 53 28.56 16.25 16.04
N PHE G 54 28.75 16.23 17.34
CA PHE G 54 28.22 17.27 18.21
C PHE G 54 29.23 17.74 19.24
N ILE G 55 29.56 19.03 19.16
CA ILE G 55 30.47 19.67 20.11
C ILE G 55 29.78 20.84 20.84
N SER G 56 29.39 20.62 22.09
CA SER G 56 28.55 21.58 22.78
C SER G 56 29.28 22.86 23.17
N HIS G 57 28.51 23.90 23.46
CA HIS G 57 29.09 25.10 24.03
C HIS G 57 29.53 24.81 25.44
N LEU G 58 30.40 25.67 25.96
CA LEU G 58 30.80 25.63 27.36
C LEU G 58 29.78 26.32 28.24
N GLY G 59 29.77 25.95 29.52
CA GLY G 59 28.88 26.61 30.45
C GLY G 59 28.84 26.05 31.86
N PHE G 60 28.95 26.93 32.86
CA PHE G 60 28.72 26.55 34.24
C PHE G 60 27.26 26.88 34.48
N ASN G 61 26.73 26.52 35.65
CA ASN G 61 25.29 26.36 35.91
C ASN G 61 24.50 25.83 34.71
N GLN G 62 23.17 25.85 34.80
CA GLN G 62 22.35 25.40 33.67
C GLN G 62 22.86 25.95 32.35
N ARG G 63 23.10 27.25 32.34
CA ARG G 63 23.36 27.93 31.10
C ARG G 63 24.55 27.38 30.33
N ARG G 64 24.42 27.47 29.02
CA ARG G 64 25.44 27.04 28.09
C ARG G 64 26.27 28.24 27.64
N ILE G 65 26.27 29.28 28.47
CA ILE G 65 26.94 30.55 28.18
C ILE G 65 26.45 31.16 26.87
N PHE G 66 25.64 32.21 26.99
CA PHE G 66 25.14 32.95 25.84
C PHE G 66 26.27 33.71 25.14
N GLN G 67 26.10 33.97 23.85
CA GLN G 67 27.13 34.68 23.09
C GLN G 67 26.73 36.04 22.53
N THR G 68 27.76 36.86 22.26
CA THR G 68 27.65 38.24 21.73
C THR G 68 26.32 38.97 21.92
N ASN G 69 25.27 38.42 21.31
CA ASN G 69 23.90 38.97 21.31
C ASN G 69 23.80 40.48 21.51
N LYS G 73 33.20 39.59 27.58
CA LYS G 73 32.55 38.67 28.52
C LYS G 73 33.42 38.44 29.76
N THR G 74 34.58 37.84 29.54
CA THR G 74 35.58 37.51 30.55
C THR G 74 35.06 36.75 31.77
N ILE G 75 35.46 35.49 31.86
CA ILE G 75 35.21 34.70 33.06
C ILE G 75 36.47 34.64 33.93
N THR G 76 36.30 34.57 35.24
CA THR G 76 37.41 34.54 36.19
C THR G 76 38.10 33.17 36.23
N LYS G 77 39.35 33.15 36.72
CA LYS G 77 40.15 31.93 36.81
C LYS G 77 39.43 30.84 37.63
N GLY G 78 39.87 29.59 37.50
CA GLY G 78 39.33 28.47 38.26
C GLY G 78 37.83 28.18 38.18
N SER G 79 37.16 28.83 37.25
CA SER G 79 35.72 28.66 37.07
C SER G 79 35.41 27.28 36.48
N ARG G 80 34.59 26.51 37.19
CA ARG G 80 34.28 25.15 36.76
C ARG G 80 33.25 25.12 35.62
N LEU G 81 33.74 25.24 34.38
CA LEU G 81 32.90 25.19 33.19
C LEU G 81 32.65 23.75 32.76
N SER G 82 31.57 23.56 32.01
CA SER G 82 31.14 22.23 31.59
C SER G 82 31.19 22.10 30.07
N SER G 83 31.36 20.87 29.58
CA SER G 83 31.30 20.62 28.15
C SER G 83 30.77 19.21 27.89
N ILE G 84 30.24 19.02 26.68
CA ILE G 84 29.68 17.74 26.25
C ILE G 84 30.08 17.46 24.82
N ILE G 85 30.51 16.24 24.56
CA ILE G 85 30.86 15.84 23.20
C ILE G 85 30.16 14.55 22.84
N ALA G 86 29.48 14.52 21.69
CA ALA G 86 28.85 13.28 21.27
C ALA G 86 29.14 13.02 19.81
N PHE G 87 29.33 11.76 19.45
CA PHE G 87 29.63 11.43 18.06
C PHE G 87 29.54 9.94 17.72
N SER G 88 29.66 9.64 16.43
CA SER G 88 29.70 8.26 15.97
C SER G 88 30.63 8.20 14.76
N THR G 89 31.22 7.04 14.51
CA THR G 89 32.23 6.86 13.45
C THR G 89 32.94 5.50 13.56
N GLN G 90 33.54 5.08 12.45
CA GLN G 90 34.16 3.76 12.39
C GLN G 90 35.60 3.75 12.92
N ALA G 91 36.10 4.90 13.36
CA ALA G 91 37.48 4.96 13.86
C ALA G 91 37.59 4.54 15.33
N ASN G 92 38.47 3.57 15.59
CA ASN G 92 38.65 3.02 16.93
C ASN G 92 39.22 4.01 17.94
N VAL G 93 38.40 4.46 18.87
CA VAL G 93 38.88 5.39 19.89
C VAL G 93 39.01 4.73 21.26
N LEU G 94 38.15 3.72 21.50
CA LEU G 94 38.00 3.03 22.79
C LEU G 94 39.15 3.06 23.80
N SER G 95 40.40 3.02 23.32
CA SER G 95 41.55 3.15 24.19
C SER G 95 41.88 4.62 24.42
N GLU G 96 42.36 5.30 23.38
CA GLU G 96 42.73 6.73 23.42
C GLU G 96 41.88 7.66 24.31
N VAL G 97 40.57 7.39 24.44
CA VAL G 97 39.66 8.18 25.28
C VAL G 97 40.29 8.87 26.50
N ALA G 98 40.87 8.05 27.38
CA ALA G 98 41.39 8.46 28.69
C ALA G 98 41.81 9.92 28.78
N ASP G 99 42.81 10.29 27.98
CA ASP G 99 43.42 11.63 27.89
C ASP G 99 42.80 12.78 28.72
N GLU G 100 43.66 13.60 29.30
CA GLU G 100 43.26 14.64 30.24
C GLU G 100 44.51 15.30 30.79
N GLY G 101 44.51 16.62 30.83
CA GLY G 101 45.65 17.36 31.34
C GLY G 101 45.55 18.86 31.22
N ILE G 102 46.72 19.47 31.06
CA ILE G 102 46.85 20.92 30.92
C ILE G 102 47.20 21.30 29.49
N PHE G 103 46.22 21.81 28.76
CA PHE G 103 46.37 22.13 27.35
C PHE G 103 46.42 23.63 27.15
N GLU G 104 46.89 24.06 25.98
CA GLU G 104 47.05 25.48 25.70
C GLU G 104 46.47 25.81 24.35
N THR G 105 45.58 26.81 24.33
CA THR G 105 44.89 27.22 23.13
C THR G 105 45.18 28.69 22.94
N VAL G 106 44.79 29.24 21.78
CA VAL G 106 44.99 30.66 21.51
C VAL G 106 44.01 31.53 22.28
N TYR G 107 43.05 30.87 22.93
CA TYR G 107 42.08 31.54 23.77
C TYR G 107 42.60 31.54 25.21
N GLY G 108 43.77 30.93 25.40
CA GLY G 108 44.40 30.89 26.70
C GLY G 108 44.72 29.49 27.20
N LYS G 109 45.05 29.37 28.48
CA LYS G 109 45.53 28.10 29.02
C LYS G 109 44.46 27.40 29.84
N PHE G 110 44.22 26.13 29.53
CA PHE G 110 43.12 25.39 30.16
C PHE G 110 43.56 24.07 30.77
N HIS G 111 42.82 23.64 31.77
CA HIS G 111 43.01 22.31 32.32
C HIS G 111 41.76 21.49 32.06
N ILE G 112 41.90 20.40 31.31
CA ILE G 112 40.75 19.56 30.99
C ILE G 112 40.75 18.31 31.87
N MET G 113 39.57 17.92 32.32
CA MET G 113 39.43 16.70 33.07
C MET G 113 38.22 16.00 32.46
N ILE G 114 37.97 14.76 32.87
CA ILE G 114 36.86 14.01 32.33
C ILE G 114 36.00 13.63 33.50
N GLU G 115 34.71 13.96 33.43
CA GLU G 115 33.81 13.63 34.52
C GLU G 115 32.79 12.61 34.06
N SER G 116 32.87 12.18 32.80
CA SER G 116 31.97 11.15 32.30
C SER G 116 32.33 10.61 30.92
N ILE G 117 32.09 9.31 30.75
CA ILE G 117 32.18 8.66 29.45
C ILE G 117 31.10 7.59 29.37
N GLU G 118 30.21 7.72 28.39
CA GLU G 118 29.15 6.73 28.21
C GLU G 118 29.08 6.31 26.75
N ILE G 119 28.82 5.03 26.53
CA ILE G 119 28.73 4.50 25.18
C ILE G 119 27.40 3.79 24.98
N VAL G 120 26.81 3.99 23.80
CA VAL G 120 25.52 3.40 23.51
C VAL G 120 25.47 2.87 22.09
N GLU G 121 24.79 1.75 21.91
CA GLU G 121 24.54 1.22 20.57
C GLU G 121 23.14 1.60 20.11
N VAL G 122 23.04 2.12 18.89
CA VAL G 122 21.80 2.75 18.43
C VAL G 122 20.61 1.80 18.40
N GLU G 123 20.89 0.51 18.30
CA GLU G 123 19.85 -0.50 18.19
C GLU G 123 19.22 -0.78 19.55
N LYS G 124 20.00 -0.60 20.62
CA LYS G 124 19.48 -0.88 21.94
C LYS G 124 18.50 0.19 22.41
N LEU G 125 18.53 1.36 21.77
CA LEU G 125 17.59 2.41 22.17
C LEU G 125 16.15 2.03 21.83
N LYS G 126 15.96 1.11 20.89
CA LYS G 126 14.61 0.64 20.57
C LYS G 126 13.99 -0.04 21.78
N GLU G 127 14.84 -0.46 22.72
CA GLU G 127 14.35 -1.07 23.93
C GLU G 127 13.84 0.04 24.84
N GLU G 128 14.56 1.15 24.82
CA GLU G 128 14.22 2.33 25.60
C GLU G 128 12.93 2.97 25.09
N VAL G 129 12.72 2.88 23.78
CA VAL G 129 11.52 3.43 23.15
C VAL G 129 10.19 2.96 23.76
N GLU G 130 10.04 1.65 23.91
CA GLU G 130 8.77 1.04 24.28
C GLU G 130 8.28 1.44 25.66
N LYS G 131 9.21 1.82 26.53
CA LYS G 131 8.85 2.21 27.88
C LYS G 131 8.38 3.65 27.97
N HIS G 132 8.44 4.38 26.86
CA HIS G 132 7.95 5.76 26.85
C HIS G 132 6.77 5.93 25.91
N MET G 133 6.19 4.83 25.46
CA MET G 133 5.13 4.87 24.45
C MET G 133 3.82 5.45 24.99
N ASN G 134 3.79 5.75 26.28
CA ASN G 134 2.61 6.33 26.91
C ASN G 134 2.96 7.65 27.55
N ASP G 135 4.15 8.14 27.22
CA ASP G 135 4.62 9.37 27.82
C ASP G 135 4.38 10.54 26.90
N ASN G 136 4.15 11.70 27.50
CA ASN G 136 4.18 12.94 26.79
C ASN G 136 5.65 13.27 26.64
N ILE G 137 6.01 13.69 25.44
CA ILE G 137 7.41 13.96 25.13
C ILE G 137 7.64 15.45 25.29
N ARG G 138 8.61 15.79 26.13
CA ARG G 138 9.02 17.17 26.29
C ARG G 138 10.45 17.32 25.81
N VAL G 139 10.61 18.18 24.83
CA VAL G 139 11.89 18.43 24.21
C VAL G 139 12.33 19.79 24.71
N ARG G 140 13.49 19.85 25.35
CA ARG G 140 13.94 21.14 25.84
C ARG G 140 15.21 21.57 25.10
N PHE G 141 15.11 22.72 24.44
CA PHE G 141 16.22 23.30 23.68
C PHE G 141 17.14 24.05 24.64
N VAL G 142 18.23 23.40 25.03
CA VAL G 142 19.16 23.98 26.00
C VAL G 142 20.25 24.79 25.30
N SER G 143 20.11 24.92 23.98
CA SER G 143 20.99 25.74 23.17
C SER G 143 20.17 26.26 22.00
N PRO G 144 20.56 27.42 21.45
CA PRO G 144 19.80 27.99 20.33
C PRO G 144 19.68 26.98 19.19
N THR G 145 18.44 26.64 18.84
CA THR G 145 18.18 25.61 17.85
C THR G 145 17.70 26.22 16.54
N LEU G 146 18.40 25.90 15.46
CA LEU G 146 18.14 26.51 14.16
C LEU G 146 17.43 25.50 13.26
N LEU G 147 16.18 25.79 12.94
CA LEU G 147 15.36 24.83 12.19
C LEU G 147 14.97 25.35 10.81
N SER G 148 15.63 24.86 9.76
CA SER G 148 15.28 25.29 8.41
C SER G 148 13.88 24.82 8.03
N SER G 149 13.05 25.74 7.54
CA SER G 149 11.67 25.40 7.20
C SER G 149 11.60 24.56 5.93
N LYS G 150 12.54 24.79 5.02
CA LYS G 150 12.57 24.07 3.75
C LYS G 150 12.76 22.56 3.93
N VAL G 151 13.18 22.16 5.12
CA VAL G 151 13.25 20.75 5.49
C VAL G 151 11.89 20.07 5.25
N LEU G 152 10.81 20.82 5.40
CA LEU G 152 9.47 20.32 5.13
C LEU G 152 8.92 20.82 3.80
N LEU G 153 9.81 21.19 2.89
CA LEU G 153 9.40 21.49 1.53
C LEU G 153 9.40 20.18 0.74
N PRO G 154 8.38 19.98 -0.12
CA PRO G 154 8.37 18.79 -0.96
C PRO G 154 9.61 18.79 -1.85
N PRO G 155 10.44 17.74 -1.76
CA PRO G 155 11.73 17.70 -2.46
C PRO G 155 11.59 17.90 -3.96
N SER G 156 10.45 17.49 -4.52
CA SER G 156 10.16 17.71 -5.94
C SER G 156 10.27 19.20 -6.27
N LEU G 157 9.77 20.03 -5.35
CA LEU G 157 9.74 21.46 -5.55
C LEU G 157 11.02 22.16 -5.09
N SER G 158 12.05 21.38 -4.79
CA SER G 158 13.34 21.92 -4.36
C SER G 158 13.92 22.91 -5.35
N GLU G 159 13.81 22.57 -6.63
CA GLU G 159 14.42 23.36 -7.69
C GLU G 159 13.69 24.68 -7.95
N ARG G 160 12.36 24.62 -7.92
CA ARG G 160 11.54 25.81 -8.11
C ARG G 160 11.85 26.93 -7.12
N TYR G 161 12.07 26.56 -5.87
CA TYR G 161 12.26 27.55 -4.81
C TYR G 161 13.69 27.57 -4.34
N LYS G 162 14.60 27.13 -5.20
CA LYS G 162 16.00 27.11 -4.86
C LYS G 162 16.52 28.52 -4.53
N LYS G 163 15.88 29.54 -5.09
CA LYS G 163 16.34 30.91 -4.91
C LYS G 163 15.84 31.46 -3.59
N ILE G 164 14.63 31.06 -3.20
CA ILE G 164 14.06 31.54 -1.95
C ILE G 164 14.76 30.94 -0.74
N HIS G 165 15.21 31.81 0.16
CA HIS G 165 15.87 31.38 1.38
C HIS G 165 14.91 31.64 2.54
N ALA G 166 14.26 30.58 3.02
CA ALA G 166 13.22 30.72 4.04
C ALA G 166 13.82 30.93 5.42
N GLY G 167 15.07 30.53 5.60
CA GLY G 167 15.71 30.73 6.87
C GLY G 167 15.25 29.71 7.88
N TYR G 168 15.41 30.05 9.16
CA TYR G 168 15.05 29.17 10.25
C TYR G 168 13.65 29.44 10.75
N SER G 169 12.95 28.37 11.14
CA SER G 169 11.64 28.52 11.75
C SER G 169 11.81 28.63 13.26
N THR G 170 11.77 29.86 13.77
CA THR G 170 11.92 30.09 15.20
C THR G 170 10.70 29.61 15.99
N LEU G 171 9.75 28.99 15.30
CA LEU G 171 8.59 28.36 15.93
C LEU G 171 8.60 26.88 15.58
N PRO G 172 9.13 26.05 16.48
CA PRO G 172 9.35 24.65 16.17
C PRO G 172 8.05 23.85 16.09
N SER G 173 7.73 23.35 14.90
CA SER G 173 6.63 22.42 14.73
C SER G 173 7.15 21.03 15.10
N VAL G 174 6.25 20.13 15.50
CA VAL G 174 6.65 18.77 15.84
C VAL G 174 7.27 18.06 14.64
N GLY G 175 6.66 18.27 13.48
CA GLY G 175 7.10 17.63 12.25
C GLY G 175 8.51 18.02 11.87
N LEU G 176 8.87 19.28 12.12
CA LEU G 176 10.20 19.79 11.80
C LEU G 176 11.24 19.14 12.70
N ILE G 177 10.87 18.93 13.96
CA ILE G 177 11.75 18.35 14.95
C ILE G 177 12.02 16.89 14.64
N VAL G 178 10.94 16.16 14.36
CA VAL G 178 11.08 14.74 14.04
C VAL G 178 11.74 14.53 12.68
N ALA G 179 11.56 15.48 11.77
CA ALA G 179 12.21 15.41 10.46
C ALA G 179 13.71 15.59 10.59
N TYR G 180 14.11 16.56 11.40
CA TYR G 180 15.54 16.77 11.63
C TYR G 180 16.14 15.56 12.33
N ALA G 181 15.45 15.08 13.36
CA ALA G 181 15.86 13.88 14.09
C ALA G 181 16.01 12.69 13.15
N TYR G 182 15.07 12.56 12.22
CA TYR G 182 15.04 11.49 11.25
C TYR G 182 16.25 11.58 10.33
N ASN G 183 16.49 12.76 9.79
CA ASN G 183 17.63 12.98 8.89
C ASN G 183 18.95 12.63 9.57
N VAL G 184 19.10 13.07 10.80
CA VAL G 184 20.32 12.80 11.55
C VAL G 184 20.47 11.28 11.78
N TYR G 185 19.38 10.64 12.19
CA TYR G 185 19.34 9.20 12.41
C TYR G 185 19.79 8.44 11.16
N CYS G 186 19.21 8.84 10.03
CA CYS G 186 19.45 8.19 8.75
C CYS G 186 20.89 8.32 8.30
N ASN G 187 21.43 9.54 8.34
CA ASN G 187 22.82 9.75 7.96
C ASN G 187 23.71 8.94 8.89
N LEU G 188 23.30 8.82 10.15
CA LEU G 188 24.04 8.03 11.13
C LEU G 188 24.04 6.53 10.78
N ILE G 189 22.91 6.04 10.29
CA ILE G 189 22.76 4.60 10.02
C ILE G 189 23.11 4.20 8.58
N GLY G 190 23.64 5.15 7.82
CA GLY G 190 24.09 4.85 6.47
C GLY G 190 22.94 4.52 5.54
N LYS G 191 21.91 5.36 5.59
CA LYS G 191 20.74 5.26 4.71
C LYS G 191 20.72 6.43 3.75
N LYS G 192 20.33 6.18 2.52
CA LYS G 192 20.16 7.26 1.58
C LYS G 192 18.70 7.36 1.14
N GLU G 193 18.49 7.91 -0.06
CA GLU G 193 17.15 8.16 -0.59
C GLU G 193 16.11 8.54 0.48
N VAL G 194 16.40 9.58 1.27
CA VAL G 194 15.59 9.88 2.45
C VAL G 194 14.70 11.12 2.35
N GLU G 195 14.93 11.96 1.34
CA GLU G 195 14.16 13.19 1.16
C GLU G 195 12.64 13.02 1.27
N VAL G 196 12.08 12.13 0.48
CA VAL G 196 10.63 11.92 0.48
C VAL G 196 10.14 11.27 1.77
N ARG G 197 10.91 10.34 2.32
CA ARG G 197 10.53 9.74 3.59
C ARG G 197 10.50 10.78 4.69
N ALA G 198 11.51 11.66 4.70
CA ALA G 198 11.59 12.73 5.68
C ALA G 198 10.40 13.67 5.54
N PHE G 199 10.18 14.16 4.32
CA PHE G 199 9.03 15.02 4.03
C PHE G 199 7.71 14.41 4.54
N LYS G 200 7.42 13.20 4.09
CA LYS G 200 6.18 12.52 4.44
C LYS G 200 6.05 12.37 5.96
N PHE G 201 7.14 11.95 6.58
CA PHE G 201 7.21 11.74 8.02
C PHE G 201 6.86 12.99 8.79
N GLY G 202 7.57 14.07 8.46
CA GLY G 202 7.34 15.37 9.06
C GLY G 202 5.91 15.84 8.88
N ILE G 203 5.44 15.85 7.64
CA ILE G 203 4.08 16.29 7.34
C ILE G 203 3.04 15.55 8.18
N LEU G 204 3.16 14.22 8.21
CA LEU G 204 2.21 13.38 8.93
C LEU G 204 2.26 13.59 10.43
N SER G 205 3.46 13.51 10.99
CA SER G 205 3.66 13.63 12.41
C SER G 205 3.18 14.99 12.89
N ASN G 206 3.40 16.01 12.07
CA ASN G 206 3.01 17.37 12.37
C ASN G 206 1.51 17.53 12.21
N ALA G 207 0.91 16.70 11.39
CA ALA G 207 -0.53 16.75 11.18
C ALA G 207 -1.28 15.97 12.23
N LEU G 208 -0.60 14.97 12.80
CA LEU G 208 -1.23 14.04 13.71
C LEU G 208 -0.69 14.10 15.13
N SER G 209 -0.01 15.18 15.47
CA SER G 209 0.50 15.38 16.83
C SER G 209 -0.40 16.27 17.64
N ARG G 210 -0.39 16.08 18.95
CA ARG G 210 -1.09 16.98 19.85
C ARG G 210 -0.09 17.70 20.74
N ILE G 211 -0.09 19.02 20.66
CA ILE G 211 0.86 19.82 21.41
C ILE G 211 0.22 20.26 22.72
N ILE G 212 0.78 19.78 23.83
CA ILE G 212 0.15 19.98 25.14
C ILE G 212 0.53 21.33 25.73
N GLY G 213 1.81 21.61 25.74
CA GLY G 213 2.26 22.88 26.31
C GLY G 213 3.61 23.27 25.76
N TYR G 214 4.05 24.50 26.05
CA TYR G 214 5.34 24.97 25.59
C TYR G 214 5.72 26.31 26.20
N ASP G 215 7.02 26.56 26.22
CA ASP G 215 7.55 27.88 26.54
C ASP G 215 8.74 28.17 25.63
N LEU G 216 8.47 28.79 24.48
CA LEU G 216 9.49 29.09 23.49
C LEU G 216 9.77 30.58 23.39
N HIS G 217 10.98 30.91 22.92
CA HIS G 217 11.36 32.29 22.67
C HIS G 217 12.39 32.34 21.54
N PRO G 218 12.17 33.25 20.58
CA PRO G 218 13.12 33.49 19.49
C PRO G 218 14.35 34.17 20.06
N VAL G 219 15.53 33.70 19.67
CA VAL G 219 16.76 34.33 20.13
C VAL G 219 17.67 34.66 18.97
N THR G 220 18.49 35.68 19.13
CA THR G 220 19.51 36.01 18.15
C THR G 220 20.87 35.56 18.63
N VAL G 221 21.49 34.71 17.83
CA VAL G 221 22.76 34.10 18.20
C VAL G 221 23.89 34.45 17.24
N ALA G 222 25.09 34.61 17.78
CA ALA G 222 26.27 34.91 16.98
C ALA G 222 27.04 33.62 16.75
N ILE G 223 27.67 33.53 15.58
CA ILE G 223 28.37 32.31 15.17
C ILE G 223 29.82 32.57 14.77
N GLY G 224 30.11 33.74 14.20
CA GLY G 224 31.48 34.08 13.84
C GLY G 224 31.74 35.53 13.51
N GLU G 225 32.94 35.84 13.02
CA GLU G 225 33.30 37.19 12.59
C GLU G 225 33.27 37.38 11.07
N ASP G 226 34.46 37.37 10.43
CA ASP G 226 34.64 37.60 8.98
C ASP G 226 33.43 38.13 8.19
N SER G 227 33.25 39.44 8.28
CA SER G 227 32.02 40.14 7.95
C SER G 227 31.68 40.19 6.46
N LEU G 231 30.12 39.23 10.22
CA LEU G 231 29.50 38.74 11.44
C LEU G 231 28.43 37.71 11.09
N ARG G 232 28.52 36.55 11.71
CA ARG G 232 27.62 35.46 11.39
C ARG G 232 26.52 35.41 12.42
N LYS G 233 25.54 36.30 12.31
CA LYS G 233 24.40 36.30 13.23
C LYS G 233 23.29 35.46 12.63
N ALA G 234 22.38 34.97 13.48
CA ALA G 234 21.30 34.12 13.01
C ALA G 234 20.18 34.16 14.04
N ARG G 235 19.01 33.67 13.65
CA ARG G 235 17.89 33.60 14.60
C ARG G 235 17.44 32.16 14.83
N GLY G 236 17.30 31.78 16.10
CA GLY G 236 16.86 30.45 16.46
C GLY G 236 15.85 30.44 17.57
N VAL G 237 15.67 29.28 18.19
CA VAL G 237 14.69 29.10 19.25
C VAL G 237 15.30 28.53 20.52
N MET G 238 14.77 28.93 21.67
CA MET G 238 15.06 28.21 22.89
C MET G 238 13.82 28.10 23.79
N GLY G 239 13.90 27.20 24.76
CA GLY G 239 12.75 26.92 25.62
C GLY G 239 12.34 25.47 25.52
N TRP G 240 11.09 25.15 25.82
CA TRP G 240 10.66 23.76 25.75
C TRP G 240 9.33 23.54 25.06
N ILE G 241 9.10 22.32 24.58
CA ILE G 241 7.84 22.00 23.94
C ILE G 241 7.40 20.57 24.28
N GLU G 242 6.16 20.45 24.71
CA GLU G 242 5.60 19.18 25.16
C GLU G 242 4.38 18.75 24.35
N PHE G 243 4.52 17.59 23.72
CA PHE G 243 3.54 17.04 22.80
C PHE G 243 3.32 15.53 22.94
N ASP G 244 2.36 15.02 22.18
CA ASP G 244 2.07 13.60 22.12
C ASP G 244 1.67 13.24 20.69
N ILE G 245 1.97 12.02 20.27
CA ILE G 245 1.56 11.54 18.95
C ILE G 245 0.62 10.36 19.06
N PRO G 246 -0.68 10.61 18.87
CA PRO G 246 -1.75 9.60 18.98
C PRO G 246 -1.58 8.37 18.06
N ASP G 247 -0.74 8.47 17.04
CA ASP G 247 -0.49 7.32 16.18
C ASP G 247 0.71 6.50 16.66
N GLU G 248 0.50 5.21 16.89
CA GLU G 248 1.51 4.36 17.52
C GLU G 248 2.83 4.17 16.75
N ARG G 249 2.75 3.86 15.46
CA ARG G 249 3.95 3.63 14.66
C ARG G 249 4.72 4.95 14.49
N LEU G 250 3.97 6.01 14.24
CA LEU G 250 4.53 7.34 14.07
C LEU G 250 5.27 7.70 15.35
N LYS G 251 4.58 7.53 16.49
CA LYS G 251 5.16 7.81 17.81
C LYS G 251 6.40 6.99 18.11
N ARG G 252 6.37 5.71 17.74
CA ARG G 252 7.51 4.83 17.95
C ARG G 252 8.73 5.32 17.19
N ARG G 253 8.53 5.63 15.91
CA ARG G 253 9.59 6.17 15.07
C ARG G 253 10.14 7.46 15.68
N ALA G 254 9.21 8.34 16.05
CA ALA G 254 9.56 9.64 16.60
C ALA G 254 10.43 9.50 17.84
N LEU G 255 9.95 8.75 18.82
CA LEU G 255 10.71 8.47 20.02
C LEU G 255 12.08 7.92 19.67
N ASN G 256 12.11 7.00 18.71
CA ASN G 256 13.36 6.38 18.30
C ASN G 256 14.39 7.42 17.84
N TYR G 257 14.04 8.18 16.82
CA TYR G 257 14.93 9.22 16.27
C TYR G 257 15.31 10.25 17.33
N LEU G 258 14.35 10.63 18.16
CA LEU G 258 14.58 11.62 19.20
C LEU G 258 15.61 11.15 20.21
N LEU G 259 15.57 9.87 20.58
CA LEU G 259 16.58 9.34 21.50
C LEU G 259 17.97 9.59 20.95
N THR G 260 18.12 9.40 19.64
CA THR G 260 19.37 9.71 18.96
C THR G 260 19.68 11.22 19.02
N SER G 261 18.68 12.06 18.77
CA SER G 261 18.91 13.50 18.83
C SER G 261 19.29 13.96 20.24
N SER G 262 18.94 13.14 21.22
CA SER G 262 19.31 13.40 22.61
C SER G 262 20.81 13.24 22.78
N TYR G 263 21.48 12.72 21.76
CA TYR G 263 22.92 12.58 21.77
C TYR G 263 23.57 13.46 20.71
N LEU G 264 23.08 13.38 19.46
CA LEU G 264 23.72 14.10 18.36
C LEU G 264 23.15 15.50 18.14
N GLY G 265 22.08 15.85 18.85
CA GLY G 265 21.49 17.17 18.71
C GLY G 265 20.44 17.24 17.62
N ILE G 266 19.83 18.42 17.48
CA ILE G 266 18.74 18.61 16.52
C ILE G 266 18.92 19.88 15.70
N GLY G 267 18.47 19.83 14.45
CA GLY G 267 18.58 20.96 13.56
C GLY G 267 20.01 21.20 13.12
N ARG G 268 20.23 22.27 12.37
CA ARG G 268 21.58 22.73 12.07
C ARG G 268 21.96 23.78 13.13
N SER G 269 23.25 23.97 13.41
CA SER G 269 24.32 23.08 13.00
C SER G 269 24.96 22.48 14.24
N ARG G 270 24.59 21.24 14.54
CA ARG G 270 25.06 20.55 15.74
C ARG G 270 26.58 20.42 15.78
N GLY G 271 27.22 20.65 14.65
CA GLY G 271 28.66 20.57 14.53
C GLY G 271 29.42 21.63 15.31
N ILE G 272 28.73 22.68 15.77
CA ILE G 272 29.39 23.71 16.58
C ILE G 272 28.66 24.04 17.90
N GLY G 273 27.73 23.18 18.29
CA GLY G 273 27.09 23.30 19.61
C GLY G 273 25.65 23.74 19.62
N PHE G 274 25.09 23.99 18.44
CA PHE G 274 23.70 24.43 18.34
C PHE G 274 22.76 23.25 18.30
N GLY G 275 21.58 23.41 18.91
CA GLY G 275 20.59 22.37 18.86
C GLY G 275 20.83 21.31 19.92
N GLU G 276 21.50 21.69 21.00
CA GLU G 276 21.67 20.79 22.14
C GLU G 276 20.29 20.55 22.73
N ILE G 277 19.99 19.31 23.06
CA ILE G 277 18.66 18.97 23.52
C ILE G 277 18.65 18.19 24.83
N ARG G 278 17.54 18.32 25.55
CA ARG G 278 17.26 17.47 26.69
C ARG G 278 15.94 16.77 26.43
N LEU G 279 15.94 15.45 26.61
CA LEU G 279 14.73 14.68 26.40
C LEU G 279 14.14 14.39 27.76
N GLU G 280 12.86 14.67 27.90
CA GLU G 280 12.17 14.30 29.14
C GLU G 280 10.79 13.77 28.84
N PHE G 281 10.19 13.12 29.82
CA PHE G 281 8.95 12.43 29.59
C PHE G 281 8.01 12.61 30.74
N ARG G 282 6.74 12.41 30.48
CA ARG G 282 5.77 12.48 31.54
C ARG G 282 4.80 11.35 31.34
N LYS G 283 4.43 10.68 32.42
CA LYS G 283 3.51 9.58 32.26
C LYS G 283 2.14 10.22 32.46
N ILE G 284 1.17 9.86 31.62
CA ILE G 284 -0.15 10.46 31.71
C ILE G 284 -1.23 9.43 32.05
N MET I 1 18.14 -4.16 1.67
CA MET I 1 18.97 -2.97 1.60
C MET I 1 20.42 -3.25 1.17
N PRO I 2 21.09 -4.24 1.81
CA PRO I 2 22.44 -4.52 1.33
C PRO I 2 22.45 -5.52 0.16
N LEU I 3 23.47 -5.42 -0.67
CA LEU I 3 23.59 -6.29 -1.86
C LEU I 3 25.05 -6.63 -2.18
N ILE I 4 25.24 -7.65 -3.01
CA ILE I 4 26.56 -8.17 -3.31
C ILE I 4 27.00 -7.97 -4.75
N PHE I 5 28.25 -7.54 -4.87
CA PHE I 5 28.91 -7.41 -6.14
C PHE I 5 29.83 -8.59 -6.31
N LYS I 6 29.66 -9.25 -7.46
CA LYS I 6 30.48 -10.36 -7.88
C LYS I 6 31.25 -10.04 -9.14
N ILE I 7 32.57 -9.94 -9.00
CA ILE I 7 33.42 -9.53 -10.11
C ILE I 7 34.49 -10.56 -10.53
N GLY I 8 34.48 -10.91 -11.81
CA GLY I 8 35.44 -11.83 -12.39
C GLY I 8 36.57 -11.12 -13.12
N TYR I 9 37.77 -11.29 -12.58
CA TYR I 9 38.99 -10.65 -13.04
C TYR I 9 39.89 -11.58 -13.84
N ASN I 10 40.59 -11.01 -14.82
CA ASN I 10 41.65 -11.70 -15.54
C ASN I 10 42.98 -10.99 -15.29
N VAL I 11 43.93 -11.67 -14.66
CA VAL I 11 45.20 -11.06 -14.27
C VAL I 11 46.41 -11.70 -14.97
N ILE I 12 47.24 -10.87 -15.59
CA ILE I 12 48.48 -11.34 -16.23
C ILE I 12 49.75 -10.65 -15.69
N PRO I 13 50.79 -11.44 -15.38
CA PRO I 13 52.08 -10.87 -14.93
C PRO I 13 52.92 -10.37 -16.09
N LEU I 14 53.81 -9.42 -15.80
CA LEU I 14 54.65 -8.82 -16.83
C LEU I 14 55.94 -9.59 -16.98
N GLN I 15 56.61 -9.79 -15.85
CA GLN I 15 57.87 -10.52 -15.79
C GLN I 15 57.68 -11.92 -15.24
N ASP I 16 58.78 -12.62 -15.02
CA ASP I 16 58.74 -13.88 -14.30
C ASP I 16 58.75 -13.49 -12.83
N VAL I 17 57.82 -14.02 -12.06
CA VAL I 17 57.66 -13.63 -10.67
C VAL I 17 57.19 -14.82 -9.82
N ILE I 18 57.61 -14.83 -8.57
CA ILE I 18 57.15 -15.81 -7.60
C ILE I 18 56.12 -15.20 -6.65
N LEU I 19 54.91 -15.76 -6.64
CA LEU I 19 53.83 -15.22 -5.84
C LEU I 19 54.00 -15.45 -4.34
N PRO I 20 53.50 -14.49 -3.51
CA PRO I 20 53.63 -14.62 -2.07
C PRO I 20 52.59 -15.57 -1.51
N THR I 21 52.62 -15.75 -0.19
CA THR I 21 51.66 -16.60 0.46
C THR I 21 50.84 -15.79 1.44
N PRO I 22 49.53 -15.75 1.21
CA PRO I 22 48.84 -16.43 0.10
C PRO I 22 48.86 -15.60 -1.19
N SER I 23 48.38 -16.19 -2.28
CA SER I 23 48.44 -15.53 -3.57
C SER I 23 47.50 -14.33 -3.65
N SER I 24 46.56 -14.22 -2.71
CA SER I 24 45.58 -13.13 -2.75
C SER I 24 46.18 -11.81 -2.33
N LYS I 25 47.24 -11.88 -1.52
CA LYS I 25 47.92 -10.72 -0.97
C LYS I 25 48.19 -9.65 -2.06
N VAL I 26 48.46 -10.11 -3.28
CA VAL I 26 48.69 -9.23 -4.41
C VAL I 26 47.55 -8.22 -4.61
N LEU I 27 46.35 -8.74 -4.84
CA LEU I 27 45.19 -7.86 -5.04
C LEU I 27 44.94 -7.09 -3.76
N LYS I 28 45.31 -7.71 -2.64
CA LYS I 28 45.14 -7.09 -1.34
C LYS I 28 45.91 -5.78 -1.30
N TYR I 29 47.04 -5.75 -2.01
CA TYR I 29 47.83 -4.54 -2.09
C TYR I 29 47.11 -3.47 -2.91
N LEU I 30 46.45 -3.86 -4.00
CA LEU I 30 45.79 -2.88 -4.86
C LEU I 30 44.69 -2.13 -4.11
N ILE I 31 44.17 -2.74 -3.04
CA ILE I 31 43.21 -2.05 -2.19
C ILE I 31 43.96 -1.24 -1.16
N GLN I 32 44.98 -1.87 -0.59
CA GLN I 32 45.78 -1.29 0.48
C GLN I 32 46.66 -0.13 0.00
N SER I 33 46.61 0.16 -1.30
CA SER I 33 47.40 1.27 -1.85
C SER I 33 46.52 2.22 -2.64
N GLY I 34 45.25 1.84 -2.83
CA GLY I 34 44.30 2.68 -3.53
C GLY I 34 44.68 2.73 -5.00
N LYS I 35 44.86 1.56 -5.60
CA LYS I 35 45.23 1.45 -7.00
C LYS I 35 44.05 0.81 -7.70
N LEU I 36 43.41 -0.12 -7.02
CA LEU I 36 42.13 -0.67 -7.46
C LEU I 36 41.13 -0.48 -6.32
N ILE I 37 39.85 -0.35 -6.68
CA ILE I 37 38.72 -0.03 -5.79
C ILE I 37 39.11 0.32 -4.33
N PRO I 38 39.52 1.59 -4.11
CA PRO I 38 40.04 2.08 -2.82
C PRO I 38 38.99 2.13 -1.71
N SER I 39 37.73 2.29 -2.14
CA SER I 39 36.59 2.44 -1.23
C SER I 39 36.31 1.20 -0.39
N LEU I 40 37.16 0.19 -0.53
CA LEU I 40 36.95 -1.03 0.21
C LEU I 40 38.03 -1.22 1.27
N LYS I 41 39.02 -0.32 1.27
CA LYS I 41 40.18 -0.43 2.15
C LYS I 41 39.82 -0.80 3.58
N ASP I 42 38.99 0.02 4.20
CA ASP I 42 38.59 -0.15 5.59
C ASP I 42 38.04 -1.54 5.85
N LEU I 43 37.19 -2.00 4.95
CA LEU I 43 36.58 -3.32 5.06
C LEU I 43 37.61 -4.42 5.14
N ILE I 44 38.67 -4.29 4.37
CA ILE I 44 39.70 -5.32 4.32
C ILE I 44 40.64 -5.16 5.50
N THR I 45 40.63 -3.97 6.11
CA THR I 45 41.52 -3.72 7.22
C THR I 45 40.75 -4.04 8.50
N SER I 46 39.44 -4.13 8.35
CA SER I 46 38.55 -4.48 9.45
C SER I 46 38.92 -5.85 10.02
N ARG I 47 38.75 -6.00 11.33
CA ARG I 47 39.03 -7.26 12.01
C ARG I 47 37.73 -7.79 12.61
N ASP I 48 36.60 -7.26 12.11
CA ASP I 48 35.28 -7.65 12.60
C ASP I 48 34.89 -9.03 12.10
N LYS I 49 34.22 -9.78 12.97
CA LYS I 49 33.86 -11.17 12.71
C LYS I 49 32.98 -11.37 11.48
N TYR I 50 33.40 -12.29 10.62
CA TYR I 50 32.65 -12.71 9.44
C TYR I 50 32.31 -11.58 8.49
N LYS I 51 33.29 -10.72 8.25
CA LYS I 51 33.11 -9.58 7.37
C LYS I 51 32.77 -10.04 5.96
N PRO I 52 31.82 -9.35 5.32
CA PRO I 52 31.37 -9.70 3.98
C PRO I 52 32.28 -9.22 2.82
N ILE I 53 33.49 -9.78 2.79
CA ILE I 53 34.41 -9.59 1.68
C ILE I 53 35.14 -10.91 1.35
N PHE I 54 35.23 -11.21 0.06
CA PHE I 54 35.92 -12.41 -0.40
C PHE I 54 36.86 -12.08 -1.54
N ILE I 55 38.15 -12.29 -1.30
CA ILE I 55 39.17 -12.07 -2.32
C ILE I 55 39.99 -13.33 -2.58
N SER I 56 39.67 -14.02 -3.68
CA SER I 56 40.18 -15.37 -3.94
C SER I 56 41.67 -15.44 -4.28
N HIS I 57 42.23 -16.65 -4.20
CA HIS I 57 43.58 -16.90 -4.68
C HIS I 57 43.56 -16.76 -6.19
N LEU I 58 44.70 -16.53 -6.82
CA LEU I 58 44.68 -16.53 -8.28
C LEU I 58 44.59 -17.97 -8.72
N GLY I 59 44.11 -18.19 -9.94
CA GLY I 59 43.99 -19.54 -10.43
C GLY I 59 44.17 -19.64 -11.92
N PHE I 60 45.03 -20.58 -12.29
CA PHE I 60 45.25 -20.93 -13.68
C PHE I 60 44.41 -22.16 -13.94
N ASN I 61 43.98 -22.36 -15.18
CA ASN I 61 42.91 -23.32 -15.47
C ASN I 61 41.79 -23.36 -14.41
N GLN I 62 40.94 -24.37 -14.49
CA GLN I 62 39.90 -24.62 -13.49
C GLN I 62 40.36 -24.57 -12.03
N ARG I 63 41.66 -24.68 -11.79
CA ARG I 63 42.16 -24.86 -10.43
C ARG I 63 42.68 -23.58 -9.80
N ARG I 64 42.64 -23.57 -8.48
CA ARG I 64 43.17 -22.48 -7.65
C ARG I 64 44.62 -22.82 -7.30
N ILE I 65 45.54 -21.93 -7.66
CA ILE I 65 46.97 -22.15 -7.40
C ILE I 65 47.22 -22.69 -5.99
N PHE I 66 47.68 -23.93 -5.90
CA PHE I 66 48.00 -24.52 -4.61
C PHE I 66 49.23 -23.83 -4.02
N GLN I 67 49.37 -23.88 -2.70
CA GLN I 67 50.45 -23.15 -2.03
C GLN I 67 51.54 -24.02 -1.41
N THR I 68 52.71 -23.39 -1.25
CA THR I 68 53.94 -23.99 -0.70
C THR I 68 54.17 -25.47 -0.97
N ASN I 69 54.88 -25.76 -2.07
CA ASN I 69 55.24 -27.12 -2.46
C ASN I 69 54.03 -27.95 -2.91
N LYS I 73 59.67 -23.66 -6.05
CA LYS I 73 58.61 -22.68 -5.88
C LYS I 73 58.80 -21.52 -6.85
N THR I 74 58.44 -21.76 -8.12
CA THR I 74 58.53 -20.76 -9.17
C THR I 74 57.22 -20.67 -9.94
N ILE I 75 57.17 -19.81 -10.96
CA ILE I 75 56.01 -19.71 -11.84
C ILE I 75 56.38 -18.97 -13.15
N THR I 76 55.70 -19.35 -14.23
CA THR I 76 55.91 -18.79 -15.57
C THR I 76 55.37 -17.37 -15.74
N LYS I 77 55.74 -16.75 -16.86
CA LYS I 77 55.32 -15.40 -17.21
C LYS I 77 54.57 -15.39 -18.54
N GLY I 78 53.57 -14.51 -18.66
CA GLY I 78 52.76 -14.43 -19.87
C GLY I 78 51.62 -15.43 -19.73
N SER I 79 51.35 -15.76 -18.46
CA SER I 79 50.37 -16.76 -18.08
C SER I 79 48.98 -16.20 -17.75
N ARG I 80 47.96 -16.78 -18.36
CA ARG I 80 46.57 -16.36 -18.16
C ARG I 80 46.01 -16.75 -16.78
N LEU I 81 46.21 -15.90 -15.78
CA LEU I 81 45.65 -16.17 -14.46
C LEU I 81 44.22 -15.67 -14.34
N SER I 82 43.43 -16.34 -13.51
CA SER I 82 42.04 -15.95 -13.32
C SER I 82 41.79 -15.66 -11.85
N SER I 83 40.88 -14.73 -11.57
CA SER I 83 40.53 -14.41 -10.19
C SER I 83 39.11 -13.95 -10.06
N ILE I 84 38.63 -13.98 -8.82
CA ILE I 84 37.25 -13.61 -8.48
C ILE I 84 37.19 -12.85 -7.16
N ILE I 85 36.42 -11.77 -7.12
CA ILE I 85 36.20 -11.02 -5.88
C ILE I 85 34.72 -10.75 -5.63
N ALA I 86 34.26 -10.94 -4.41
CA ALA I 86 32.88 -10.64 -4.09
C ALA I 86 32.84 -9.76 -2.85
N PHE I 87 31.88 -8.85 -2.78
CA PHE I 87 31.81 -7.96 -1.62
C PHE I 87 30.52 -7.20 -1.46
N SER I 88 30.37 -6.57 -0.30
CA SER I 88 29.28 -5.64 -0.05
C SER I 88 29.73 -4.60 0.97
N THR I 89 29.12 -3.43 0.91
CA THR I 89 29.49 -2.31 1.77
C THR I 89 28.68 -1.06 1.47
N GLN I 90 28.66 -0.18 2.46
CA GLN I 90 27.89 1.05 2.41
C GLN I 90 28.66 2.17 1.73
N ALA I 91 29.90 1.86 1.35
CA ALA I 91 30.80 2.81 0.67
C ALA I 91 30.50 2.81 -0.83
N ASN I 92 30.41 3.99 -1.42
CA ASN I 92 30.01 4.10 -2.82
C ASN I 92 30.99 3.40 -3.77
N VAL I 93 30.60 2.22 -4.22
CA VAL I 93 31.45 1.45 -5.13
C VAL I 93 30.87 1.43 -6.53
N LEU I 94 29.53 1.43 -6.59
CA LEU I 94 28.70 1.36 -7.79
C LEU I 94 29.34 1.82 -9.12
N SER I 95 30.16 2.87 -9.04
CA SER I 95 30.89 3.39 -10.19
C SER I 95 32.17 2.58 -10.41
N GLU I 96 33.06 2.65 -9.43
CA GLU I 96 34.35 1.96 -9.41
C GLU I 96 34.52 0.61 -10.10
N VAL I 97 33.50 -0.24 -10.06
CA VAL I 97 33.53 -1.57 -10.65
C VAL I 97 34.51 -1.70 -11.84
N ALA I 98 34.26 -0.92 -12.89
CA ALA I 98 35.09 -0.91 -14.11
C ALA I 98 36.60 -1.09 -13.91
N ASP I 99 37.22 -0.14 -13.19
CA ASP I 99 38.67 -0.06 -12.90
C ASP I 99 39.58 -1.23 -13.30
N GLU I 100 40.74 -0.87 -13.87
CA GLU I 100 41.67 -1.82 -14.49
C GLU I 100 42.78 -1.09 -15.23
N GLY I 101 43.97 -1.70 -15.26
CA GLY I 101 45.08 -1.17 -16.02
C GLY I 101 46.32 -2.00 -15.74
N ILE I 102 47.49 -1.38 -15.89
CA ILE I 102 48.75 -2.05 -15.55
C ILE I 102 49.34 -1.38 -14.31
N PHE I 103 49.24 -2.08 -13.18
CA PHE I 103 49.66 -1.53 -11.90
C PHE I 103 50.97 -2.16 -11.44
N GLU I 104 51.60 -1.52 -10.45
CA GLU I 104 52.88 -1.98 -9.97
C GLU I 104 52.84 -2.15 -8.46
N THR I 105 53.24 -3.34 -8.04
CA THR I 105 53.18 -3.79 -6.68
C THR I 105 54.60 -4.18 -6.29
N VAL I 106 54.83 -4.44 -5.01
CA VAL I 106 56.11 -4.91 -4.56
C VAL I 106 56.24 -6.39 -4.94
N TYR I 107 55.14 -6.97 -5.40
CA TYR I 107 55.15 -8.33 -5.93
C TYR I 107 55.37 -8.28 -7.44
N GLY I 108 55.44 -7.07 -7.99
CA GLY I 108 55.74 -6.89 -9.40
C GLY I 108 54.65 -6.16 -10.17
N LYS I 109 54.79 -6.13 -11.49
CA LYS I 109 53.90 -5.34 -12.34
C LYS I 109 52.90 -6.25 -13.06
N PHE I 110 51.62 -5.93 -12.95
CA PHE I 110 50.58 -6.79 -13.53
C PHE I 110 49.58 -6.00 -14.37
N HIS I 111 49.01 -6.64 -15.39
CA HIS I 111 47.89 -6.03 -16.12
C HIS I 111 46.61 -6.82 -15.83
N ILE I 112 45.65 -6.10 -15.26
CA ILE I 112 44.36 -6.65 -14.86
C ILE I 112 43.24 -6.25 -15.83
N MET I 113 42.33 -7.17 -16.10
CA MET I 113 41.18 -6.90 -16.96
C MET I 113 39.91 -7.37 -16.28
N ILE I 114 38.78 -7.20 -16.95
CA ILE I 114 37.52 -7.64 -16.39
C ILE I 114 36.85 -8.54 -17.41
N GLU I 115 36.46 -9.73 -16.97
CA GLU I 115 35.75 -10.65 -17.85
C GLU I 115 34.33 -10.87 -17.38
N SER I 116 34.11 -10.76 -16.07
CA SER I 116 32.76 -10.97 -15.55
C SER I 116 32.30 -9.92 -14.55
N ILE I 117 31.02 -9.58 -14.61
CA ILE I 117 30.38 -8.74 -13.60
C ILE I 117 28.92 -9.14 -13.39
N GLU I 118 28.59 -9.50 -12.15
CA GLU I 118 27.22 -9.82 -11.77
C GLU I 118 26.92 -9.12 -10.45
N ILE I 119 25.72 -8.55 -10.33
CA ILE I 119 25.36 -7.91 -9.07
C ILE I 119 24.01 -8.44 -8.64
N VAL I 120 23.87 -8.76 -7.35
CA VAL I 120 22.59 -9.28 -6.87
C VAL I 120 22.25 -8.75 -5.48
N GLU I 121 20.96 -8.54 -5.25
CA GLU I 121 20.44 -8.12 -3.95
C GLU I 121 19.99 -9.32 -3.13
N VAL I 122 20.31 -9.32 -1.84
CA VAL I 122 20.09 -10.50 -0.98
C VAL I 122 18.63 -10.92 -0.95
N GLU I 123 17.74 -9.97 -1.18
CA GLU I 123 16.31 -10.25 -1.10
C GLU I 123 15.98 -11.08 -2.33
N LYS I 124 16.79 -10.87 -3.37
CA LYS I 124 16.63 -11.63 -4.59
C LYS I 124 17.16 -13.06 -4.41
N LEU I 125 17.78 -13.38 -3.28
CA LEU I 125 18.12 -14.80 -3.09
C LEU I 125 16.91 -15.69 -2.70
N LYS I 126 15.83 -15.12 -2.20
CA LYS I 126 14.70 -15.98 -1.80
C LYS I 126 13.98 -16.73 -2.93
N GLU I 127 14.12 -16.32 -4.18
CA GLU I 127 13.42 -17.05 -5.25
C GLU I 127 14.07 -18.35 -5.75
N GLU I 128 15.39 -18.44 -5.86
CA GLU I 128 15.99 -19.68 -6.37
C GLU I 128 15.81 -20.83 -5.38
N VAL I 129 15.73 -20.48 -4.09
CA VAL I 129 15.51 -21.46 -3.03
C VAL I 129 14.35 -22.37 -3.41
N GLU I 130 13.25 -21.75 -3.82
CA GLU I 130 12.00 -22.47 -4.04
C GLU I 130 12.08 -23.40 -5.27
N LYS I 131 12.92 -23.06 -6.25
CA LYS I 131 13.02 -23.86 -7.47
C LYS I 131 14.04 -25.01 -7.37
N HIS I 132 14.72 -25.08 -6.23
CA HIS I 132 15.68 -26.15 -5.96
C HIS I 132 15.24 -26.99 -4.75
N MET I 133 13.97 -26.87 -4.40
CA MET I 133 13.44 -27.48 -3.18
C MET I 133 13.34 -29.01 -3.24
N ASN I 134 13.61 -29.58 -4.40
CA ASN I 134 13.58 -31.02 -4.56
C ASN I 134 14.90 -31.52 -5.15
N ASP I 135 15.90 -30.66 -5.11
CA ASP I 135 17.22 -31.02 -5.63
C ASP I 135 18.19 -31.36 -4.51
N ASN I 136 19.13 -32.25 -4.80
CA ASN I 136 20.24 -32.51 -3.90
C ASN I 136 21.27 -31.42 -4.02
N ILE I 137 21.80 -31.01 -2.87
CA ILE I 137 22.74 -29.91 -2.79
C ILE I 137 24.16 -30.45 -2.78
N ARG I 138 24.97 -30.00 -3.73
CA ARG I 138 26.38 -30.36 -3.76
C ARG I 138 27.25 -29.13 -3.53
N VAL I 139 28.09 -29.18 -2.50
CA VAL I 139 28.98 -28.07 -2.19
C VAL I 139 30.42 -28.50 -2.49
N ARG I 140 31.12 -27.73 -3.32
CA ARG I 140 32.52 -28.02 -3.63
C ARG I 140 33.47 -26.98 -3.07
N PHE I 141 34.40 -27.41 -2.22
CA PHE I 141 35.41 -26.52 -1.66
C PHE I 141 36.57 -26.42 -2.64
N VAL I 142 36.58 -25.37 -3.45
CA VAL I 142 37.57 -25.22 -4.51
C VAL I 142 38.83 -24.53 -4.03
N SER I 143 38.88 -24.24 -2.73
CA SER I 143 40.05 -23.66 -2.10
C SER I 143 40.08 -24.21 -0.68
N PRO I 144 41.27 -24.28 -0.07
CA PRO I 144 41.39 -24.80 1.29
C PRO I 144 40.41 -24.12 2.24
N THR I 145 39.53 -24.93 2.83
CA THR I 145 38.48 -24.43 3.71
C THR I 145 38.73 -24.71 5.18
N LEU I 146 38.76 -23.66 5.98
CA LEU I 146 39.03 -23.77 7.41
C LEU I 146 37.75 -23.58 8.23
N LEU I 147 37.29 -24.65 8.86
CA LEU I 147 36.07 -24.64 9.67
C LEU I 147 36.35 -24.93 11.14
N SER I 148 36.29 -23.89 11.97
CA SER I 148 36.50 -24.07 13.40
C SER I 148 35.37 -24.93 13.99
N SER I 149 35.75 -25.96 14.75
CA SER I 149 34.79 -26.90 15.30
C SER I 149 33.98 -26.30 16.43
N LYS I 150 34.62 -25.42 17.19
CA LYS I 150 33.98 -24.79 18.35
C LYS I 150 32.73 -24.01 17.96
N VAL I 151 32.59 -23.73 16.66
CA VAL I 151 31.39 -23.11 16.13
C VAL I 151 30.13 -23.88 16.55
N LEU I 152 30.26 -25.20 16.69
CA LEU I 152 29.12 -26.01 17.10
C LEU I 152 29.22 -26.48 18.55
N LEU I 153 30.00 -25.76 19.34
CA LEU I 153 30.05 -26.00 20.78
C LEU I 153 28.92 -25.25 21.48
N PRO I 154 28.31 -25.89 22.48
CA PRO I 154 27.28 -25.19 23.25
C PRO I 154 27.89 -23.92 23.82
N PRO I 155 27.33 -22.76 23.44
CA PRO I 155 27.87 -21.44 23.81
C PRO I 155 28.01 -21.29 25.32
N SER I 156 27.19 -22.01 26.08
CA SER I 156 27.26 -22.00 27.54
C SER I 156 28.64 -22.39 28.06
N LEU I 157 29.21 -23.47 27.55
CA LEU I 157 30.51 -23.94 28.01
C LEU I 157 31.72 -23.42 27.21
N SER I 158 31.51 -22.38 26.40
CA SER I 158 32.59 -21.78 25.61
C SER I 158 33.81 -21.43 26.46
N GLU I 159 33.56 -20.85 27.64
CA GLU I 159 34.62 -20.37 28.52
C GLU I 159 35.36 -21.51 29.20
N ARG I 160 34.63 -22.57 29.55
CA ARG I 160 35.20 -23.75 30.21
C ARG I 160 36.32 -24.32 29.36
N TYR I 161 36.11 -24.30 28.04
CA TYR I 161 37.04 -24.89 27.09
C TYR I 161 37.70 -23.81 26.24
N LYS I 162 37.71 -22.59 26.77
CA LYS I 162 38.31 -21.43 26.10
C LYS I 162 39.79 -21.66 25.79
N LYS I 163 40.44 -22.47 26.63
CA LYS I 163 41.86 -22.72 26.55
C LYS I 163 42.17 -23.82 25.53
N ILE I 164 41.31 -24.82 25.44
CA ILE I 164 41.53 -25.92 24.51
C ILE I 164 41.33 -25.47 23.06
N HIS I 165 42.28 -25.84 22.21
CA HIS I 165 42.17 -25.51 20.79
C HIS I 165 41.81 -26.74 19.97
N ALA I 166 40.55 -26.81 19.55
CA ALA I 166 40.06 -27.95 18.82
C ALA I 166 40.52 -27.88 17.37
N GLY I 167 40.86 -26.66 16.94
CA GLY I 167 41.35 -26.46 15.59
C GLY I 167 40.21 -26.46 14.59
N TYR I 168 40.56 -26.72 13.33
CA TYR I 168 39.61 -26.73 12.22
C TYR I 168 39.11 -28.16 11.99
N SER I 169 37.86 -28.28 11.58
CA SER I 169 37.28 -29.59 11.30
C SER I 169 37.56 -30.07 9.89
N THR I 170 38.58 -30.91 9.74
CA THR I 170 38.93 -31.42 8.42
C THR I 170 37.87 -32.39 7.88
N LEU I 171 36.81 -32.62 8.66
CA LEU I 171 35.68 -33.40 8.20
C LEU I 171 34.42 -32.56 8.42
N PRO I 172 33.95 -31.88 7.38
CA PRO I 172 32.84 -30.93 7.50
C PRO I 172 31.50 -31.61 7.68
N SER I 173 30.83 -31.36 8.81
CA SER I 173 29.46 -31.82 8.97
C SER I 173 28.55 -30.86 8.23
N VAL I 174 27.37 -31.34 7.83
CA VAL I 174 26.40 -30.53 7.12
C VAL I 174 26.04 -29.33 8.00
N GLY I 175 25.85 -29.62 9.29
CA GLY I 175 25.51 -28.61 10.28
C GLY I 175 26.60 -27.57 10.44
N LEU I 176 27.86 -27.97 10.36
CA LEU I 176 28.95 -27.03 10.54
C LEU I 176 28.98 -26.03 9.37
N ILE I 177 28.76 -26.54 8.17
CA ILE I 177 28.85 -25.66 7.01
C ILE I 177 27.65 -24.72 6.97
N VAL I 178 26.44 -25.24 7.20
CA VAL I 178 25.26 -24.36 7.20
C VAL I 178 25.26 -23.39 8.37
N ALA I 179 25.91 -23.78 9.47
CA ALA I 179 26.05 -22.88 10.61
C ALA I 179 26.97 -21.74 10.22
N TYR I 180 28.07 -22.05 9.54
CA TYR I 180 28.97 -20.98 9.10
C TYR I 180 28.27 -20.05 8.11
N ALA I 181 27.56 -20.64 7.16
CA ALA I 181 26.79 -19.89 6.19
C ALA I 181 25.81 -18.95 6.90
N TYR I 182 25.22 -19.47 7.96
CA TYR I 182 24.26 -18.73 8.77
C TYR I 182 24.96 -17.52 9.40
N ASN I 183 26.11 -17.75 10.03
CA ASN I 183 26.87 -16.68 10.67
C ASN I 183 27.30 -15.58 9.71
N VAL I 184 27.86 -15.96 8.57
CA VAL I 184 28.33 -14.97 7.59
C VAL I 184 27.13 -14.17 7.06
N TYR I 185 26.03 -14.86 6.75
CA TYR I 185 24.79 -14.23 6.29
C TYR I 185 24.29 -13.19 7.31
N CYS I 186 24.21 -13.61 8.57
CA CYS I 186 23.65 -12.77 9.62
C CYS I 186 24.51 -11.53 9.83
N ASN I 187 25.82 -11.73 9.95
CA ASN I 187 26.73 -10.61 10.06
C ASN I 187 26.65 -9.70 8.83
N LEU I 188 26.33 -10.30 7.69
CA LEU I 188 26.17 -9.56 6.44
C LEU I 188 24.98 -8.59 6.51
N ILE I 189 23.87 -9.06 7.05
CA ILE I 189 22.65 -8.24 7.09
C ILE I 189 22.53 -7.50 8.44
N GLY I 190 23.60 -7.55 9.23
CA GLY I 190 23.67 -6.79 10.47
C GLY I 190 22.69 -7.31 11.50
N LYS I 191 22.68 -8.63 11.69
CA LYS I 191 21.85 -9.28 12.70
C LYS I 191 22.74 -9.84 13.79
N LYS I 192 22.35 -9.59 15.03
CA LYS I 192 23.03 -10.16 16.18
C LYS I 192 22.26 -11.39 16.66
N GLU I 193 22.24 -11.57 17.99
CA GLU I 193 21.70 -12.74 18.68
C GLU I 193 21.75 -14.05 17.87
N VAL I 194 22.96 -14.41 17.44
CA VAL I 194 23.12 -15.52 16.51
C VAL I 194 23.79 -16.78 17.10
N GLU I 195 24.55 -16.62 18.18
CA GLU I 195 25.32 -17.73 18.74
C GLU I 195 24.49 -18.99 18.98
N VAL I 196 23.47 -18.85 19.81
CA VAL I 196 22.61 -19.96 20.18
C VAL I 196 21.80 -20.38 18.97
N ARG I 197 21.43 -19.40 18.15
CA ARG I 197 20.70 -19.69 16.92
C ARG I 197 21.59 -20.48 15.97
N ALA I 198 22.87 -20.13 15.91
CA ALA I 198 23.84 -20.84 15.07
C ALA I 198 23.99 -22.28 15.53
N PHE I 199 24.29 -22.43 16.82
CA PHE I 199 24.41 -23.72 17.47
C PHE I 199 23.21 -24.61 17.17
N LYS I 200 22.03 -24.11 17.56
CA LYS I 200 20.77 -24.83 17.40
C LYS I 200 20.54 -25.22 15.96
N PHE I 201 20.81 -24.28 15.05
CA PHE I 201 20.63 -24.52 13.62
C PHE I 201 21.50 -25.67 13.13
N GLY I 202 22.80 -25.59 13.42
CA GLY I 202 23.75 -26.63 13.05
C GLY I 202 23.40 -28.00 13.60
N ILE I 203 23.21 -28.06 14.92
CA ILE I 203 22.83 -29.30 15.59
C ILE I 203 21.62 -29.92 14.92
N LEU I 204 20.61 -29.10 14.67
CA LEU I 204 19.36 -29.56 14.08
C LEU I 204 19.59 -30.09 12.66
N SER I 205 20.30 -29.30 11.86
CA SER I 205 20.55 -29.63 10.46
C SER I 205 21.35 -30.90 10.25
N ASN I 206 22.44 -31.07 11.01
CA ASN I 206 23.26 -32.26 10.83
C ASN I 206 22.63 -33.46 11.55
N ALA I 207 21.65 -33.20 12.41
CA ALA I 207 20.90 -34.27 13.03
C ALA I 207 19.83 -34.75 12.08
N LEU I 208 19.41 -33.87 11.17
CA LEU I 208 18.31 -34.18 10.24
C LEU I 208 18.72 -34.20 8.77
N SER I 209 20.02 -34.31 8.50
CA SER I 209 20.48 -34.40 7.12
C SER I 209 20.80 -35.82 6.72
N ARG I 210 20.64 -36.13 5.43
CA ARG I 210 21.15 -37.37 4.89
C ARG I 210 22.27 -37.03 3.94
N ILE I 211 23.44 -37.58 4.20
CA ILE I 211 24.58 -37.29 3.37
C ILE I 211 24.67 -38.38 2.31
N ILE I 212 24.49 -37.97 1.05
CA ILE I 212 24.39 -38.92 -0.07
C ILE I 212 25.72 -39.36 -0.61
N GLY I 213 26.61 -38.40 -0.84
CA GLY I 213 27.92 -38.75 -1.35
C GLY I 213 28.93 -37.69 -0.98
N TYR I 214 30.20 -37.98 -1.20
CA TYR I 214 31.25 -37.00 -0.94
C TYR I 214 32.61 -37.49 -1.39
N ASP I 215 33.52 -36.54 -1.62
CA ASP I 215 34.92 -36.85 -1.78
C ASP I 215 35.74 -35.75 -1.11
N LEU I 216 36.05 -35.95 0.17
CA LEU I 216 36.82 -34.97 0.93
C LEU I 216 38.22 -35.48 1.22
N HIS I 217 39.13 -34.54 1.41
CA HIS I 217 40.49 -34.86 1.81
C HIS I 217 41.11 -33.70 2.58
N PRO I 218 41.85 -34.02 3.66
CA PRO I 218 42.55 -33.00 4.47
C PRO I 218 43.72 -32.39 3.70
N VAL I 219 43.90 -31.08 3.83
CA VAL I 219 45.01 -30.41 3.20
C VAL I 219 45.80 -29.56 4.21
N THR I 220 47.07 -29.33 3.91
CA THR I 220 47.88 -28.40 4.68
C THR I 220 48.06 -27.12 3.90
N VAL I 221 47.71 -26.00 4.51
CA VAL I 221 47.79 -24.73 3.82
C VAL I 221 48.79 -23.80 4.50
N ALA I 222 49.63 -23.15 3.70
CA ALA I 222 50.60 -22.19 4.22
C ALA I 222 50.14 -20.76 3.93
N ILE I 223 50.37 -19.85 4.88
CA ILE I 223 49.96 -18.46 4.72
C ILE I 223 51.07 -17.49 5.11
N GLY I 224 52.31 -17.99 5.15
CA GLY I 224 53.45 -17.16 5.49
C GLY I 224 54.26 -17.73 6.64
N GLU I 225 55.24 -16.99 7.14
CA GLU I 225 55.52 -15.62 6.72
C GLU I 225 56.65 -15.58 5.69
N LEU I 231 54.99 -16.81 10.37
CA LEU I 231 55.37 -18.17 10.01
C LEU I 231 54.16 -19.06 10.23
N ARG I 232 53.14 -18.81 9.40
CA ARG I 232 51.82 -19.36 9.60
C ARG I 232 51.49 -20.55 8.70
N LYS I 233 50.70 -21.49 9.22
CA LYS I 233 50.22 -22.64 8.44
C LYS I 233 49.16 -23.37 9.24
N ALA I 234 48.32 -24.14 8.55
CA ALA I 234 47.17 -24.78 9.19
C ALA I 234 46.69 -26.00 8.42
N ARG I 235 45.74 -26.73 9.01
CA ARG I 235 45.13 -27.88 8.36
C ARG I 235 43.64 -27.66 8.09
N GLY I 236 43.22 -27.93 6.87
CA GLY I 236 41.82 -27.75 6.50
C GLY I 236 41.29 -28.86 5.61
N VAL I 237 40.18 -28.58 4.93
CA VAL I 237 39.55 -29.57 4.05
C VAL I 237 39.40 -29.07 2.62
N MET I 238 39.47 -30.01 1.68
CA MET I 238 39.08 -29.73 0.31
C MET I 238 38.35 -30.93 -0.30
N GLY I 239 37.66 -30.71 -1.40
CA GLY I 239 36.86 -31.76 -2.01
C GLY I 239 35.41 -31.35 -2.07
N TRP I 240 34.50 -32.31 -2.20
CA TRP I 240 33.09 -31.96 -2.30
C TRP I 240 32.14 -32.82 -1.46
N ILE I 241 30.93 -32.33 -1.24
CA ILE I 241 29.93 -33.07 -0.47
C ILE I 241 28.50 -32.86 -0.97
N GLU I 242 27.78 -33.96 -1.18
CA GLU I 242 26.42 -33.91 -1.70
C GLU I 242 25.43 -34.50 -0.70
N PHE I 243 24.52 -33.65 -0.24
CA PHE I 243 23.54 -34.01 0.79
C PHE I 243 22.17 -33.43 0.52
N ASP I 244 21.23 -33.79 1.39
CA ASP I 244 19.87 -33.25 1.35
C ASP I 244 19.36 -33.10 2.78
N ILE I 245 18.48 -32.12 3.00
CA ILE I 245 17.86 -31.96 4.31
C ILE I 245 16.34 -32.12 4.21
N PRO I 246 15.83 -33.28 4.64
CA PRO I 246 14.40 -33.63 4.58
C PRO I 246 13.45 -32.66 5.29
N ASP I 247 13.95 -31.81 6.18
CA ASP I 247 13.08 -30.82 6.82
C ASP I 247 13.03 -29.53 6.00
N GLU I 248 11.82 -29.15 5.61
CA GLU I 248 11.61 -28.05 4.66
C GLU I 248 12.05 -26.66 5.10
N ARG I 249 11.68 -26.24 6.32
CA ARG I 249 12.05 -24.91 6.78
C ARG I 249 13.57 -24.87 6.91
N LEU I 250 14.10 -25.96 7.44
CA LEU I 250 15.54 -26.12 7.61
C LEU I 250 16.24 -26.04 6.27
N LYS I 251 15.75 -26.82 5.30
CA LYS I 251 16.30 -26.85 3.95
C LYS I 251 16.34 -25.46 3.36
N ARG I 252 15.26 -24.73 3.56
CA ARG I 252 15.15 -23.37 3.05
C ARG I 252 16.19 -22.43 3.65
N ARG I 253 16.27 -22.40 4.97
CA ARG I 253 17.23 -21.51 5.63
C ARG I 253 18.64 -21.85 5.16
N ALA I 254 18.95 -23.14 5.16
CA ALA I 254 20.26 -23.63 4.76
C ALA I 254 20.60 -23.23 3.33
N LEU I 255 19.74 -23.58 2.39
CA LEU I 255 19.94 -23.19 0.98
C LEU I 255 20.21 -21.70 0.87
N ASN I 256 19.38 -20.93 1.57
CA ASN I 256 19.45 -19.48 1.56
C ASN I 256 20.85 -19.00 1.95
N TYR I 257 21.29 -19.37 3.15
CA TYR I 257 22.61 -18.98 3.63
C TYR I 257 23.71 -19.47 2.68
N LEU I 258 23.48 -20.65 2.11
CA LEU I 258 24.44 -21.27 1.22
C LEU I 258 24.72 -20.46 -0.04
N LEU I 259 23.68 -19.91 -0.67
CA LEU I 259 23.92 -19.06 -1.85
C LEU I 259 24.79 -17.86 -1.51
N THR I 260 24.55 -17.29 -0.35
CA THR I 260 25.35 -16.18 0.13
C THR I 260 26.79 -16.62 0.26
N SER I 261 27.01 -17.79 0.86
CA SER I 261 28.38 -18.30 0.99
C SER I 261 29.00 -18.68 -0.35
N SER I 262 28.15 -18.93 -1.36
CA SER I 262 28.62 -19.24 -2.70
C SER I 262 29.24 -18.02 -3.37
N TYR I 263 29.07 -16.87 -2.72
CA TYR I 263 29.63 -15.62 -3.20
C TYR I 263 30.71 -15.15 -2.23
N LEU I 264 30.38 -15.15 -0.93
CA LEU I 264 31.27 -14.61 0.08
C LEU I 264 32.20 -15.65 0.70
N GLY I 265 32.02 -16.91 0.33
CA GLY I 265 32.87 -17.97 0.86
C GLY I 265 32.28 -18.55 2.12
N ILE I 266 32.93 -19.58 2.67
CA ILE I 266 32.44 -20.28 3.86
C ILE I 266 33.55 -20.45 4.90
N GLY I 267 33.18 -20.39 6.18
CA GLY I 267 34.15 -20.54 7.26
C GLY I 267 35.09 -19.35 7.33
N ARG I 268 36.09 -19.39 8.21
CA ARG I 268 37.16 -18.41 8.11
C ARG I 268 38.27 -18.97 7.26
N SER I 269 39.12 -18.12 6.68
CA SER I 269 38.91 -16.68 6.65
C SER I 269 38.79 -16.23 5.19
N ARG I 270 37.56 -16.01 4.75
CA ARG I 270 37.25 -15.68 3.36
C ARG I 270 37.94 -14.40 2.89
N GLY I 271 38.40 -13.61 3.85
CA GLY I 271 39.07 -12.35 3.59
C GLY I 271 40.41 -12.50 2.90
N ILE I 272 40.86 -13.74 2.78
CA ILE I 272 42.14 -14.02 2.16
C ILE I 272 42.03 -15.10 1.06
N GLY I 273 40.80 -15.45 0.72
CA GLY I 273 40.59 -16.36 -0.39
C GLY I 273 40.21 -17.77 0.01
N PHE I 274 40.11 -17.99 1.31
CA PHE I 274 39.77 -19.32 1.83
C PHE I 274 38.28 -19.59 1.90
N GLY I 275 37.91 -20.83 1.63
CA GLY I 275 36.53 -21.24 1.75
C GLY I 275 35.74 -20.91 0.50
N GLU I 276 36.41 -20.82 -0.63
CA GLU I 276 35.69 -20.64 -1.88
C GLU I 276 34.90 -21.91 -2.19
N ILE I 277 33.62 -21.76 -2.50
CA ILE I 277 32.77 -22.91 -2.77
C ILE I 277 32.02 -22.76 -4.09
N ARG I 278 31.68 -23.90 -4.69
CA ARG I 278 30.87 -23.91 -5.91
C ARG I 278 29.65 -24.75 -5.60
N LEU I 279 28.49 -24.22 -5.93
CA LEU I 279 27.23 -24.88 -5.62
C LEU I 279 26.65 -25.57 -6.83
N GLU I 280 26.17 -26.80 -6.64
CA GLU I 280 25.43 -27.48 -7.69
C GLU I 280 24.21 -28.20 -7.12
N PHE I 281 23.32 -28.62 -8.00
CA PHE I 281 22.04 -29.22 -7.62
C PHE I 281 21.75 -30.39 -8.53
N ARG I 282 20.94 -31.34 -8.06
CA ARG I 282 20.55 -32.44 -8.94
C ARG I 282 19.11 -32.88 -8.69
N LYS I 283 18.40 -33.29 -9.75
CA LYS I 283 17.01 -33.71 -9.60
C LYS I 283 16.99 -35.20 -9.24
N ILE I 284 15.99 -35.59 -8.46
CA ILE I 284 15.91 -36.97 -7.99
C ILE I 284 14.78 -37.76 -8.66
N MET K 1 -22.32 39.09 -6.39
CA MET K 1 -21.17 39.58 -5.64
C MET K 1 -21.37 39.43 -4.14
N PRO K 2 -20.51 38.64 -3.47
CA PRO K 2 -20.62 38.46 -2.03
C PRO K 2 -19.89 39.58 -1.31
N LEU K 3 -20.35 39.92 -0.10
CA LEU K 3 -19.72 41.00 0.66
C LEU K 3 -19.79 40.71 2.16
N ILE K 4 -18.94 41.39 2.92
CA ILE K 4 -18.86 41.16 4.35
C ILE K 4 -19.23 42.40 5.15
N PHE K 5 -20.11 42.22 6.12
CA PHE K 5 -20.44 43.29 7.05
C PHE K 5 -19.82 43.01 8.41
N LYS K 6 -19.11 44.01 8.93
CA LYS K 6 -18.56 43.97 10.29
C LYS K 6 -19.20 45.10 11.10
N ILE K 7 -19.99 44.69 12.10
CA ILE K 7 -20.71 45.62 12.96
C ILE K 7 -20.14 45.62 14.38
N GLY K 8 -19.96 46.82 14.91
CA GLY K 8 -19.47 47.03 16.26
C GLY K 8 -20.61 47.26 17.23
N TYR K 9 -20.72 46.35 18.19
CA TYR K 9 -21.82 46.36 19.14
C TYR K 9 -21.39 46.94 20.48
N ASN K 10 -22.26 47.74 21.08
CA ASN K 10 -22.04 48.18 22.45
C ASN K 10 -23.22 47.71 23.31
N VAL K 11 -22.98 46.80 24.24
CA VAL K 11 -24.09 46.22 25.02
C VAL K 11 -24.00 46.57 26.50
N ILE K 12 -25.06 47.14 27.06
CA ILE K 12 -25.04 47.47 28.48
C ILE K 12 -26.14 46.74 29.25
N PRO K 13 -25.75 46.03 30.32
CA PRO K 13 -26.67 45.35 31.23
C PRO K 13 -27.21 46.31 32.28
N LEU K 14 -28.42 46.07 32.75
CA LEU K 14 -29.05 46.96 33.71
C LEU K 14 -28.85 46.46 35.14
N GLN K 15 -29.15 45.19 35.35
CA GLN K 15 -29.06 44.56 36.67
C GLN K 15 -27.78 43.75 36.85
N ASP K 16 -27.67 43.05 37.98
CA ASP K 16 -26.57 42.11 38.19
C ASP K 16 -26.88 40.77 37.58
N VAL K 17 -25.92 40.28 36.80
CA VAL K 17 -26.14 39.05 36.06
C VAL K 17 -24.84 38.26 35.90
N ILE K 18 -24.95 36.95 35.82
CA ILE K 18 -23.82 36.10 35.50
C ILE K 18 -23.90 35.77 34.01
N LEU K 19 -22.81 36.08 33.30
CA LEU K 19 -22.73 35.82 31.87
C LEU K 19 -22.56 34.32 31.65
N PRO K 20 -23.15 33.79 30.56
CA PRO K 20 -23.05 32.36 30.28
C PRO K 20 -21.73 31.96 29.61
N THR K 21 -21.58 30.68 29.34
CA THR K 21 -20.38 30.16 28.69
C THR K 21 -20.70 29.44 27.38
N PRO K 22 -20.19 29.96 26.25
CA PRO K 22 -19.41 31.20 26.13
C PRO K 22 -20.29 32.44 26.20
N SER K 23 -19.68 33.62 26.33
CA SER K 23 -20.45 34.84 26.52
C SER K 23 -21.22 35.28 25.28
N SER K 24 -20.94 34.68 24.14
CA SER K 24 -21.59 35.10 22.89
C SER K 24 -23.04 34.62 22.85
N LYS K 25 -23.32 33.58 23.65
CA LYS K 25 -24.61 32.93 23.73
C LYS K 25 -25.77 33.93 23.80
N VAL K 26 -25.57 35.02 24.55
CA VAL K 26 -26.59 36.05 24.72
C VAL K 26 -27.05 36.56 23.35
N LEU K 27 -26.09 37.05 22.58
CA LEU K 27 -26.36 37.59 21.26
C LEU K 27 -26.93 36.49 20.39
N LYS K 28 -26.50 35.24 20.62
CA LYS K 28 -26.98 34.13 19.83
C LYS K 28 -28.49 34.02 20.02
N TYR K 29 -28.92 34.25 21.26
CA TYR K 29 -30.33 34.17 21.59
C TYR K 29 -31.06 35.29 20.86
N LEU K 30 -30.43 36.45 20.80
CA LEU K 30 -31.02 37.60 20.12
C LEU K 30 -31.25 37.30 18.66
N ILE K 31 -30.44 36.37 18.15
CA ILE K 31 -30.60 35.93 16.78
C ILE K 31 -31.56 34.76 16.72
N GLN K 32 -31.38 33.82 17.64
CA GLN K 32 -32.20 32.62 17.69
C GLN K 32 -33.64 32.89 18.11
N SER K 33 -33.99 34.15 18.34
CA SER K 33 -35.37 34.50 18.70
C SER K 33 -35.92 35.51 17.71
N GLY K 34 -35.07 36.00 16.82
CA GLY K 34 -35.50 36.91 15.79
C GLY K 34 -35.88 38.26 16.35
N LYS K 35 -34.93 38.86 17.07
CA LYS K 35 -35.16 40.14 17.69
C LYS K 35 -34.25 41.16 17.02
N LEU K 36 -33.03 40.74 16.71
CA LEU K 36 -32.16 41.54 15.85
C LEU K 36 -31.67 40.68 14.69
N ILE K 37 -31.68 41.28 13.49
CA ILE K 37 -31.32 40.61 12.24
C ILE K 37 -31.66 39.12 12.31
N PRO K 38 -32.96 38.79 12.21
CA PRO K 38 -33.46 37.41 12.39
C PRO K 38 -33.02 36.49 11.26
N SER K 39 -32.68 37.13 10.13
CA SER K 39 -32.45 36.50 8.84
C SER K 39 -31.42 35.39 8.81
N LEU K 40 -30.50 35.43 9.78
CA LEU K 40 -29.38 34.50 9.79
C LEU K 40 -29.53 33.44 10.88
N LYS K 41 -30.71 33.36 11.52
CA LYS K 41 -30.94 32.36 12.56
C LYS K 41 -30.43 30.99 12.07
N ASP K 42 -30.87 30.58 10.88
CA ASP K 42 -30.46 29.31 10.29
C ASP K 42 -28.95 29.23 10.19
N LEU K 43 -28.36 30.32 9.70
CA LEU K 43 -26.92 30.42 9.53
C LEU K 43 -26.23 30.27 10.89
N ILE K 44 -26.86 30.76 11.96
CA ILE K 44 -26.27 30.64 13.29
C ILE K 44 -26.54 29.25 13.88
N THR K 45 -27.52 28.55 13.34
CA THR K 45 -27.86 27.21 13.82
C THR K 45 -27.23 26.15 12.93
N SER K 46 -26.77 26.57 11.76
CA SER K 46 -26.17 25.67 10.77
C SER K 46 -24.96 24.90 11.32
N ARG K 47 -24.75 23.71 10.79
CA ARG K 47 -23.61 22.89 11.18
C ARG K 47 -22.67 22.71 9.98
N ASP K 48 -22.80 23.59 8.99
CA ASP K 48 -21.98 23.49 7.79
C ASP K 48 -20.53 23.91 8.03
N LYS K 49 -19.61 23.19 7.39
CA LYS K 49 -18.19 23.42 7.53
C LYS K 49 -17.78 24.83 7.07
N TYR K 50 -17.07 25.54 7.94
CA TYR K 50 -16.52 26.86 7.66
C TYR K 50 -17.57 27.91 7.32
N LYS K 51 -18.65 27.93 8.09
CA LYS K 51 -19.68 28.93 7.90
C LYS K 51 -19.10 30.34 8.09
N PRO K 52 -19.47 31.27 7.20
CA PRO K 52 -18.92 32.64 7.23
C PRO K 52 -19.60 33.59 8.20
N ILE K 53 -19.64 33.28 9.50
CA ILE K 53 -20.16 34.20 10.50
C ILE K 53 -19.32 34.16 11.77
N PHE K 54 -19.14 35.33 12.35
CA PHE K 54 -18.40 35.48 13.58
C PHE K 54 -19.21 36.30 14.57
N ILE K 55 -19.59 35.65 15.67
CA ILE K 55 -20.31 36.30 16.75
C ILE K 55 -19.44 36.23 18.00
N SER K 56 -18.83 37.36 18.32
CA SER K 56 -17.77 37.40 19.32
C SER K 56 -18.28 37.24 20.75
N HIS K 57 -17.35 36.94 21.65
CA HIS K 57 -17.60 36.98 23.08
C HIS K 57 -17.88 38.43 23.45
N LEU K 58 -18.45 38.66 24.62
CA LEU K 58 -18.56 40.04 25.10
C LEU K 58 -17.22 40.43 25.70
N GLY K 59 -16.95 41.74 25.76
CA GLY K 59 -15.68 42.19 26.30
C GLY K 59 -15.80 43.53 26.98
N PHE K 60 -15.24 43.60 28.18
CA PHE K 60 -15.18 44.84 28.94
C PHE K 60 -13.81 45.41 28.66
N ASN K 61 -13.70 46.75 28.68
CA ASN K 61 -12.52 47.47 28.13
C ASN K 61 -11.84 46.81 26.90
N GLN K 62 -10.66 47.28 26.53
CA GLN K 62 -9.88 46.71 25.41
C GLN K 62 -9.62 45.18 25.37
N ARG K 63 -10.35 44.37 26.13
CA ARG K 63 -10.13 42.92 26.19
C ARG K 63 -11.43 42.13 26.15
N ARG K 64 -11.32 40.86 25.77
CA ARG K 64 -12.44 39.94 25.71
C ARG K 64 -12.56 39.14 27.00
N ILE K 65 -13.72 39.23 27.63
CA ILE K 65 -14.04 38.50 28.87
C ILE K 65 -13.66 37.01 28.85
N PHE K 66 -12.72 36.64 29.73
CA PHE K 66 -12.32 35.25 29.91
C PHE K 66 -13.51 34.45 30.45
N GLN K 67 -13.47 33.14 30.28
CA GLN K 67 -14.59 32.28 30.67
C GLN K 67 -14.28 31.47 31.92
N THR K 68 -15.26 30.69 32.38
CA THR K 68 -15.11 29.83 33.56
C THR K 68 -13.83 29.00 33.62
N ASN K 69 -12.68 29.68 33.79
CA ASN K 69 -11.38 29.01 33.86
C ASN K 69 -10.24 29.95 34.23
N LYS K 73 -15.02 29.98 37.54
CA LYS K 73 -14.86 31.37 37.96
C LYS K 73 -16.20 32.13 38.00
N THR K 74 -17.03 31.91 37.00
CA THR K 74 -18.39 32.49 36.92
C THR K 74 -18.52 34.02 36.94
N ILE K 75 -17.60 34.71 37.60
CA ILE K 75 -17.58 36.19 37.69
C ILE K 75 -18.93 36.88 37.94
N THR K 76 -19.10 38.08 37.38
CA THR K 76 -20.28 38.90 37.69
C THR K 76 -20.70 39.90 36.62
N LYS K 77 -21.38 40.95 37.11
CA LYS K 77 -21.90 42.06 36.30
C LYS K 77 -20.95 43.24 36.17
N GLY K 78 -21.01 43.89 35.00
CA GLY K 78 -20.28 45.12 34.73
C GLY K 78 -21.27 46.00 33.99
N SER K 79 -20.79 47.09 33.38
CA SER K 79 -21.67 47.98 32.63
C SER K 79 -20.89 48.75 31.56
N ARG K 80 -21.31 48.54 30.31
CA ARG K 80 -20.73 49.07 29.06
C ARG K 80 -19.76 48.02 28.50
N LEU K 81 -20.35 46.98 27.93
CA LEU K 81 -19.67 45.85 27.33
C LEU K 81 -19.48 46.06 25.82
N SER K 82 -18.49 45.38 25.24
CA SER K 82 -18.20 45.53 23.82
C SER K 82 -18.40 44.21 23.08
N SER K 83 -18.79 44.29 21.81
CA SER K 83 -18.98 43.11 20.98
C SER K 83 -18.71 43.39 19.51
N ILE K 84 -18.50 42.34 18.73
CA ILE K 84 -18.29 42.46 17.30
C ILE K 84 -18.98 41.31 16.57
N ILE K 85 -19.68 41.63 15.48
CA ILE K 85 -20.28 40.60 14.65
C ILE K 85 -19.92 40.80 13.19
N ALA K 86 -19.49 39.74 12.52
CA ALA K 86 -19.15 39.84 11.11
C ALA K 86 -19.82 38.70 10.35
N PHE K 87 -20.21 38.97 9.11
CA PHE K 87 -20.91 37.95 8.31
C PHE K 87 -20.96 38.28 6.82
N SER K 88 -21.49 37.36 6.03
CA SER K 88 -21.51 37.54 4.58
C SER K 88 -22.82 37.09 3.94
N THR K 89 -22.73 36.13 3.01
CA THR K 89 -23.89 35.61 2.28
C THR K 89 -24.55 36.69 1.41
N GLN K 90 -25.29 36.24 0.39
CA GLN K 90 -25.91 37.13 -0.59
C GLN K 90 -27.29 37.62 -0.14
N ALA K 91 -27.73 37.23 1.05
CA ALA K 91 -29.04 37.65 1.52
C ALA K 91 -28.99 39.07 2.07
N ASN K 92 -29.77 39.95 1.46
CA ASN K 92 -29.80 41.38 1.79
C ASN K 92 -30.52 41.72 3.10
N VAL K 93 -29.78 42.03 4.14
CA VAL K 93 -30.38 42.44 5.42
C VAL K 93 -30.13 43.92 5.68
N LEU K 94 -29.57 44.57 4.66
CA LEU K 94 -29.16 45.99 4.64
C LEU K 94 -29.84 46.93 5.64
N SER K 95 -31.12 46.70 5.92
CA SER K 95 -31.87 47.51 6.88
C SER K 95 -31.69 47.08 8.33
N GLU K 96 -32.26 45.91 8.68
CA GLU K 96 -32.24 45.37 10.04
C GLU K 96 -31.00 45.66 10.91
N VAL K 97 -29.82 45.65 10.32
CA VAL K 97 -28.57 46.06 11.00
C VAL K 97 -28.66 47.20 12.04
N ALA K 98 -29.73 47.99 12.00
CA ALA K 98 -29.88 49.18 12.85
C ALA K 98 -30.71 48.95 14.13
N ASP K 99 -31.93 48.44 13.95
CA ASP K 99 -32.94 48.20 15.00
C ASP K 99 -32.66 48.59 16.47
N GLU K 100 -32.05 47.68 17.22
CA GLU K 100 -31.86 47.78 18.68
C GLU K 100 -33.16 47.90 19.47
N GLY K 101 -33.02 47.93 20.79
CA GLY K 101 -34.11 48.16 21.73
C GLY K 101 -33.68 47.76 23.14
N ILE K 102 -34.65 47.41 23.97
CA ILE K 102 -34.39 46.87 25.30
C ILE K 102 -34.79 45.41 25.28
N PHE K 103 -33.81 44.52 25.24
CA PHE K 103 -34.14 43.12 25.08
C PHE K 103 -33.98 42.32 26.36
N GLU K 104 -34.56 41.14 26.34
CA GLU K 104 -34.58 40.23 27.47
C GLU K 104 -34.19 38.84 27.01
N THR K 105 -33.42 38.19 27.87
CA THR K 105 -32.92 36.85 27.65
C THR K 105 -33.11 35.97 28.87
N VAL K 106 -32.87 34.68 28.69
CA VAL K 106 -32.89 33.75 29.81
C VAL K 106 -31.57 33.98 30.52
N TYR K 107 -30.69 34.70 29.82
CA TYR K 107 -29.38 35.04 30.33
C TYR K 107 -29.50 36.39 31.05
N GLY K 108 -30.69 36.98 31.00
CA GLY K 108 -30.97 38.21 31.72
C GLY K 108 -31.37 39.36 30.80
N LYS K 109 -31.53 40.56 31.35
CA LYS K 109 -32.07 41.66 30.56
C LYS K 109 -30.96 42.64 30.16
N PHE K 110 -30.89 42.96 28.87
CA PHE K 110 -29.82 43.82 28.36
C PHE K 110 -30.33 44.91 27.41
N HIS K 111 -29.62 46.03 27.37
CA HIS K 111 -29.88 47.08 26.37
C HIS K 111 -28.72 47.23 25.42
N ILE K 112 -28.96 46.97 24.14
CA ILE K 112 -27.90 47.04 23.14
C ILE K 112 -28.01 48.26 22.24
N MET K 113 -26.85 48.83 21.91
CA MET K 113 -26.78 49.88 20.91
C MET K 113 -25.64 49.51 19.96
N ILE K 114 -25.44 50.35 18.94
CA ILE K 114 -24.41 50.08 17.94
C ILE K 114 -23.43 51.21 17.66
N GLU K 115 -22.13 50.90 17.69
CA GLU K 115 -21.12 51.86 17.29
C GLU K 115 -20.41 51.37 16.02
N SER K 116 -20.25 52.27 15.05
CA SER K 116 -19.54 51.97 13.80
C SER K 116 -20.22 50.91 12.92
N ILE K 117 -20.07 51.05 11.62
CA ILE K 117 -20.56 50.09 10.63
C ILE K 117 -19.52 49.96 9.51
N GLU K 118 -19.15 48.73 9.18
CA GLU K 118 -18.22 48.54 8.07
C GLU K 118 -18.78 47.53 7.10
N ILE K 119 -18.67 47.86 5.81
CA ILE K 119 -19.11 46.99 4.74
C ILE K 119 -17.97 46.89 3.76
N VAL K 120 -17.70 45.69 3.26
CA VAL K 120 -16.62 45.53 2.30
C VAL K 120 -17.00 44.54 1.21
N GLU K 121 -16.55 44.81 -0.01
CA GLU K 121 -16.73 43.85 -1.09
C GLU K 121 -15.44 43.05 -1.20
N VAL K 122 -15.59 41.73 -1.24
CA VAL K 122 -14.47 40.80 -1.12
C VAL K 122 -13.42 41.06 -2.20
N GLU K 123 -13.87 41.60 -3.32
CA GLU K 123 -12.98 41.85 -4.45
C GLU K 123 -12.20 43.13 -4.21
N LYS K 124 -12.75 44.04 -3.41
CA LYS K 124 -12.10 45.31 -3.15
C LYS K 124 -10.90 45.16 -2.21
N LEU K 125 -10.90 44.12 -1.40
CA LEU K 125 -9.77 43.89 -0.50
C LEU K 125 -8.54 43.49 -1.29
N LYS K 126 -8.76 42.98 -2.51
CA LYS K 126 -7.64 42.60 -3.37
C LYS K 126 -6.80 43.82 -3.69
N GLU K 127 -7.38 45.01 -3.48
CA GLU K 127 -6.66 46.24 -3.72
C GLU K 127 -5.71 46.52 -2.55
N GLU K 128 -6.15 46.18 -1.36
CA GLU K 128 -5.40 46.42 -0.14
C GLU K 128 -4.09 45.63 -0.10
N VAL K 129 -4.09 44.43 -0.68
CA VAL K 129 -2.92 43.54 -0.67
C VAL K 129 -1.59 44.18 -1.12
N GLU K 130 -1.63 44.88 -2.26
CA GLU K 130 -0.40 45.36 -2.90
C GLU K 130 0.36 46.38 -2.05
N LYS K 131 -0.34 47.07 -1.19
CA LYS K 131 0.27 48.09 -0.36
C LYS K 131 0.94 47.49 0.88
N HIS K 132 0.79 46.18 1.07
CA HIS K 132 1.44 45.51 2.18
C HIS K 132 2.45 44.46 1.71
N MET K 133 2.78 44.46 0.41
CA MET K 133 3.61 43.39 -0.16
C MET K 133 5.08 43.45 0.26
N ASN K 134 5.44 44.49 1.02
CA ASN K 134 6.79 44.61 1.55
C ASN K 134 6.73 44.74 3.06
N ASP K 135 5.58 44.38 3.63
CA ASP K 135 5.39 44.47 5.06
C ASP K 135 5.53 43.09 5.71
N ASN K 136 5.98 43.08 6.96
CA ASN K 136 5.94 41.88 7.77
C ASN K 136 4.51 41.74 8.28
N ILE K 137 3.99 40.53 8.29
CA ILE K 137 2.61 40.32 8.71
C ILE K 137 2.60 39.90 10.17
N ARG K 138 1.88 40.64 11.00
CA ARG K 138 1.73 40.28 12.39
C ARG K 138 0.26 39.99 12.66
N VAL K 139 0.00 38.77 13.10
CA VAL K 139 -1.34 38.28 13.38
C VAL K 139 -1.46 38.23 14.90
N ARG K 140 -2.48 38.90 15.43
CA ARG K 140 -2.69 38.93 16.86
C ARG K 140 -3.97 38.18 17.23
N PHE K 141 -3.84 37.11 18.01
CA PHE K 141 -5.00 36.35 18.46
C PHE K 141 -5.60 37.00 19.69
N VAL K 142 -6.68 37.76 19.50
CA VAL K 142 -7.29 38.48 20.62
C VAL K 142 -8.34 37.62 21.31
N SER K 143 -8.50 36.39 20.84
CA SER K 143 -9.38 35.44 21.49
C SER K 143 -8.79 34.06 21.23
N PRO K 144 -9.02 33.10 22.13
CA PRO K 144 -8.47 31.76 21.98
C PRO K 144 -8.77 31.15 20.62
N THR K 145 -7.70 30.85 19.88
CA THR K 145 -7.79 30.38 18.50
C THR K 145 -7.54 28.89 18.40
N LEU K 146 -8.51 28.18 17.83
CA LEU K 146 -8.45 26.73 17.80
C LEU K 146 -8.09 26.24 16.41
N LEU K 147 -6.90 25.66 16.29
CA LEU K 147 -6.39 25.19 15.01
C LEU K 147 -6.21 23.68 14.97
N SER K 148 -7.12 22.98 14.31
CA SER K 148 -6.98 21.53 14.17
C SER K 148 -5.78 21.22 13.31
N SER K 149 -4.92 20.33 13.78
CA SER K 149 -3.68 20.01 13.08
C SER K 149 -3.98 19.25 11.79
N LYS K 150 -5.04 18.45 11.82
CA LYS K 150 -5.44 17.63 10.69
C LYS K 150 -5.75 18.45 9.44
N VAL K 151 -5.98 19.74 9.61
CA VAL K 151 -6.15 20.67 8.49
C VAL K 151 -4.98 20.58 7.51
N LEU K 152 -3.78 20.29 8.02
CA LEU K 152 -2.60 20.20 7.16
C LEU K 152 -2.20 18.76 6.90
N LEU K 153 -3.16 17.85 7.04
CA LEU K 153 -2.99 16.43 6.69
C LEU K 153 -3.30 16.19 5.21
N PRO K 154 -2.50 15.34 4.55
CA PRO K 154 -2.79 15.00 3.14
C PRO K 154 -4.15 14.35 3.02
N PRO K 155 -5.06 14.95 2.21
CA PRO K 155 -6.45 14.53 2.09
C PRO K 155 -6.59 13.06 1.68
N SER K 156 -5.59 12.55 0.98
CA SER K 156 -5.54 11.14 0.61
C SER K 156 -5.62 10.24 1.85
N LEU K 157 -4.86 10.60 2.89
CA LEU K 157 -4.84 9.79 4.11
C LEU K 157 -5.93 10.19 5.11
N SER K 158 -6.90 10.96 4.64
CA SER K 158 -8.03 11.37 5.47
C SER K 158 -8.75 10.19 6.11
N GLU K 159 -8.97 9.15 5.32
CA GLU K 159 -9.70 7.98 5.78
C GLU K 159 -8.86 7.07 6.65
N ARG K 160 -7.58 6.91 6.31
CA ARG K 160 -6.66 6.07 7.07
C ARG K 160 -6.58 6.51 8.53
N TYR K 161 -6.61 7.82 8.76
CA TYR K 161 -6.46 8.38 10.11
C TYR K 161 -7.74 9.01 10.64
N LYS K 162 -8.87 8.56 10.10
CA LYS K 162 -10.18 9.04 10.50
C LYS K 162 -10.41 8.84 11.99
N LYS K 163 -9.75 7.83 12.54
CA LYS K 163 -9.92 7.45 13.94
C LYS K 163 -9.09 8.29 14.87
N ILE K 164 -7.89 8.64 14.42
CA ILE K 164 -6.97 9.39 15.25
C ILE K 164 -7.43 10.82 15.46
N HIS K 165 -7.48 11.23 16.72
CA HIS K 165 -7.87 12.58 17.08
C HIS K 165 -6.63 13.34 17.51
N ALA K 166 -6.09 14.13 16.60
CA ALA K 166 -4.84 14.82 16.84
C ALA K 166 -5.04 16.08 17.67
N GLY K 167 -6.28 16.57 17.70
CA GLY K 167 -6.57 17.74 18.50
C GLY K 167 -6.14 19.02 17.83
N TYR K 168 -6.02 20.08 18.63
CA TYR K 168 -5.66 21.41 18.14
C TYR K 168 -4.16 21.61 18.23
N SER K 169 -3.61 22.33 17.27
CA SER K 169 -2.21 22.71 17.34
C SER K 169 -2.12 24.04 18.09
N THR K 170 -1.84 23.97 19.38
CA THR K 170 -1.72 25.17 20.21
C THR K 170 -0.46 25.97 19.86
N LEU K 171 0.25 25.50 18.83
CA LEU K 171 1.41 26.18 18.26
C LEU K 171 1.11 26.49 16.82
N PRO K 172 0.70 27.74 16.54
CA PRO K 172 0.24 28.10 15.20
C PRO K 172 1.41 28.15 14.22
N SER K 173 1.38 27.27 13.22
CA SER K 173 2.32 27.35 12.12
C SER K 173 1.77 28.42 11.18
N VAL K 174 2.64 29.01 10.37
CA VAL K 174 2.19 30.00 9.40
C VAL K 174 1.20 29.35 8.44
N GLY K 175 1.58 28.16 7.97
CA GLY K 175 0.80 27.41 7.00
C GLY K 175 -0.56 27.01 7.51
N LEU K 176 -0.64 26.69 8.80
CA LEU K 176 -1.91 26.30 9.39
C LEU K 176 -2.83 27.51 9.35
N ILE K 177 -2.26 28.69 9.61
CA ILE K 177 -3.04 29.91 9.67
C ILE K 177 -3.54 30.33 8.29
N VAL K 178 -2.65 30.29 7.30
CA VAL K 178 -3.06 30.64 5.94
C VAL K 178 -3.99 29.59 5.34
N ALA K 179 -3.85 28.33 5.75
CA ALA K 179 -4.72 27.26 5.29
C ALA K 179 -6.14 27.45 5.83
N TYR K 180 -6.24 27.81 7.11
CA TYR K 180 -7.55 28.10 7.71
C TYR K 180 -8.19 29.31 7.02
N ALA K 181 -7.38 30.35 6.86
CA ALA K 181 -7.81 31.57 6.18
C ALA K 181 -8.33 31.24 4.79
N TYR K 182 -7.63 30.35 4.12
CA TYR K 182 -7.96 29.92 2.77
C TYR K 182 -9.30 29.21 2.77
N ASN K 183 -9.47 28.26 3.69
CA ASN K 183 -10.72 27.51 3.76
C ASN K 183 -11.91 28.43 3.95
N VAL K 184 -11.76 29.37 4.88
CA VAL K 184 -12.84 30.32 5.16
C VAL K 184 -13.14 31.18 3.94
N TYR K 185 -12.08 31.70 3.31
CA TYR K 185 -12.20 32.49 2.09
C TYR K 185 -12.96 31.76 0.99
N CYS K 186 -12.54 30.52 0.77
CA CYS K 186 -13.11 29.70 -0.29
C CYS K 186 -14.57 29.43 -0.05
N ASN K 187 -14.90 29.00 1.15
CA ASN K 187 -16.30 28.80 1.48
C ASN K 187 -17.09 30.09 1.35
N LEU K 188 -16.42 31.21 1.60
CA LEU K 188 -17.04 32.52 1.50
C LEU K 188 -17.43 32.76 0.06
N ILE K 189 -16.52 32.46 -0.86
CA ILE K 189 -16.80 32.67 -2.28
C ILE K 189 -17.21 31.39 -3.03
N GLY K 190 -17.41 30.29 -2.29
CA GLY K 190 -17.85 29.03 -2.88
C GLY K 190 -16.81 28.36 -3.77
N LYS K 191 -16.41 27.13 -3.44
CA LYS K 191 -15.46 26.39 -4.28
C LYS K 191 -15.46 24.86 -4.09
N LYS K 192 -15.90 24.39 -2.93
CA LYS K 192 -16.01 22.95 -2.63
C LYS K 192 -14.67 22.20 -2.70
N GLU K 193 -14.21 21.91 -3.92
CA GLU K 193 -13.02 21.09 -4.17
C GLU K 193 -11.72 21.77 -3.75
N VAL K 194 -11.62 22.09 -2.47
CA VAL K 194 -10.56 22.94 -1.94
C VAL K 194 -9.48 22.22 -1.14
N GLU K 195 -9.78 20.99 -0.73
CA GLU K 195 -8.91 20.19 0.13
C GLU K 195 -7.44 20.18 -0.29
N VAL K 196 -7.16 19.78 -1.53
CA VAL K 196 -5.79 19.65 -2.01
C VAL K 196 -5.10 20.99 -2.20
N ARG K 197 -5.83 22.00 -2.70
CA ARG K 197 -5.26 23.33 -2.83
C ARG K 197 -4.91 23.85 -1.45
N ALA K 198 -5.77 23.59 -0.48
CA ALA K 198 -5.51 24.01 0.90
C ALA K 198 -4.25 23.34 1.43
N PHE K 199 -4.20 22.02 1.36
CA PHE K 199 -3.01 21.26 1.79
C PHE K 199 -1.71 21.78 1.19
N LYS K 200 -1.65 21.80 -0.15
CA LYS K 200 -0.44 22.25 -0.83
C LYS K 200 -0.09 23.67 -0.40
N PHE K 201 -1.12 24.51 -0.26
CA PHE K 201 -0.93 25.89 0.15
C PHE K 201 -0.27 26.02 1.53
N GLY K 202 -0.86 25.38 2.53
CA GLY K 202 -0.35 25.37 3.89
C GLY K 202 1.06 24.81 3.95
N ILE K 203 1.25 23.62 3.38
CA ILE K 203 2.56 22.98 3.36
C ILE K 203 3.62 23.91 2.77
N LEU K 204 3.26 24.54 1.66
CA LEU K 204 4.16 25.44 0.93
C LEU K 204 4.51 26.63 1.80
N SER K 205 3.50 27.27 2.40
CA SER K 205 3.73 28.42 3.27
C SER K 205 4.63 28.08 4.46
N ASN K 206 4.43 26.92 5.08
CA ASN K 206 5.26 26.55 6.22
C ASN K 206 6.64 26.11 5.79
N ALA K 207 6.77 25.80 4.51
CA ALA K 207 8.07 25.44 3.97
C ALA K 207 8.82 26.68 3.56
N LEU K 208 8.09 27.71 3.21
CA LEU K 208 8.69 28.91 2.62
C LEU K 208 8.48 30.18 3.44
N SER K 209 8.10 30.06 4.70
CA SER K 209 7.93 31.25 5.53
C SER K 209 9.11 31.46 6.45
N ARG K 210 9.35 32.73 6.79
CA ARG K 210 10.34 33.03 7.80
C ARG K 210 9.60 33.66 8.98
N ILE K 211 9.69 33.03 10.15
CA ILE K 211 9.01 33.54 11.32
C ILE K 211 10.00 34.40 12.07
N ILE K 212 9.76 35.70 12.11
CA ILE K 212 10.75 36.61 12.68
C ILE K 212 10.57 36.75 14.19
N GLY K 213 9.33 36.89 14.65
CA GLY K 213 9.12 36.99 16.09
C GLY K 213 7.75 36.55 16.52
N TYR K 214 7.56 36.39 17.83
CA TYR K 214 6.27 35.96 18.38
C TYR K 214 6.21 36.01 19.90
N ASP K 215 4.99 36.09 20.41
CA ASP K 215 4.71 35.96 21.84
C ASP K 215 3.43 35.13 22.01
N LEU K 216 3.59 33.81 22.11
CA LEU K 216 2.44 32.92 22.25
C LEU K 216 2.36 32.22 23.59
N HIS K 217 1.14 31.85 23.96
CA HIS K 217 0.91 31.04 25.16
C HIS K 217 -0.37 30.21 24.98
N PRO K 218 -0.29 28.91 25.31
CA PRO K 218 -1.44 28.00 25.24
C PRO K 218 -2.42 28.31 26.35
N VAL K 219 -3.70 28.36 26.01
CA VAL K 219 -4.73 28.59 27.02
C VAL K 219 -5.83 27.53 26.94
N THR K 220 -6.52 27.35 28.05
CA THR K 220 -7.68 26.46 28.10
C THR K 220 -8.97 27.26 28.07
N VAL K 221 -9.90 26.88 27.20
CA VAL K 221 -11.17 27.58 27.05
C VAL K 221 -12.32 26.69 27.47
N ALA K 222 -13.28 27.29 28.18
CA ALA K 222 -14.47 26.59 28.64
C ALA K 222 -15.68 26.93 27.79
N ILE K 223 -16.54 25.92 27.58
CA ILE K 223 -17.75 26.07 26.78
C ILE K 223 -18.98 25.53 27.50
N GLY K 224 -19.58 24.48 26.94
CA GLY K 224 -20.77 23.86 27.50
C GLY K 224 -21.94 24.84 27.50
N GLU K 225 -23.07 24.46 28.10
CA GLU K 225 -23.33 23.07 28.47
C GLU K 225 -24.79 22.64 28.30
N ASP K 226 -25.01 21.60 27.50
CA ASP K 226 -26.35 21.11 27.24
C ASP K 226 -26.49 19.59 27.04
N SER K 227 -25.41 18.83 27.18
CA SER K 227 -25.46 17.39 26.90
C SER K 227 -26.18 16.62 28.02
N LYS K 228 -25.78 15.36 28.22
CA LYS K 228 -26.26 14.60 29.38
C LYS K 228 -25.77 15.30 30.63
N GLY K 229 -24.58 15.88 30.52
CA GLY K 229 -24.11 16.89 31.43
C GLY K 229 -23.90 18.01 30.45
N ASN K 230 -22.69 18.15 29.93
CA ASN K 230 -21.46 17.62 30.49
C ASN K 230 -20.66 18.81 30.98
N LEU K 231 -19.61 19.13 30.23
CA LEU K 231 -18.83 20.36 30.38
C LEU K 231 -17.72 20.35 29.33
N ARG K 232 -17.80 21.27 28.37
CA ARG K 232 -16.85 21.29 27.27
C ARG K 232 -15.69 22.22 27.56
N LYS K 233 -14.54 21.86 27.00
CA LYS K 233 -13.34 22.65 27.14
C LYS K 233 -12.27 22.15 26.18
N ALA K 234 -11.33 23.02 25.86
CA ALA K 234 -10.32 22.69 24.87
C ALA K 234 -9.08 23.56 25.05
N ARG K 235 -8.00 23.21 24.36
CA ARG K 235 -6.80 24.03 24.42
C ARG K 235 -6.50 24.72 23.10
N GLY K 236 -6.24 26.02 23.17
CA GLY K 236 -5.91 26.82 22.01
C GLY K 236 -4.74 27.74 22.28
N VAL K 237 -4.62 28.77 21.45
CA VAL K 237 -3.48 29.69 21.52
C VAL K 237 -3.92 31.14 21.74
N MET K 238 -3.05 31.90 22.41
CA MET K 238 -3.23 33.33 22.51
C MET K 238 -1.89 34.03 22.35
N GLY K 239 -1.91 35.32 22.04
CA GLY K 239 -0.68 36.06 21.82
C GLY K 239 -0.59 36.58 20.39
N TRP K 240 0.63 36.83 19.93
CA TRP K 240 0.80 37.32 18.57
C TRP K 240 1.94 36.60 17.88
N ILE K 241 1.94 36.66 16.54
CA ILE K 241 3.02 36.07 15.77
C ILE K 241 3.28 36.89 14.51
N GLU K 242 4.54 37.21 14.28
CA GLU K 242 4.95 38.07 13.17
C GLU K 242 5.95 37.34 12.26
N PHE K 243 5.57 37.23 10.99
CA PHE K 243 6.32 36.49 9.97
C PHE K 243 6.37 37.21 8.63
N ASP K 244 7.10 36.62 7.68
CA ASP K 244 7.20 37.13 6.33
C ASP K 244 7.19 35.97 5.34
N ILE K 245 6.66 36.19 4.14
CA ILE K 245 6.67 35.16 3.12
C ILE K 245 7.44 35.62 1.89
N PRO K 246 8.68 35.13 1.74
CA PRO K 246 9.60 35.47 0.65
C PRO K 246 9.07 35.16 -0.75
N ASP K 247 8.05 34.33 -0.85
CA ASP K 247 7.44 34.03 -2.15
C ASP K 247 6.28 34.99 -2.44
N GLU K 248 6.39 35.72 -3.56
CA GLU K 248 5.46 36.79 -3.90
C GLU K 248 4.00 36.35 -4.15
N ARG K 249 3.81 35.30 -4.95
CA ARG K 249 2.45 34.83 -5.26
C ARG K 249 1.79 34.27 -4.00
N LEU K 250 2.57 33.50 -3.25
CA LEU K 250 2.09 32.93 -1.99
C LEU K 250 1.71 34.06 -1.04
N LYS K 251 2.62 35.02 -0.88
CA LYS K 251 2.35 36.15 0.01
C LYS K 251 1.12 36.94 -0.38
N ARG K 252 0.93 37.18 -1.67
CA ARG K 252 -0.23 37.93 -2.18
C ARG K 252 -1.53 37.18 -1.83
N ARG K 253 -1.54 35.88 -2.14
CA ARG K 253 -2.70 35.03 -1.83
C ARG K 253 -2.99 35.09 -0.33
N ALA K 254 -1.91 34.95 0.44
CA ALA K 254 -1.96 34.91 1.90
C ALA K 254 -2.61 36.15 2.44
N LEU K 255 -2.07 37.31 2.08
CA LEU K 255 -2.63 38.59 2.46
C LEU K 255 -4.12 38.67 2.13
N ASN K 256 -4.46 38.20 0.93
CA ASN K 256 -5.86 38.23 0.52
C ASN K 256 -6.76 37.45 1.49
N TYR K 257 -6.49 36.17 1.68
CA TYR K 257 -7.29 35.32 2.58
C TYR K 257 -7.30 35.85 4.02
N LEU K 258 -6.13 36.33 4.44
CA LEU K 258 -5.95 36.84 5.79
C LEU K 258 -6.83 38.05 6.06
N LEU K 259 -6.93 38.94 5.09
CA LEU K 259 -7.81 40.11 5.24
C LEU K 259 -9.24 39.67 5.54
N THR K 260 -9.71 38.61 4.90
CA THR K 260 -11.01 38.05 5.21
C THR K 260 -11.08 37.47 6.63
N SER K 261 -10.06 36.70 7.02
CA SER K 261 -10.06 36.13 8.38
C SER K 261 -9.96 37.21 9.45
N SER K 262 -9.49 38.39 9.06
CA SER K 262 -9.42 39.53 9.96
C SER K 262 -10.81 40.04 10.27
N TYR K 263 -11.79 39.49 9.57
CA TYR K 263 -13.19 39.84 9.79
C TYR K 263 -13.95 38.64 10.35
N LEU K 264 -13.77 37.47 9.75
CA LEU K 264 -14.54 36.31 10.20
C LEU K 264 -13.81 35.42 11.22
N GLY K 265 -12.55 35.72 11.51
CA GLY K 265 -11.80 34.94 12.49
C GLY K 265 -11.06 33.77 11.87
N ILE K 266 -10.31 33.03 12.69
CA ILE K 266 -9.49 31.93 12.20
C ILE K 266 -9.69 30.66 13.01
N GLY K 267 -9.63 29.51 12.33
CA GLY K 267 -9.82 28.24 12.98
C GLY K 267 -11.28 28.11 13.37
N ARG K 268 -11.60 27.03 14.07
CA ARG K 268 -12.92 26.91 14.66
C ARG K 268 -12.78 27.51 16.06
N SER K 269 -13.88 27.87 16.70
CA SER K 269 -15.19 27.91 16.08
C SER K 269 -15.67 29.34 16.07
N ARG K 270 -15.45 30.01 14.94
CA ARG K 270 -15.76 31.43 14.83
C ARG K 270 -17.25 31.70 15.05
N GLY K 271 -18.03 30.63 14.97
CA GLY K 271 -19.48 30.71 15.16
C GLY K 271 -19.85 31.06 16.60
N ILE K 272 -18.89 31.00 17.52
CA ILE K 272 -19.15 31.38 18.90
C ILE K 272 -18.14 32.35 19.53
N GLY K 273 -17.27 32.95 18.71
CA GLY K 273 -16.37 33.98 19.21
C GLY K 273 -14.91 33.56 19.34
N PHE K 274 -14.62 32.33 18.98
CA PHE K 274 -13.26 31.80 19.05
C PHE K 274 -12.46 32.16 17.82
N GLY K 275 -11.19 32.49 18.00
CA GLY K 275 -10.31 32.75 16.89
C GLY K 275 -10.39 34.15 16.31
N GLU K 276 -10.83 35.11 17.12
CA GLU K 276 -10.83 36.50 16.70
C GLU K 276 -9.39 36.99 16.52
N ILE K 277 -9.11 37.66 15.41
CA ILE K 277 -7.76 38.10 15.11
C ILE K 277 -7.69 39.57 14.73
N ARG K 278 -6.52 40.17 14.94
CA ARG K 278 -6.27 41.53 14.53
C ARG K 278 -5.10 41.44 13.58
N LEU K 279 -5.23 42.06 12.42
CA LEU K 279 -4.18 41.99 11.43
C LEU K 279 -3.42 43.29 11.49
N GLU K 280 -2.09 43.20 11.57
CA GLU K 280 -1.24 44.38 11.59
C GLU K 280 0.00 44.17 10.75
N PHE K 281 0.68 45.27 10.45
CA PHE K 281 1.79 45.23 9.52
C PHE K 281 2.91 46.13 9.98
N ARG K 282 4.10 45.84 9.52
CA ARG K 282 5.24 46.70 9.77
C ARG K 282 6.13 46.68 8.54
N LYS K 283 6.74 47.83 8.26
CA LYS K 283 7.56 47.98 7.07
C LYS K 283 9.03 47.65 7.33
N ILE K 284 9.68 47.02 6.35
CA ILE K 284 11.09 46.68 6.51
C ILE K 284 11.89 47.16 5.30
N GLU K 285 13.10 47.66 5.51
CA GLU K 285 13.92 48.11 4.40
C GLU K 285 15.42 47.99 4.70
N GLU K 286 15.91 46.76 4.76
CA GLU K 286 17.33 46.49 4.98
C GLU K 286 17.85 47.03 6.32
N MET M 1 -44.83 9.05 12.23
CA MET M 1 -46.22 9.53 12.24
C MET M 1 -46.39 10.77 13.12
N PRO M 2 -47.17 11.75 12.63
CA PRO M 2 -47.45 12.98 13.37
C PRO M 2 -48.61 12.82 14.34
N LEU M 3 -48.60 13.63 15.38
CA LEU M 3 -49.57 13.56 16.46
C LEU M 3 -49.91 14.91 17.09
N ILE M 4 -51.05 14.99 17.77
CA ILE M 4 -51.50 16.23 18.39
C ILE M 4 -51.72 16.06 19.90
N PHE M 5 -51.21 17.01 20.69
CA PHE M 5 -51.55 17.04 22.11
C PHE M 5 -52.51 18.21 22.34
N LYS M 6 -53.66 17.92 22.95
CA LYS M 6 -54.56 18.97 23.39
C LYS M 6 -54.74 18.87 24.89
N ILE M 7 -54.18 19.87 25.56
CA ILE M 7 -54.18 19.92 27.02
C ILE M 7 -55.08 21.06 27.51
N GLY M 8 -55.96 20.73 28.46
CA GLY M 8 -56.89 21.68 29.05
C GLY M 8 -56.41 22.22 30.38
N TYR M 9 -56.19 23.53 30.40
CA TYR M 9 -55.61 24.28 31.52
C TYR M 9 -56.67 25.02 32.33
N ASN M 10 -56.47 25.09 33.64
CA ASN M 10 -57.30 25.96 34.46
C ASN M 10 -56.44 27.00 35.16
N VAL M 11 -56.70 28.26 34.89
CA VAL M 11 -55.88 29.33 35.43
C VAL M 11 -56.64 30.23 36.40
N ILE M 12 -56.06 30.42 37.59
CA ILE M 12 -56.58 31.35 38.58
C ILE M 12 -55.57 32.44 38.84
N PRO M 13 -56.02 33.69 38.75
CA PRO M 13 -55.14 34.80 39.10
C PRO M 13 -55.14 34.95 40.60
N LEU M 14 -54.04 35.46 41.14
CA LEU M 14 -53.87 35.60 42.57
C LEU M 14 -54.27 37.02 42.98
N GLN M 15 -53.77 37.97 42.22
CA GLN M 15 -54.02 39.38 42.41
C GLN M 15 -55.09 39.88 41.46
N ASP M 16 -55.32 41.19 41.49
CA ASP M 16 -56.17 41.82 40.50
C ASP M 16 -55.29 42.10 39.30
N VAL M 17 -55.74 41.72 38.11
CA VAL M 17 -54.89 41.84 36.93
C VAL M 17 -55.71 42.19 35.69
N ILE M 18 -55.12 42.99 34.80
CA ILE M 18 -55.73 43.31 33.52
C ILE M 18 -55.07 42.46 32.43
N LEU M 19 -55.86 41.61 31.77
CA LEU M 19 -55.36 40.73 30.72
C LEU M 19 -54.98 41.48 29.45
N PRO M 20 -53.98 40.97 28.72
CA PRO M 20 -53.49 41.61 27.50
C PRO M 20 -54.38 41.34 26.31
N THR M 21 -53.97 41.87 25.17
CA THR M 21 -54.72 41.68 23.96
C THR M 21 -53.81 41.06 22.91
N PRO M 22 -54.09 39.81 22.50
CA PRO M 22 -55.21 39.02 23.05
C PRO M 22 -54.81 38.35 24.37
N SER M 23 -55.77 37.74 25.06
CA SER M 23 -55.52 37.18 26.39
C SER M 23 -54.60 35.96 26.39
N SER M 24 -54.36 35.38 25.23
CA SER M 24 -53.57 34.16 25.13
C SER M 24 -52.10 34.46 25.39
N LYS M 25 -51.74 35.74 25.22
CA LYS M 25 -50.37 36.23 25.38
C LYS M 25 -49.68 35.68 26.62
N VAL M 26 -50.47 35.57 27.69
CA VAL M 26 -49.98 35.10 28.98
C VAL M 26 -49.31 33.75 28.85
N LEU M 27 -50.06 32.78 28.32
CA LEU M 27 -49.49 31.45 28.19
C LEU M 27 -48.32 31.52 27.22
N LYS M 28 -48.45 32.39 26.22
CA LYS M 28 -47.42 32.57 25.21
C LYS M 28 -46.14 33.05 25.90
N TYR M 29 -46.31 33.89 26.92
CA TYR M 29 -45.16 34.40 27.66
C TYR M 29 -44.50 33.24 28.38
N LEU M 30 -45.30 32.34 28.95
CA LEU M 30 -44.73 31.18 29.64
C LEU M 30 -43.98 30.33 28.63
N ILE M 31 -44.38 30.45 27.38
CA ILE M 31 -43.66 29.78 26.32
C ILE M 31 -42.55 30.70 25.81
N GLN M 32 -42.77 32.02 25.75
CA GLN M 32 -41.74 32.90 25.19
C GLN M 32 -40.45 33.01 26.05
N SER M 33 -40.39 32.35 27.20
CA SER M 33 -39.20 32.43 28.06
C SER M 33 -38.60 31.09 28.54
N GLY M 34 -39.25 29.98 28.21
CA GLY M 34 -38.77 28.66 28.61
C GLY M 34 -39.01 28.29 30.06
N LYS M 35 -40.27 28.41 30.47
CA LYS M 35 -40.67 28.14 31.85
C LYS M 35 -41.76 27.04 31.96
N LEU M 36 -42.65 26.93 30.98
CA LEU M 36 -43.63 25.85 30.95
C LEU M 36 -43.01 24.69 30.18
N ILE M 37 -43.46 24.59 28.95
CA ILE M 37 -42.95 23.62 27.97
C ILE M 37 -42.04 24.23 26.90
N PRO M 38 -40.73 24.37 27.17
CA PRO M 38 -39.85 25.10 26.24
C PRO M 38 -39.70 24.48 24.83
N SER M 39 -39.96 23.19 24.71
CA SER M 39 -39.81 22.49 23.44
C SER M 39 -40.71 23.05 22.33
N LEU M 40 -41.42 24.15 22.64
CA LEU M 40 -42.34 24.78 21.70
C LEU M 40 -41.90 26.17 21.20
N LYS M 41 -40.76 26.70 21.70
CA LYS M 41 -40.33 28.08 21.41
C LYS M 41 -40.53 28.51 19.97
N ASP M 42 -39.77 27.85 19.12
CA ASP M 42 -39.72 28.14 17.69
C ASP M 42 -41.10 28.05 17.07
N LEU M 43 -41.85 27.03 17.49
CA LEU M 43 -43.18 26.80 16.96
C LEU M 43 -44.04 28.04 17.12
N ILE M 44 -43.91 28.73 18.25
CA ILE M 44 -44.75 29.90 18.47
C ILE M 44 -44.17 31.17 17.82
N THR M 45 -42.88 31.16 17.51
CA THR M 45 -42.25 32.34 16.92
C THR M 45 -42.13 32.23 15.41
N SER M 46 -42.27 31.02 14.89
CA SER M 46 -42.16 30.75 13.46
C SER M 46 -43.14 31.58 12.63
N ARG M 47 -42.75 31.86 11.39
CA ARG M 47 -43.58 32.63 10.48
C ARG M 47 -44.07 31.72 9.36
N ASP M 48 -44.04 30.41 9.60
CA ASP M 48 -44.44 29.43 8.61
C ASP M 48 -45.95 29.38 8.40
N LYS M 49 -46.36 29.18 7.16
CA LYS M 49 -47.77 29.13 6.78
C LYS M 49 -48.50 27.99 7.48
N TYR M 50 -49.63 28.29 8.10
CA TYR M 50 -50.50 27.27 8.69
C TYR M 50 -49.80 26.43 9.77
N LYS M 51 -49.14 27.10 10.71
CA LYS M 51 -48.43 26.41 11.78
C LYS M 51 -49.33 25.50 12.60
N PRO M 52 -48.82 24.31 12.96
CA PRO M 52 -49.63 23.39 13.75
C PRO M 52 -49.59 23.74 15.24
N ILE M 53 -50.00 24.95 15.59
CA ILE M 53 -50.09 25.34 16.98
C ILE M 53 -51.31 26.22 17.25
N PHE M 54 -52.01 25.94 18.35
CA PHE M 54 -53.15 26.74 18.77
C PHE M 54 -53.11 27.01 20.27
N ILE M 55 -53.01 28.27 20.66
CA ILE M 55 -53.07 28.63 22.07
C ILE M 55 -54.23 29.62 22.37
N SER M 56 -55.28 29.08 22.98
CA SER M 56 -56.56 29.76 23.12
C SER M 56 -56.56 30.95 24.09
N HIS M 57 -57.59 31.78 23.96
CA HIS M 57 -57.86 32.83 24.95
C HIS M 57 -58.33 32.19 26.23
N LEU M 58 -58.28 32.91 27.35
CA LEU M 58 -58.92 32.41 28.56
C LEU M 58 -60.43 32.58 28.47
N GLY M 59 -61.17 31.78 29.24
CA GLY M 59 -62.61 31.88 29.21
C GLY M 59 -63.35 31.48 30.47
N PHE M 60 -64.29 32.31 30.90
CA PHE M 60 -65.18 31.97 31.99
C PHE M 60 -66.47 31.50 31.31
N ASN M 61 -67.29 30.70 32.00
CA ASN M 61 -68.39 29.99 31.34
C ASN M 61 -68.07 29.44 29.94
N GLN M 62 -69.09 29.00 29.23
CA GLN M 62 -68.93 28.57 27.83
C GLN M 62 -68.11 29.49 26.94
N ARG M 63 -68.10 30.78 27.28
CA ARG M 63 -67.59 31.78 26.36
C ARG M 63 -66.16 32.23 26.65
N ARG M 64 -65.50 32.69 25.59
CA ARG M 64 -64.15 33.22 25.67
C ARG M 64 -64.25 34.73 25.83
N ILE M 65 -63.63 35.28 26.87
CA ILE M 65 -63.63 36.73 27.07
C ILE M 65 -63.39 37.51 25.77
N PHE M 66 -64.40 38.23 25.32
CA PHE M 66 -64.26 39.06 24.13
C PHE M 66 -63.29 40.20 24.44
N GLN M 67 -62.55 40.63 23.43
CA GLN M 67 -61.57 41.71 23.58
C GLN M 67 -61.89 42.92 22.71
N THR M 68 -62.73 43.81 23.19
CA THR M 68 -63.09 45.02 22.45
C THR M 68 -63.62 46.04 23.41
N ASN M 69 -63.45 45.74 24.69
CA ASN M 69 -63.97 46.56 25.77
C ASN M 69 -63.07 47.70 26.22
N LYS M 73 -60.60 45.91 30.51
CA LYS M 73 -61.29 45.20 31.58
C LYS M 73 -60.31 44.47 32.50
N THR M 74 -60.53 44.59 33.80
CA THR M 74 -59.68 43.97 34.81
C THR M 74 -60.40 42.86 35.57
N ILE M 75 -59.74 41.71 35.76
CA ILE M 75 -60.30 40.66 36.59
C ILE M 75 -59.76 40.69 38.03
N THR M 76 -60.60 40.22 38.95
CA THR M 76 -60.33 40.22 40.39
C THR M 76 -59.32 39.18 40.88
N LYS M 77 -58.92 39.34 42.13
CA LYS M 77 -57.95 38.48 42.81
C LYS M 77 -58.29 36.98 42.74
N GLY M 78 -59.54 36.65 42.44
CA GLY M 78 -59.93 35.26 42.31
C GLY M 78 -60.97 35.07 41.21
N SER M 79 -60.60 34.33 40.16
CA SER M 79 -61.49 34.12 39.02
C SER M 79 -61.16 32.83 38.26
N ARG M 80 -62.13 31.93 38.17
CA ARG M 80 -61.91 30.65 37.48
C ARG M 80 -61.78 30.79 35.96
N LEU M 81 -60.57 31.05 35.48
CA LEU M 81 -60.34 31.16 34.04
C LEU M 81 -60.00 29.80 33.40
N SER M 82 -60.35 29.66 32.12
CA SER M 82 -60.15 28.40 31.39
C SER M 82 -59.22 28.60 30.20
N SER M 83 -58.48 27.55 29.83
CA SER M 83 -57.62 27.63 28.66
C SER M 83 -57.45 26.27 28.01
N ILE M 84 -57.05 26.27 26.73
CA ILE M 84 -56.79 25.04 25.99
C ILE M 84 -55.61 25.30 25.07
N ILE M 85 -54.67 24.36 24.99
CA ILE M 85 -53.60 24.47 24.00
C ILE M 85 -53.45 23.16 23.23
N ALA M 86 -53.34 23.26 21.90
CA ALA M 86 -53.16 22.07 21.08
C ALA M 86 -51.98 22.25 20.13
N PHE M 87 -51.23 21.18 19.88
CA PHE M 87 -50.04 21.28 19.03
C PHE M 87 -49.45 19.97 18.52
N SER M 88 -48.45 20.10 17.65
CA SER M 88 -47.72 18.96 17.11
C SER M 88 -46.25 19.37 16.93
N THR M 89 -45.36 18.39 16.94
CA THR M 89 -43.90 18.59 16.85
C THR M 89 -43.21 17.25 17.09
N GLN M 90 -42.01 17.14 16.52
CA GLN M 90 -41.24 15.92 16.58
C GLN M 90 -40.40 15.92 17.85
N ALA M 91 -40.54 16.98 18.64
CA ALA M 91 -39.82 17.13 19.90
C ALA M 91 -40.53 16.34 20.99
N ASN M 92 -39.77 15.52 21.71
CA ASN M 92 -40.35 14.64 22.72
C ASN M 92 -41.06 15.42 23.81
N VAL M 93 -42.39 15.32 23.82
CA VAL M 93 -43.22 16.03 24.78
C VAL M 93 -43.70 15.07 25.88
N LEU M 94 -43.85 13.80 25.53
CA LEU M 94 -44.23 12.71 26.45
C LEU M 94 -43.85 12.95 27.92
N SER M 95 -42.66 13.52 28.10
CA SER M 95 -42.13 13.90 29.40
C SER M 95 -42.68 15.27 29.77
N GLU M 96 -42.34 16.25 28.93
CA GLU M 96 -42.78 17.64 29.02
C GLU M 96 -44.18 17.94 29.64
N VAL M 97 -45.12 16.99 29.57
CA VAL M 97 -46.45 17.17 30.20
C VAL M 97 -46.44 17.94 31.53
N ALA M 98 -45.74 17.40 32.53
CA ALA M 98 -45.70 17.91 33.91
C ALA M 98 -45.84 19.42 34.01
N ASP M 99 -44.87 20.13 33.43
CA ASP M 99 -44.83 21.59 33.30
C ASP M 99 -46.08 22.34 33.79
N GLU M 100 -45.99 22.91 34.98
CA GLU M 100 -47.14 23.45 35.68
C GLU M 100 -46.71 23.86 37.09
N GLY M 101 -47.17 25.03 37.52
CA GLY M 101 -46.87 25.52 38.85
C GLY M 101 -47.39 26.93 39.04
N ILE M 102 -46.72 27.69 39.89
CA ILE M 102 -47.08 29.09 40.09
C ILE M 102 -46.00 29.97 39.47
N PHE M 103 -46.32 30.52 38.30
CA PHE M 103 -45.38 31.31 37.54
C PHE M 103 -45.72 32.80 37.60
N GLU M 104 -44.77 33.62 37.19
CA GLU M 104 -44.94 35.07 37.23
C GLU M 104 -44.60 35.63 35.86
N THR M 105 -45.52 36.42 35.33
CA THR M 105 -45.41 36.97 34.00
C THR M 105 -45.51 38.48 34.18
N VAL M 106 -45.32 39.23 33.10
CA VAL M 106 -45.41 40.68 33.15
C VAL M 106 -46.88 41.08 33.27
N TYR M 107 -47.75 40.10 33.07
CA TYR M 107 -49.19 40.25 33.22
C TYR M 107 -49.62 39.93 34.64
N GLY M 108 -48.65 39.56 35.47
CA GLY M 108 -48.93 39.34 36.87
C GLY M 108 -48.61 37.94 37.32
N LYS M 109 -49.09 37.59 38.51
CA LYS M 109 -48.75 36.33 39.13
C LYS M 109 -49.89 35.33 38.94
N PHE M 110 -49.59 34.17 38.36
CA PHE M 110 -50.63 33.19 38.10
C PHE M 110 -50.20 31.81 38.56
N HIS M 111 -51.18 31.00 38.94
CA HIS M 111 -50.93 29.58 39.22
C HIS M 111 -51.66 28.76 38.18
N ILE M 112 -50.90 28.02 37.37
CA ILE M 112 -51.50 27.23 36.31
C ILE M 112 -51.55 25.76 36.72
N MET M 113 -52.63 25.09 36.34
CA MET M 113 -52.79 23.68 36.62
C MET M 113 -53.21 22.99 35.33
N ILE M 114 -53.44 21.70 35.40
CA ILE M 114 -53.88 20.92 34.25
C ILE M 114 -55.21 20.29 34.59
N GLU M 115 -56.20 20.49 33.72
CA GLU M 115 -57.51 19.92 33.96
C GLU M 115 -57.84 18.86 32.94
N SER M 116 -56.91 18.64 32.00
CA SER M 116 -57.07 17.62 30.98
C SER M 116 -55.81 17.46 30.13
N ILE M 117 -55.54 16.24 29.68
CA ILE M 117 -54.46 16.01 28.74
C ILE M 117 -54.86 14.93 27.73
N GLU M 118 -54.78 15.27 26.46
CA GLU M 118 -55.14 14.35 25.39
C GLU M 118 -54.03 14.26 24.36
N ILE M 119 -53.79 13.04 23.89
CA ILE M 119 -52.85 12.82 22.82
C ILE M 119 -53.60 12.02 21.77
N VAL M 120 -53.42 12.41 20.51
CA VAL M 120 -54.12 11.76 19.43
C VAL M 120 -53.19 11.56 18.25
N GLU M 121 -53.30 10.43 17.59
CA GLU M 121 -52.52 10.17 16.39
C GLU M 121 -53.38 10.53 15.17
N VAL M 122 -52.79 11.28 14.25
CA VAL M 122 -53.55 11.93 13.18
C VAL M 122 -54.33 10.97 12.29
N GLU M 123 -53.87 9.73 12.18
CA GLU M 123 -54.52 8.75 11.32
C GLU M 123 -55.77 8.13 11.94
N LYS M 124 -55.83 8.06 13.28
CA LYS M 124 -56.94 7.36 13.92
C LYS M 124 -58.25 8.12 13.77
N LEU M 125 -58.16 9.38 13.37
CA LEU M 125 -59.36 10.19 13.13
C LEU M 125 -60.16 9.71 11.93
N LYS M 126 -59.48 9.07 10.97
CA LYS M 126 -60.15 8.61 9.76
C LYS M 126 -61.22 7.58 10.08
N GLU M 127 -61.14 7.03 11.29
CA GLU M 127 -62.12 6.08 11.74
C GLU M 127 -63.43 6.78 12.14
N GLU M 128 -63.31 7.89 12.87
CA GLU M 128 -64.50 8.57 13.36
C GLU M 128 -65.29 9.10 12.17
N VAL M 129 -64.56 9.50 11.14
CA VAL M 129 -65.13 10.00 9.91
C VAL M 129 -66.22 9.07 9.42
N GLU M 130 -65.93 7.77 9.42
CA GLU M 130 -66.83 6.79 8.82
C GLU M 130 -68.16 6.74 9.56
N LYS M 131 -68.14 7.14 10.83
CA LYS M 131 -69.34 7.11 11.65
C LYS M 131 -70.23 8.33 11.46
N HIS M 132 -69.74 9.33 10.73
CA HIS M 132 -70.54 10.56 10.59
C HIS M 132 -70.97 10.85 9.16
N MET M 133 -70.87 9.87 8.28
CA MET M 133 -71.14 10.10 6.85
C MET M 133 -72.63 10.31 6.56
N ASN M 134 -73.47 10.18 7.59
CA ASN M 134 -74.90 10.39 7.42
C ASN M 134 -75.39 11.45 8.41
N ASP M 135 -74.43 12.19 8.96
CA ASP M 135 -74.73 13.26 9.90
C ASP M 135 -74.64 14.63 9.25
N ASN M 136 -75.45 15.58 9.70
CA ASN M 136 -75.26 16.98 9.33
C ASN M 136 -74.14 17.52 10.19
N ILE M 137 -73.25 18.30 9.57
CA ILE M 137 -72.07 18.80 10.26
C ILE M 137 -72.29 20.22 10.75
N ARG M 138 -72.07 20.43 12.04
CA ARG M 138 -72.12 21.80 12.57
C ARG M 138 -70.78 22.26 13.09
N VAL M 139 -70.33 23.38 12.56
CA VAL M 139 -69.11 23.99 13.02
C VAL M 139 -69.55 25.22 13.81
N ARG M 140 -69.11 25.26 15.06
CA ARG M 140 -69.41 26.36 15.96
C ARG M 140 -68.12 27.13 16.22
N PHE M 141 -68.16 28.41 15.85
CA PHE M 141 -67.03 29.31 16.05
C PHE M 141 -67.11 29.87 17.46
N VAL M 142 -66.32 29.30 18.38
CA VAL M 142 -66.36 29.74 19.76
C VAL M 142 -65.35 30.86 19.98
N SER M 143 -64.71 31.27 18.88
CA SER M 143 -63.79 32.40 18.91
C SER M 143 -63.86 33.10 17.56
N PRO M 144 -63.56 34.40 17.54
CA PRO M 144 -63.57 35.15 16.29
C PRO M 144 -62.69 34.46 15.27
N THR M 145 -63.29 34.06 14.15
CA THR M 145 -62.57 33.33 13.11
C THR M 145 -62.33 34.18 11.88
N LEU M 146 -61.07 34.25 11.49
CA LEU M 146 -60.65 35.08 10.37
C LEU M 146 -60.41 34.19 9.16
N LEU M 147 -61.25 34.36 8.14
CA LEU M 147 -61.15 33.54 6.93
C LEU M 147 -60.80 34.42 5.71
N SER M 148 -59.55 34.40 5.28
CA SER M 148 -59.14 35.17 4.10
C SER M 148 -59.81 34.65 2.83
N SER M 149 -60.38 35.56 2.04
CA SER M 149 -61.12 35.16 0.84
C SER M 149 -60.19 34.63 -0.25
N LYS M 150 -59.00 35.22 -0.31
CA LYS M 150 -57.99 34.89 -1.32
C LYS M 150 -57.56 33.42 -1.27
N VAL M 151 -57.84 32.76 -0.16
CA VAL M 151 -57.62 31.33 -0.02
C VAL M 151 -58.32 30.57 -1.14
N LEU M 152 -59.44 31.10 -1.60
CA LEU M 152 -60.20 30.48 -2.68
C LEU M 152 -60.08 31.26 -4.00
N LEU M 153 -58.99 32.01 -4.13
CA LEU M 153 -58.67 32.70 -5.37
C LEU M 153 -57.93 31.73 -6.28
N PRO M 154 -58.23 31.75 -7.59
CA PRO M 154 -57.50 30.90 -8.54
C PRO M 154 -56.01 31.20 -8.48
N PRO M 155 -55.20 30.17 -8.19
CA PRO M 155 -53.76 30.27 -7.92
C PRO M 155 -52.97 30.97 -9.03
N SER M 156 -53.47 30.89 -10.27
CA SER M 156 -52.86 31.59 -11.39
C SER M 156 -52.75 33.08 -11.09
N LEU M 157 -53.78 33.65 -10.47
CA LEU M 157 -53.84 35.08 -10.20
C LEU M 157 -53.21 35.56 -8.90
N SER M 158 -52.45 34.70 -8.23
CA SER M 158 -51.80 35.08 -6.97
C SER M 158 -50.95 36.35 -7.12
N GLU M 159 -50.20 36.44 -8.21
CA GLU M 159 -49.32 37.57 -8.47
C GLU M 159 -50.10 38.79 -8.98
N ARG M 160 -51.13 38.53 -9.79
CA ARG M 160 -51.99 39.57 -10.33
C ARG M 160 -52.59 40.43 -9.23
N TYR M 161 -53.01 39.80 -8.14
CA TYR M 161 -53.69 40.52 -7.07
C TYR M 161 -52.89 40.54 -5.78
N LYS M 162 -51.58 40.35 -5.90
CA LYS M 162 -50.67 40.34 -4.76
C LYS M 162 -50.72 41.67 -3.99
N LYS M 163 -51.06 42.73 -4.70
CA LYS M 163 -51.09 44.06 -4.11
C LYS M 163 -52.40 44.30 -3.38
N ILE M 164 -53.49 43.76 -3.92
CA ILE M 164 -54.81 43.90 -3.31
C ILE M 164 -54.95 43.05 -2.05
N HIS M 165 -55.39 43.65 -0.95
CA HIS M 165 -55.64 42.87 0.27
C HIS M 165 -57.15 42.80 0.48
N ALA M 166 -57.74 41.65 0.14
CA ALA M 166 -59.19 41.49 0.14
C ALA M 166 -59.74 41.37 1.54
N GLY M 167 -58.88 41.06 2.49
CA GLY M 167 -59.30 40.96 3.88
C GLY M 167 -59.97 39.64 4.18
N TYR M 168 -60.73 39.63 5.27
CA TYR M 168 -61.38 38.41 5.74
C TYR M 168 -62.80 38.30 5.22
N SER M 169 -63.22 37.08 4.92
CA SER M 169 -64.61 36.84 4.55
C SER M 169 -65.38 36.55 5.83
N THR M 170 -66.03 37.58 6.36
CA THR M 170 -66.83 37.45 7.57
C THR M 170 -68.07 36.59 7.34
N LEU M 171 -68.19 36.02 6.15
CA LEU M 171 -69.27 35.10 5.83
C LEU M 171 -68.68 33.76 5.40
N PRO M 172 -68.63 32.81 6.34
CA PRO M 172 -67.92 31.56 6.08
C PRO M 172 -68.65 30.68 5.06
N SER M 173 -68.03 30.47 3.90
CA SER M 173 -68.52 29.51 2.94
C SER M 173 -68.10 28.14 3.41
N VAL M 174 -68.85 27.11 3.03
CA VAL M 174 -68.49 25.74 3.37
C VAL M 174 -67.13 25.46 2.73
N GLY M 175 -66.98 25.91 1.49
CA GLY M 175 -65.77 25.70 0.74
C GLY M 175 -64.56 26.39 1.36
N LEU M 176 -64.76 27.57 1.93
CA LEU M 176 -63.68 28.29 2.58
C LEU M 176 -63.23 27.55 3.82
N ILE M 177 -64.19 26.99 4.55
CA ILE M 177 -63.91 26.30 5.80
C ILE M 177 -63.17 25.01 5.53
N VAL M 178 -63.67 24.23 4.57
CA VAL M 178 -63.02 22.97 4.21
C VAL M 178 -61.66 23.19 3.54
N ALA M 179 -61.51 24.30 2.84
CA ALA M 179 -60.24 24.63 2.21
C ALA M 179 -59.21 24.96 3.27
N TYR M 180 -59.61 25.74 4.28
CA TYR M 180 -58.72 26.07 5.38
C TYR M 180 -58.30 24.84 6.17
N ALA M 181 -59.30 24.02 6.50
CA ALA M 181 -59.07 22.75 7.18
C ALA M 181 -58.10 21.89 6.38
N TYR M 182 -58.26 21.91 5.05
CA TYR M 182 -57.40 21.16 4.15
C TYR M 182 -55.97 21.67 4.21
N ASN M 183 -55.80 22.98 4.14
CA ASN M 183 -54.47 23.57 4.19
C ASN M 183 -53.74 23.20 5.48
N VAL M 184 -54.44 23.34 6.60
CA VAL M 184 -53.86 23.02 7.91
C VAL M 184 -53.50 21.54 8.03
N TYR M 185 -54.45 20.69 7.65
CA TYR M 185 -54.29 19.25 7.66
C TYR M 185 -53.07 18.83 6.84
N CYS M 186 -52.99 19.36 5.63
CA CYS M 186 -51.94 19.05 4.69
C CYS M 186 -50.58 19.47 5.24
N ASN M 187 -50.50 20.70 5.75
CA ASN M 187 -49.25 21.12 6.39
C ASN M 187 -48.84 20.25 7.55
N LEU M 188 -49.82 19.72 8.27
CA LEU M 188 -49.53 18.90 9.43
C LEU M 188 -48.78 17.62 9.00
N ILE M 189 -49.19 17.05 7.86
CA ILE M 189 -48.57 15.81 7.39
C ILE M 189 -47.41 16.09 6.39
N GLY M 190 -46.97 17.35 6.31
CA GLY M 190 -45.80 17.68 5.51
C GLY M 190 -46.07 17.52 4.03
N LYS M 191 -47.16 18.12 3.59
CA LYS M 191 -47.59 18.13 2.21
C LYS M 191 -47.49 19.51 1.57
N LYS M 192 -46.90 19.56 0.39
CA LYS M 192 -46.90 20.79 -0.39
C LYS M 192 -47.81 20.70 -1.61
N GLU M 193 -47.42 21.39 -2.69
CA GLU M 193 -48.22 21.60 -3.91
C GLU M 193 -49.72 21.48 -3.64
N VAL M 194 -50.21 22.26 -2.69
CA VAL M 194 -51.55 22.06 -2.17
C VAL M 194 -52.54 23.15 -2.60
N GLU M 195 -52.01 24.29 -3.03
CA GLU M 195 -52.83 25.43 -3.45
C GLU M 195 -53.93 25.06 -4.44
N VAL M 196 -53.55 24.38 -5.53
CA VAL M 196 -54.50 24.03 -6.57
C VAL M 196 -55.56 23.05 -6.08
N ARG M 197 -55.12 22.08 -5.29
CA ARG M 197 -56.02 21.07 -4.75
C ARG M 197 -56.98 21.70 -3.77
N ALA M 198 -56.47 22.61 -2.95
CA ALA M 198 -57.27 23.35 -1.99
C ALA M 198 -58.33 24.17 -2.72
N PHE M 199 -57.89 24.96 -3.70
CA PHE M 199 -58.78 25.74 -4.54
C PHE M 199 -59.91 24.91 -5.12
N LYS M 200 -59.55 23.87 -5.87
CA LYS M 200 -60.52 23.02 -6.54
C LYS M 200 -61.50 22.43 -5.54
N PHE M 201 -60.98 22.00 -4.39
CA PHE M 201 -61.80 21.45 -3.33
C PHE M 201 -62.83 22.47 -2.84
N GLY M 202 -62.36 23.67 -2.49
CA GLY M 202 -63.25 24.73 -2.04
C GLY M 202 -64.33 25.05 -3.08
N ILE M 203 -63.90 25.31 -4.31
CA ILE M 203 -64.82 25.62 -5.40
C ILE M 203 -65.89 24.54 -5.53
N LEU M 204 -65.46 23.28 -5.51
CA LEU M 204 -66.35 22.15 -5.69
C LEU M 204 -67.35 21.98 -4.55
N SER M 205 -66.83 21.92 -3.32
CA SER M 205 -67.65 21.71 -2.12
C SER M 205 -68.65 22.83 -1.90
N ASN M 206 -68.21 24.05 -2.16
CA ASN M 206 -69.04 25.24 -1.95
C ASN M 206 -70.14 25.32 -3.00
N ALA M 207 -69.96 24.60 -4.10
CA ALA M 207 -70.97 24.53 -5.14
C ALA M 207 -71.98 23.44 -4.86
N LEU M 208 -71.54 22.41 -4.13
CA LEU M 208 -72.38 21.24 -3.90
C LEU M 208 -72.76 21.03 -2.43
N SER M 209 -72.62 22.07 -1.62
CA SER M 209 -73.03 21.97 -0.22
C SER M 209 -74.42 22.59 -0.04
N ARG M 210 -75.16 22.05 0.91
CA ARG M 210 -76.43 22.62 1.30
C ARG M 210 -76.34 23.10 2.75
N ILE M 211 -76.60 24.39 2.96
CA ILE M 211 -76.51 24.96 4.30
C ILE M 211 -77.88 24.82 4.93
N ILE M 212 -77.97 24.04 6.00
CA ILE M 212 -79.26 23.75 6.59
C ILE M 212 -79.67 24.90 7.49
N GLY M 213 -78.75 25.32 8.36
CA GLY M 213 -79.05 26.43 9.23
C GLY M 213 -77.80 27.16 9.68
N TYR M 214 -77.98 28.32 10.30
CA TYR M 214 -76.85 29.07 10.85
C TYR M 214 -77.31 30.26 11.68
N ASP M 215 -76.43 30.70 12.58
CA ASP M 215 -76.59 31.97 13.28
C ASP M 215 -75.21 32.59 13.28
N LEU M 216 -74.95 33.41 12.27
CA LEU M 216 -73.65 34.01 12.13
C LEU M 216 -73.72 35.52 12.32
N HIS M 217 -72.63 36.09 12.81
CA HIS M 217 -72.56 37.53 12.97
C HIS M 217 -71.10 37.98 12.93
N PRO M 218 -70.83 39.08 12.20
CA PRO M 218 -69.50 39.68 12.09
C PRO M 218 -69.07 40.30 13.40
N VAL M 219 -67.81 40.06 13.79
CA VAL M 219 -67.28 40.64 15.01
C VAL M 219 -65.95 41.36 14.75
N THR M 220 -65.65 42.32 15.61
CA THR M 220 -64.36 43.01 15.57
C THR M 220 -63.46 42.51 16.69
N VAL M 221 -62.24 42.11 16.32
CA VAL M 221 -61.30 41.51 17.25
C VAL M 221 -60.11 42.45 17.45
N ALA M 222 -59.65 42.55 18.69
CA ALA M 222 -58.49 43.39 18.98
C ALA M 222 -57.23 42.53 19.19
N ILE M 223 -56.10 43.02 18.67
CA ILE M 223 -54.79 42.34 18.70
C ILE M 223 -53.72 43.24 19.26
N GLY M 224 -52.47 42.85 19.04
CA GLY M 224 -51.31 43.61 19.46
C GLY M 224 -50.33 42.81 20.28
N GLU M 225 -49.32 43.49 20.79
CA GLU M 225 -49.14 44.90 20.43
C GLU M 225 -47.77 45.18 19.80
N LEU M 231 -51.29 48.12 17.79
CA LEU M 231 -52.45 48.95 17.48
C LEU M 231 -53.30 48.22 16.45
N ARG M 232 -53.15 46.90 16.40
CA ARG M 232 -53.78 46.12 15.34
C ARG M 232 -55.11 45.50 15.78
N LYS M 233 -55.98 45.31 14.79
CA LYS M 233 -57.32 44.76 14.97
C LYS M 233 -57.89 44.35 13.64
N ALA M 234 -58.93 43.51 13.67
CA ALA M 234 -59.47 42.95 12.43
C ALA M 234 -60.92 42.54 12.56
N ARG M 235 -61.52 42.14 11.44
CA ARG M 235 -62.88 41.62 11.45
C ARG M 235 -62.98 40.14 11.10
N GLY M 236 -63.74 39.42 11.91
CA GLY M 236 -63.95 37.99 11.70
C GLY M 236 -65.40 37.61 11.91
N VAL M 237 -65.63 36.32 12.10
CA VAL M 237 -66.98 35.78 12.24
C VAL M 237 -67.16 35.03 13.54
N MET M 238 -68.38 35.09 14.08
CA MET M 238 -68.72 34.21 15.20
C MET M 238 -70.14 33.69 15.04
N GLY M 239 -70.46 32.64 15.80
CA GLY M 239 -71.75 32.00 15.67
C GLY M 239 -71.60 30.55 15.24
N TRP M 240 -72.64 29.99 14.63
CA TRP M 240 -72.58 28.60 14.21
C TRP M 240 -73.14 28.40 12.81
N ILE M 241 -72.74 27.31 12.18
CA ILE M 241 -73.28 26.96 10.87
C ILE M 241 -73.38 25.44 10.69
N GLU M 242 -74.56 25.00 10.23
CA GLU M 242 -74.86 23.60 10.03
C GLU M 242 -75.16 23.33 8.57
N PHE M 243 -74.35 22.45 7.98
CA PHE M 243 -74.43 22.14 6.55
C PHE M 243 -74.28 20.65 6.28
N ASP M 244 -74.44 20.28 5.02
CA ASP M 244 -74.26 18.91 4.57
C ASP M 244 -73.64 18.88 3.16
N ILE M 245 -72.82 17.86 2.89
CA ILE M 245 -72.24 17.68 1.57
C ILE M 245 -72.66 16.36 0.95
N PRO M 246 -73.61 16.41 0.00
CA PRO M 246 -74.22 15.22 -0.65
C PRO M 246 -73.22 14.30 -1.35
N ASP M 247 -72.02 14.77 -1.66
CA ASP M 247 -71.02 13.91 -2.30
C ASP M 247 -70.16 13.21 -1.25
N GLU M 248 -70.16 11.89 -1.30
CA GLU M 248 -69.56 11.05 -0.27
C GLU M 248 -68.04 11.23 -0.14
N ARG M 249 -67.32 11.31 -1.25
CA ARG M 249 -65.87 11.46 -1.22
C ARG M 249 -65.47 12.83 -0.68
N LEU M 250 -66.16 13.85 -1.19
CA LEU M 250 -65.94 15.23 -0.80
C LEU M 250 -66.23 15.35 0.68
N LYS M 251 -67.37 14.79 1.09
CA LYS M 251 -67.79 14.80 2.49
C LYS M 251 -66.79 14.10 3.41
N ARG M 252 -66.28 12.94 2.99
CA ARG M 252 -65.30 12.20 3.79
C ARG M 252 -64.05 13.04 4.01
N ARG M 253 -63.54 13.60 2.93
CA ARG M 253 -62.37 14.46 3.00
C ARG M 253 -62.63 15.62 3.97
N ALA M 254 -63.81 16.22 3.82
CA ALA M 254 -64.24 17.34 4.64
C ALA M 254 -64.22 16.99 6.14
N LEU M 255 -64.94 15.93 6.51
CA LEU M 255 -64.91 15.43 7.88
C LEU M 255 -63.50 15.22 8.37
N ASN M 256 -62.67 14.62 7.52
CA ASN M 256 -61.29 14.33 7.88
C ASN M 256 -60.52 15.59 8.29
N TYR M 257 -60.46 16.57 7.39
CA TYR M 257 -59.75 17.82 7.66
C TYR M 257 -60.35 18.58 8.85
N LEU M 258 -61.68 18.59 8.92
CA LEU M 258 -62.40 19.30 9.96
C LEU M 258 -62.11 18.74 11.35
N LEU M 259 -62.07 17.43 11.46
CA LEU M 259 -61.75 16.78 12.74
C LEU M 259 -60.40 17.27 13.27
N THR M 260 -59.43 17.43 12.38
CA THR M 260 -58.14 18.02 12.73
C THR M 260 -58.36 19.45 13.20
N SER M 261 -59.21 20.18 12.48
CA SER M 261 -59.51 21.56 12.85
C SER M 261 -60.18 21.67 14.21
N SER M 262 -60.78 20.57 14.68
CA SER M 262 -61.40 20.53 16.01
C SER M 262 -60.33 20.58 17.10
N TYR M 263 -59.08 20.47 16.69
CA TYR M 263 -57.96 20.60 17.61
C TYR M 263 -57.16 21.86 17.30
N LEU M 264 -56.81 22.03 16.03
CA LEU M 264 -55.91 23.13 15.69
C LEU M 264 -56.58 24.43 15.22
N GLY M 265 -57.88 24.38 14.98
CA GLY M 265 -58.60 25.58 14.57
C GLY M 265 -58.60 25.83 13.07
N ILE M 266 -59.29 26.89 12.64
CA ILE M 266 -59.43 27.21 11.22
C ILE M 266 -59.16 28.69 10.93
N GLY M 267 -58.60 28.97 9.76
CA GLY M 267 -58.26 30.33 9.39
C GLY M 267 -57.08 30.83 10.19
N ARG M 268 -56.73 32.10 10.03
CA ARG M 268 -55.71 32.70 10.89
C ARG M 268 -56.38 33.38 12.09
N SER M 269 -55.62 33.64 13.15
CA SER M 269 -54.28 33.11 13.34
C SER M 269 -54.31 32.29 14.61
N ARG M 270 -54.43 30.97 14.44
CA ARG M 270 -54.60 30.06 15.56
C ARG M 270 -53.45 30.11 16.57
N GLY M 271 -52.31 30.67 16.16
CA GLY M 271 -51.17 30.74 17.05
C GLY M 271 -51.38 31.66 18.24
N ILE M 272 -52.44 32.48 18.18
CA ILE M 272 -52.76 33.41 19.27
C ILE M 272 -54.22 33.34 19.76
N GLY M 273 -54.93 32.28 19.39
CA GLY M 273 -56.25 32.03 19.95
C GLY M 273 -57.44 32.24 19.03
N PHE M 274 -57.20 32.63 17.80
CA PHE M 274 -58.27 32.86 16.84
C PHE M 274 -58.70 31.67 16.06
N GLY M 275 -60.00 31.60 15.81
CA GLY M 275 -60.53 30.56 14.96
C GLY M 275 -60.73 29.27 15.73
N GLU M 276 -60.93 29.38 17.04
CA GLU M 276 -61.22 28.23 17.88
C GLU M 276 -62.57 27.65 17.46
N ILE M 277 -62.61 26.33 17.32
CA ILE M 277 -63.81 25.68 16.81
C ILE M 277 -64.30 24.54 17.69
N ARG M 278 -65.61 24.32 17.64
CA ARG M 278 -66.22 23.15 18.26
C ARG M 278 -67.00 22.44 17.17
N LEU M 279 -66.82 21.13 17.08
CA LEU M 279 -67.48 20.32 16.06
C LEU M 279 -68.66 19.57 16.67
N GLU M 280 -69.79 19.60 15.98
CA GLU M 280 -70.97 18.86 16.41
C GLU M 280 -71.64 18.19 15.23
N PHE M 281 -72.54 17.25 15.51
CA PHE M 281 -73.15 16.44 14.46
C PHE M 281 -74.63 16.22 14.77
N ARG M 282 -75.41 15.95 13.73
CA ARG M 282 -76.83 15.70 13.91
C ARG M 282 -77.24 14.53 13.03
N LYS M 283 -78.22 13.76 13.45
CA LYS M 283 -78.62 12.65 12.62
C LYS M 283 -79.74 13.13 11.71
N ILE M 284 -79.76 12.61 10.48
CA ILE M 284 -80.74 13.00 9.48
C ILE M 284 -81.73 11.86 9.31
N GLU M 285 -82.93 12.17 8.80
CA GLU M 285 -83.94 11.14 8.65
C GLU M 285 -84.66 11.23 7.31
N GLU M 286 -85.56 10.29 7.08
CA GLU M 286 -86.35 10.23 5.86
C GLU M 286 -87.84 10.37 6.14
N MET O 1 42.64 -29.65 -49.19
CA MET O 1 42.82 -29.77 -47.75
C MET O 1 41.55 -30.29 -47.06
N PRO O 2 41.71 -31.19 -46.08
CA PRO O 2 40.59 -31.76 -45.33
C PRO O 2 40.20 -30.84 -44.18
N LEU O 3 38.96 -30.91 -43.74
CA LEU O 3 38.52 -30.08 -42.62
C LEU O 3 37.50 -30.79 -41.73
N ILE O 4 37.39 -30.32 -40.50
CA ILE O 4 36.53 -30.93 -39.50
C ILE O 4 35.49 -29.94 -39.00
N PHE O 5 34.26 -30.45 -38.89
CA PHE O 5 33.19 -29.72 -38.24
C PHE O 5 32.96 -30.35 -36.86
N LYS O 6 33.02 -29.50 -35.84
CA LYS O 6 32.70 -29.90 -34.47
C LYS O 6 31.53 -29.08 -33.95
N ILE O 7 30.39 -29.73 -33.82
CA ILE O 7 29.20 -29.07 -33.31
C ILE O 7 28.81 -29.60 -31.94
N GLY O 8 28.62 -28.67 -31.00
CA GLY O 8 28.19 -29.01 -29.66
C GLY O 8 26.71 -28.78 -29.52
N TYR O 9 25.98 -29.87 -29.26
CA TYR O 9 24.52 -29.86 -29.20
C TYR O 9 24.07 -29.84 -27.74
N ASN O 10 22.97 -29.16 -27.43
CA ASN O 10 22.41 -29.24 -26.09
C ASN O 10 21.01 -29.83 -26.14
N VAL O 11 20.84 -30.97 -25.48
CA VAL O 11 19.63 -31.78 -25.60
C VAL O 11 18.81 -31.84 -24.30
N ILE O 12 17.50 -31.62 -24.44
CA ILE O 12 16.57 -31.78 -23.33
C ILE O 12 15.53 -32.85 -23.59
N PRO O 13 15.38 -33.78 -22.64
CA PRO O 13 14.32 -34.78 -22.72
C PRO O 13 13.04 -34.19 -22.17
N LEU O 14 11.91 -34.64 -22.71
CA LEU O 14 10.62 -34.10 -22.33
C LEU O 14 9.96 -34.93 -21.23
N GLN O 15 9.93 -36.24 -21.45
CA GLN O 15 9.34 -37.16 -20.50
C GLN O 15 10.43 -37.83 -19.66
N ASP O 16 10.02 -38.78 -18.82
CA ASP O 16 10.99 -39.64 -18.16
C ASP O 16 11.30 -40.81 -19.09
N VAL O 17 12.58 -41.08 -19.28
CA VAL O 17 13.03 -42.10 -20.22
C VAL O 17 14.27 -42.82 -19.71
N ILE O 18 14.44 -44.07 -20.11
CA ILE O 18 15.66 -44.80 -19.80
C ILE O 18 16.60 -44.69 -21.00
N LEU O 19 17.77 -44.12 -20.75
CA LEU O 19 18.75 -43.94 -21.80
C LEU O 19 19.33 -45.28 -22.22
N PRO O 20 19.63 -45.47 -23.51
CA PRO O 20 20.16 -46.75 -23.98
C PRO O 20 21.62 -46.92 -23.68
N THR O 21 22.15 -48.07 -24.06
CA THR O 21 23.56 -48.34 -23.89
C THR O 21 24.20 -48.59 -25.25
N PRO O 22 25.18 -47.75 -25.64
CA PRO O 22 25.68 -46.60 -24.87
C PRO O 22 24.78 -45.38 -25.05
N SER O 23 25.04 -44.33 -24.29
CA SER O 23 24.18 -43.15 -24.28
C SER O 23 24.20 -42.37 -25.60
N SER O 24 25.18 -42.68 -26.46
CA SER O 24 25.30 -41.97 -27.73
C SER O 24 24.24 -42.42 -28.72
N LYS O 25 23.72 -43.63 -28.49
CA LYS O 25 22.78 -44.30 -29.38
C LYS O 25 21.67 -43.38 -29.86
N VAL O 26 21.23 -42.48 -28.99
CA VAL O 26 20.15 -41.56 -29.32
C VAL O 26 20.48 -40.82 -30.60
N LEU O 27 21.59 -40.09 -30.60
CA LEU O 27 21.97 -39.34 -31.79
C LEU O 27 22.20 -40.33 -32.91
N LYS O 28 22.81 -41.46 -32.55
CA LYS O 28 23.17 -42.49 -33.52
C LYS O 28 21.91 -43.01 -34.18
N TYR O 29 20.84 -43.09 -33.40
CA TYR O 29 19.59 -43.58 -33.96
C TYR O 29 18.96 -42.53 -34.89
N LEU O 30 18.96 -41.27 -34.47
CA LEU O 30 18.24 -40.25 -35.22
C LEU O 30 18.86 -39.96 -36.59
N ILE O 31 20.15 -40.25 -36.74
CA ILE O 31 20.79 -40.09 -38.04
C ILE O 31 20.57 -41.35 -38.85
N GLN O 32 20.75 -42.50 -38.21
CA GLN O 32 20.58 -43.78 -38.89
C GLN O 32 19.11 -44.05 -39.23
N SER O 33 18.39 -42.98 -39.59
CA SER O 33 16.98 -43.06 -39.94
C SER O 33 16.56 -41.81 -40.75
N GLY O 34 17.50 -40.89 -40.90
CA GLY O 34 17.28 -39.67 -41.67
C GLY O 34 16.42 -38.62 -41.00
N LYS O 35 17.07 -37.67 -40.34
CA LYS O 35 16.39 -36.58 -39.67
C LYS O 35 17.34 -35.38 -39.50
N LEU O 36 18.60 -35.67 -39.21
CA LEU O 36 19.65 -34.66 -39.16
C LEU O 36 20.81 -35.06 -40.08
N ILE O 37 21.57 -34.06 -40.56
CA ILE O 37 22.65 -34.20 -41.56
C ILE O 37 22.71 -35.53 -42.33
N PRO O 38 21.89 -35.67 -43.39
CA PRO O 38 21.76 -36.98 -44.06
C PRO O 38 22.98 -37.51 -44.82
N SER O 39 23.78 -36.65 -45.45
CA SER O 39 24.91 -37.12 -46.25
C SER O 39 25.98 -37.81 -45.41
N LEU O 40 25.68 -38.02 -44.12
CA LEU O 40 26.62 -38.60 -43.18
C LEU O 40 26.24 -40.04 -42.86
N LYS O 41 25.11 -40.50 -43.40
CA LYS O 41 24.60 -41.85 -43.15
C LYS O 41 25.72 -42.88 -43.26
N ASP O 42 26.39 -42.88 -44.41
CA ASP O 42 27.46 -43.83 -44.70
C ASP O 42 28.53 -43.79 -43.61
N LEU O 43 28.94 -42.58 -43.25
CA LEU O 43 29.95 -42.38 -42.22
C LEU O 43 29.52 -43.06 -40.91
N ILE O 44 28.23 -43.01 -40.63
CA ILE O 44 27.71 -43.56 -39.38
C ILE O 44 27.58 -45.08 -39.44
N THR O 45 27.51 -45.65 -40.64
CA THR O 45 27.38 -47.10 -40.77
C THR O 45 28.73 -47.74 -41.06
N SER O 46 29.70 -46.90 -41.40
CA SER O 46 31.03 -47.34 -41.80
C SER O 46 31.70 -48.24 -40.78
N ARG O 47 32.49 -49.20 -41.28
CA ARG O 47 33.20 -50.14 -40.43
C ARG O 47 34.71 -49.99 -40.66
N ASP O 48 35.09 -48.84 -41.22
CA ASP O 48 36.48 -48.56 -41.56
C ASP O 48 37.37 -48.25 -40.35
N LYS O 49 38.62 -48.73 -40.41
CA LYS O 49 39.58 -48.56 -39.34
C LYS O 49 39.91 -47.08 -39.11
N TYR O 50 39.76 -46.64 -37.86
CA TYR O 50 40.11 -45.28 -37.44
C TYR O 50 39.31 -44.23 -38.22
N LYS O 51 38.02 -44.50 -38.42
CA LYS O 51 37.14 -43.63 -39.19
C LYS O 51 37.02 -42.22 -38.57
N PRO O 52 36.97 -41.18 -39.43
CA PRO O 52 36.93 -39.79 -38.97
C PRO O 52 35.55 -39.35 -38.50
N ILE O 53 35.07 -39.98 -37.43
CA ILE O 53 33.79 -39.63 -36.83
C ILE O 53 33.85 -39.68 -35.31
N PHE O 54 33.21 -38.72 -34.65
CA PHE O 54 33.11 -38.79 -33.20
C PHE O 54 31.72 -38.39 -32.70
N ILE O 55 31.02 -39.34 -32.06
CA ILE O 55 29.73 -39.04 -31.45
C ILE O 55 29.73 -39.31 -29.93
N SER O 56 29.76 -38.23 -29.16
CA SER O 56 30.01 -38.32 -27.73
C SER O 56 28.83 -38.90 -26.98
N HIS O 57 29.09 -39.38 -25.76
CA HIS O 57 28.00 -39.72 -24.86
C HIS O 57 27.39 -38.39 -24.42
N LEU O 58 26.09 -38.37 -24.11
CA LEU O 58 25.54 -37.15 -23.54
C LEU O 58 25.78 -37.15 -22.03
N GLY O 59 25.76 -35.97 -21.42
CA GLY O 59 26.04 -35.87 -19.99
C GLY O 59 25.30 -34.77 -19.26
N PHE O 60 25.45 -34.80 -17.94
CA PHE O 60 24.87 -33.83 -17.02
C PHE O 60 25.94 -32.77 -16.78
N ASN O 61 25.83 -32.02 -15.70
CA ASN O 61 26.69 -30.83 -15.53
C ASN O 61 28.19 -31.12 -15.53
N GLN O 62 28.88 -30.66 -16.58
CA GLN O 62 30.33 -30.82 -16.79
C GLN O 62 30.76 -32.28 -16.93
N ARG O 63 29.86 -33.17 -16.55
CA ARG O 63 30.18 -34.58 -16.47
C ARG O 63 29.52 -35.40 -17.59
N ARG O 64 30.15 -36.48 -18.04
CA ARG O 64 29.56 -37.35 -19.08
C ARG O 64 28.84 -38.52 -18.44
N ILE O 65 27.56 -38.68 -18.74
CA ILE O 65 26.77 -39.79 -18.18
C ILE O 65 27.44 -41.17 -18.14
N PHE O 66 27.66 -41.60 -16.91
CA PHE O 66 28.21 -42.88 -16.52
C PHE O 66 27.30 -44.05 -16.89
N GLN O 67 27.90 -45.23 -17.07
CA GLN O 67 27.12 -46.42 -17.41
C GLN O 67 27.21 -47.51 -16.33
N LYS O 73 18.58 -47.05 -14.18
CA LYS O 73 18.17 -45.70 -13.81
C LYS O 73 17.63 -44.94 -15.02
N THR O 74 16.71 -43.99 -14.76
CA THR O 74 16.11 -43.21 -15.84
C THR O 74 16.42 -41.71 -15.72
N ILE O 75 15.93 -40.94 -16.68
CA ILE O 75 16.07 -39.48 -16.63
C ILE O 75 14.85 -38.77 -16.03
N THR O 76 15.08 -37.55 -15.56
CA THR O 76 14.07 -36.67 -14.99
C THR O 76 13.21 -35.98 -16.06
N LYS O 77 12.11 -35.35 -15.65
CA LYS O 77 11.20 -34.66 -16.57
C LYS O 77 11.87 -33.54 -17.40
N GLY O 78 12.95 -32.96 -16.90
CA GLY O 78 13.65 -31.92 -17.63
C GLY O 78 15.14 -32.21 -17.79
N SER O 79 15.96 -31.47 -17.04
CA SER O 79 17.42 -31.62 -17.04
C SER O 79 18.12 -31.20 -18.34
N ARG O 80 19.06 -30.26 -18.19
CA ARG O 80 19.84 -29.72 -19.31
C ARG O 80 20.97 -30.67 -19.72
N LEU O 81 20.70 -31.59 -20.64
CA LEU O 81 21.75 -32.52 -21.06
C LEU O 81 22.65 -31.92 -22.13
N SER O 82 23.89 -32.38 -22.17
CA SER O 82 24.88 -31.83 -23.09
C SER O 82 25.42 -32.92 -24.02
N SER O 83 25.80 -32.54 -25.24
CA SER O 83 26.37 -33.48 -26.22
C SER O 83 27.33 -32.82 -27.20
N ILE O 84 28.15 -33.64 -27.85
CA ILE O 84 29.09 -33.17 -28.86
C ILE O 84 29.15 -34.17 -30.03
N ILE O 85 29.11 -33.65 -31.24
CA ILE O 85 29.29 -34.46 -32.45
C ILE O 85 30.31 -33.79 -33.37
N ALA O 86 31.29 -34.55 -33.82
CA ALA O 86 32.34 -34.05 -34.71
C ALA O 86 32.57 -34.98 -35.89
N PHE O 87 32.98 -34.42 -37.02
CA PHE O 87 33.21 -35.23 -38.22
C PHE O 87 34.08 -34.53 -39.28
N SER O 88 34.46 -35.31 -40.28
CA SER O 88 35.21 -34.77 -41.41
C SER O 88 34.87 -35.54 -42.69
N THR O 89 35.10 -34.87 -43.83
CA THR O 89 34.82 -35.41 -45.16
C THR O 89 34.87 -34.31 -46.22
N GLN O 90 35.19 -34.69 -47.44
CA GLN O 90 35.33 -33.76 -48.56
C GLN O 90 33.98 -33.61 -49.27
N ALA O 91 32.98 -34.31 -48.77
CA ALA O 91 31.64 -34.26 -49.35
C ALA O 91 30.95 -33.01 -48.82
N ASN O 92 30.36 -32.22 -49.71
CA ASN O 92 29.75 -30.95 -49.29
C ASN O 92 28.66 -31.15 -48.26
N VAL O 93 28.99 -30.77 -47.04
CA VAL O 93 28.09 -30.86 -45.89
C VAL O 93 27.57 -29.47 -45.59
N LEU O 94 28.36 -28.47 -45.99
CA LEU O 94 28.13 -27.03 -45.79
C LEU O 94 26.68 -26.60 -45.46
N SER O 95 25.71 -27.29 -46.06
CA SER O 95 24.30 -27.06 -45.76
C SER O 95 23.94 -27.86 -44.51
N GLU O 96 22.78 -28.49 -44.54
CA GLU O 96 22.28 -29.36 -43.45
C GLU O 96 22.48 -28.90 -41.98
N VAL O 97 23.59 -28.21 -41.68
CA VAL O 97 23.87 -27.66 -40.35
C VAL O 97 22.64 -27.26 -39.51
N ALA O 98 21.84 -26.32 -40.05
CA ALA O 98 20.66 -25.74 -39.38
C ALA O 98 19.89 -26.68 -38.45
N ASP O 99 19.42 -27.80 -39.01
CA ASP O 99 18.66 -28.86 -38.31
C ASP O 99 18.52 -28.74 -36.79
N GLU O 100 17.31 -29.02 -36.30
CA GLU O 100 16.90 -28.69 -34.93
C GLU O 100 15.44 -29.07 -34.77
N GLY O 101 14.92 -28.85 -33.56
CA GLY O 101 13.50 -29.06 -33.32
C GLY O 101 13.13 -30.12 -32.31
N ILE O 102 11.96 -30.71 -32.51
CA ILE O 102 11.49 -31.79 -31.66
C ILE O 102 11.46 -33.10 -32.46
N PHE O 103 12.39 -34.00 -32.13
CA PHE O 103 12.53 -35.27 -32.85
C PHE O 103 11.97 -36.42 -32.03
N GLU O 104 11.69 -37.53 -32.71
CA GLU O 104 11.06 -38.69 -32.10
C GLU O 104 11.80 -39.99 -32.43
N THR O 105 12.16 -40.74 -31.39
CA THR O 105 12.91 -41.98 -31.54
C THR O 105 12.25 -43.10 -30.76
N VAL O 106 12.77 -44.33 -30.91
CA VAL O 106 12.26 -45.47 -30.16
C VAL O 106 12.76 -45.36 -28.72
N TYR O 107 13.67 -44.42 -28.48
CA TYR O 107 14.15 -44.13 -27.13
C TYR O 107 13.29 -43.02 -26.51
N GLY O 108 12.31 -42.53 -27.27
CA GLY O 108 11.38 -41.55 -26.74
C GLY O 108 11.36 -40.24 -27.50
N LYS O 109 10.73 -39.22 -26.92
CA LYS O 109 10.57 -37.94 -27.60
C LYS O 109 11.58 -36.95 -27.04
N PHE O 110 12.37 -36.34 -27.91
CA PHE O 110 13.40 -35.43 -27.43
C PHE O 110 13.35 -34.10 -28.17
N HIS O 111 13.77 -33.04 -27.48
CA HIS O 111 13.90 -31.73 -28.11
C HIS O 111 15.37 -31.33 -28.14
N ILE O 112 15.92 -31.20 -29.35
CA ILE O 112 17.34 -30.87 -29.51
C ILE O 112 17.52 -29.43 -29.93
N MET O 113 18.63 -28.84 -29.51
CA MET O 113 18.99 -27.48 -29.90
C MET O 113 20.45 -27.46 -30.34
N ILE O 114 20.96 -26.28 -30.70
CA ILE O 114 22.36 -26.15 -31.09
C ILE O 114 23.03 -25.14 -30.16
N GLU O 115 24.22 -25.50 -29.70
CA GLU O 115 24.96 -24.62 -28.80
C GLU O 115 26.18 -24.08 -29.49
N SER O 116 27.26 -24.85 -29.44
CA SER O 116 28.52 -24.40 -30.03
C SER O 116 28.66 -24.88 -31.46
N ILE O 117 29.32 -24.09 -32.30
CA ILE O 117 29.63 -24.58 -33.63
C ILE O 117 31.03 -24.09 -34.04
N GLU O 118 31.90 -25.05 -34.33
CA GLU O 118 33.25 -24.71 -34.78
C GLU O 118 33.64 -25.49 -36.03
N ILE O 119 34.34 -24.81 -36.93
CA ILE O 119 34.89 -25.40 -38.14
C ILE O 119 36.38 -25.11 -38.20
N VAL O 120 37.20 -26.11 -38.52
CA VAL O 120 38.63 -25.85 -38.70
C VAL O 120 39.14 -26.69 -39.85
N GLU O 121 40.10 -26.15 -40.59
CA GLU O 121 40.79 -26.94 -41.60
C GLU O 121 42.01 -27.56 -40.94
N VAL O 122 42.20 -28.85 -41.16
CA VAL O 122 43.17 -29.65 -40.42
C VAL O 122 44.59 -29.10 -40.56
N GLU O 123 44.83 -28.38 -41.66
CA GLU O 123 46.14 -27.82 -41.93
C GLU O 123 46.41 -26.60 -41.07
N LYS O 124 45.36 -25.87 -40.70
CA LYS O 124 45.52 -24.65 -39.92
C LYS O 124 45.84 -24.91 -38.45
N LEU O 125 45.49 -26.09 -37.95
CA LEU O 125 45.78 -26.42 -36.56
C LEU O 125 47.28 -26.51 -36.33
N LYS O 126 48.02 -26.73 -37.42
CA LYS O 126 49.47 -26.84 -37.39
C LYS O 126 50.06 -25.52 -36.88
N GLU O 127 49.24 -24.47 -36.90
CA GLU O 127 49.67 -23.16 -36.44
C GLU O 127 49.72 -23.14 -34.91
N GLU O 128 48.77 -23.83 -34.29
CA GLU O 128 48.68 -23.86 -32.83
C GLU O 128 49.86 -24.59 -32.21
N VAL O 129 50.30 -25.66 -32.87
CA VAL O 129 51.36 -26.52 -32.39
C VAL O 129 52.57 -25.73 -31.91
N GLU O 130 52.99 -24.78 -32.73
CA GLU O 130 54.25 -24.09 -32.50
C GLU O 130 54.19 -23.25 -31.23
N LYS O 131 53.00 -22.82 -30.83
CA LYS O 131 52.90 -21.98 -29.64
C LYS O 131 52.84 -22.80 -28.36
N HIS O 132 52.79 -24.12 -28.50
CA HIS O 132 52.81 -25.00 -27.34
C HIS O 132 54.08 -25.86 -27.34
N MET O 133 55.06 -25.45 -28.13
CA MET O 133 56.29 -26.20 -28.33
C MET O 133 57.17 -26.13 -27.07
N ASN O 134 56.72 -25.33 -26.10
CA ASN O 134 57.41 -25.17 -24.82
C ASN O 134 56.47 -25.47 -23.66
N ASP O 135 55.35 -26.10 -24.01
CA ASP O 135 54.31 -26.43 -23.03
C ASP O 135 54.31 -27.89 -22.61
N ASN O 136 53.87 -28.14 -21.37
CA ASN O 136 53.57 -29.50 -20.94
C ASN O 136 52.22 -29.88 -21.49
N ILE O 137 52.10 -31.07 -22.06
CA ILE O 137 50.84 -31.47 -22.65
C ILE O 137 50.09 -32.38 -21.68
N ARG O 138 48.85 -31.98 -21.35
CA ARG O 138 48.01 -32.79 -20.47
C ARG O 138 46.76 -33.25 -21.22
N VAL O 139 46.58 -34.57 -21.24
CA VAL O 139 45.46 -35.21 -21.90
C VAL O 139 44.49 -35.71 -20.82
N ARG O 140 43.24 -35.26 -20.90
CA ARG O 140 42.21 -35.65 -19.96
C ARG O 140 41.15 -36.54 -20.61
N PHE O 141 41.00 -37.74 -20.06
CA PHE O 141 40.03 -38.70 -20.57
C PHE O 141 38.66 -38.43 -19.93
N VAL O 142 37.78 -37.76 -20.66
CA VAL O 142 36.45 -37.40 -20.17
C VAL O 142 35.42 -38.50 -20.48
N SER O 143 35.90 -39.58 -21.07
CA SER O 143 35.08 -40.75 -21.32
C SER O 143 35.99 -41.96 -21.30
N PRO O 144 35.44 -43.14 -21.02
CA PRO O 144 36.24 -44.38 -21.03
C PRO O 144 36.98 -44.59 -22.35
N THR O 145 38.31 -44.67 -22.31
CA THR O 145 39.12 -44.78 -23.53
C THR O 145 39.78 -46.13 -23.74
N LEU O 146 39.59 -46.70 -24.93
CA LEU O 146 40.10 -48.03 -25.22
C LEU O 146 41.34 -47.99 -26.12
N LEU O 147 42.47 -48.38 -25.55
CA LEU O 147 43.73 -48.43 -26.27
C LEU O 147 44.19 -49.89 -26.36
N SER O 148 44.02 -50.51 -27.52
CA SER O 148 44.48 -51.88 -27.70
C SER O 148 46.01 -51.90 -27.62
N SER O 149 46.56 -52.83 -26.84
CA SER O 149 47.99 -52.83 -26.59
C SER O 149 48.81 -53.27 -27.80
N LYS O 150 48.26 -54.20 -28.56
CA LYS O 150 48.95 -54.76 -29.73
C LYS O 150 49.26 -53.70 -30.80
N VAL O 151 48.61 -52.54 -30.70
CA VAL O 151 48.90 -51.38 -31.54
C VAL O 151 50.40 -51.04 -31.49
N LEU O 152 51.03 -51.33 -30.35
CA LEU O 152 52.46 -51.06 -30.21
C LEU O 152 53.27 -52.35 -30.29
N LEU O 153 52.69 -53.39 -30.87
CA LEU O 153 53.42 -54.62 -31.16
C LEU O 153 54.08 -54.53 -32.54
N PRO O 154 55.32 -55.03 -32.65
CA PRO O 154 55.98 -55.02 -33.97
C PRO O 154 55.15 -55.81 -34.98
N PRO O 155 54.74 -55.15 -36.07
CA PRO O 155 53.87 -55.67 -37.13
C PRO O 155 54.44 -56.96 -37.73
N SER O 156 55.75 -57.13 -37.61
CA SER O 156 56.41 -58.34 -38.07
C SER O 156 55.84 -59.60 -37.43
N LEU O 157 55.67 -59.56 -36.11
CA LEU O 157 55.20 -60.74 -35.36
C LEU O 157 53.68 -60.76 -35.22
N SER O 158 53.02 -59.90 -35.99
CA SER O 158 51.57 -59.75 -35.96
C SER O 158 50.86 -61.11 -36.06
N GLU O 159 51.32 -61.96 -36.96
CA GLU O 159 50.70 -63.25 -37.21
C GLU O 159 50.94 -64.29 -36.12
N ARG O 160 52.15 -64.29 -35.56
CA ARG O 160 52.54 -65.23 -34.51
C ARG O 160 51.60 -65.20 -33.31
N TYR O 161 51.16 -63.99 -32.94
CA TYR O 161 50.37 -63.82 -31.73
C TYR O 161 48.91 -63.43 -32.01
N LYS O 162 48.43 -63.76 -33.21
CA LYS O 162 47.03 -63.54 -33.58
C LYS O 162 46.10 -64.31 -32.63
N LYS O 163 46.63 -65.38 -32.04
CA LYS O 163 45.86 -66.29 -31.20
C LYS O 163 45.70 -65.73 -29.79
N ILE O 164 46.74 -65.04 -29.32
CA ILE O 164 46.75 -64.43 -27.99
C ILE O 164 45.88 -63.17 -27.94
N HIS O 165 45.05 -63.03 -26.90
CA HIS O 165 44.19 -61.86 -26.77
C HIS O 165 44.74 -60.90 -25.72
N ALA O 166 45.41 -59.84 -26.16
CA ALA O 166 46.08 -58.91 -25.25
C ALA O 166 45.14 -57.89 -24.59
N GLY O 167 44.00 -57.62 -25.23
CA GLY O 167 43.01 -56.75 -24.63
C GLY O 167 43.40 -55.28 -24.70
N TYR O 168 42.78 -54.48 -23.84
CA TYR O 168 43.05 -53.05 -23.77
C TYR O 168 44.09 -52.78 -22.70
N SER O 169 44.92 -51.76 -22.92
CA SER O 169 45.89 -51.34 -21.93
C SER O 169 45.27 -50.34 -20.98
N THR O 170 44.81 -50.84 -19.82
CA THR O 170 44.19 -49.98 -18.81
C THR O 170 45.21 -49.04 -18.15
N LEU O 171 46.46 -49.14 -18.59
CA LEU O 171 47.53 -48.23 -18.18
C LEU O 171 48.09 -47.59 -19.43
N PRO O 172 47.56 -46.43 -19.82
CA PRO O 172 47.88 -45.80 -21.11
C PRO O 172 49.27 -45.20 -21.13
N SER O 173 50.12 -45.72 -22.01
CA SER O 173 51.44 -45.18 -22.25
C SER O 173 51.36 -43.97 -23.19
N VAL O 174 52.35 -43.09 -23.11
CA VAL O 174 52.41 -41.94 -24.01
C VAL O 174 52.47 -42.46 -25.44
N GLY O 175 53.26 -43.51 -25.62
CA GLY O 175 53.45 -44.09 -26.94
C GLY O 175 52.15 -44.62 -27.54
N LEU O 176 51.29 -45.17 -26.69
CA LEU O 176 50.02 -45.72 -27.16
C LEU O 176 49.06 -44.62 -27.63
N ILE O 177 49.04 -43.52 -26.89
CA ILE O 177 48.14 -42.42 -27.20
C ILE O 177 48.63 -41.70 -28.45
N VAL O 178 49.94 -41.51 -28.57
CA VAL O 178 50.49 -40.88 -29.76
C VAL O 178 50.37 -41.78 -30.99
N ALA O 179 50.43 -43.10 -30.79
CA ALA O 179 50.26 -44.03 -31.90
C ALA O 179 48.83 -44.00 -32.40
N TYR O 180 47.88 -43.98 -31.46
CA TYR O 180 46.48 -43.91 -31.83
C TYR O 180 46.15 -42.58 -32.54
N ALA O 181 46.62 -41.48 -31.96
CA ALA O 181 46.45 -40.14 -32.54
C ALA O 181 47.04 -40.08 -33.94
N TYR O 182 48.19 -40.73 -34.09
CA TYR O 182 48.90 -40.79 -35.36
C TYR O 182 48.02 -41.51 -36.37
N ASN O 183 47.47 -42.66 -35.96
CA ASN O 183 46.61 -43.45 -36.82
C ASN O 183 45.36 -42.70 -37.28
N VAL O 184 44.68 -42.05 -36.34
CA VAL O 184 43.47 -41.31 -36.65
C VAL O 184 43.78 -40.14 -37.59
N TYR O 185 44.84 -39.40 -37.26
CA TYR O 185 45.30 -38.30 -38.10
C TYR O 185 45.56 -38.76 -39.52
N CYS O 186 46.30 -39.86 -39.64
CA CYS O 186 46.69 -40.38 -40.93
C CYS O 186 45.49 -40.83 -41.75
N ASN O 187 44.61 -41.62 -41.14
CA ASN O 187 43.39 -42.06 -41.80
C ASN O 187 42.51 -40.88 -42.22
N LEU O 188 42.59 -39.81 -41.43
CA LEU O 188 41.82 -38.60 -41.69
C LEU O 188 42.28 -37.93 -42.98
N ILE O 189 43.60 -37.88 -43.18
CA ILE O 189 44.20 -37.21 -44.33
C ILE O 189 44.44 -38.20 -45.47
N GLY O 190 43.78 -39.34 -45.40
CA GLY O 190 43.79 -40.35 -46.44
C GLY O 190 45.11 -41.09 -46.55
N LYS O 191 45.61 -41.54 -45.41
CA LYS O 191 46.80 -42.36 -45.37
C LYS O 191 46.42 -43.74 -44.85
N LYS O 192 47.07 -44.77 -45.38
CA LYS O 192 46.82 -46.13 -44.91
C LYS O 192 48.14 -46.85 -44.63
N GLU O 193 48.11 -48.17 -44.80
CA GLU O 193 49.24 -49.08 -44.56
C GLU O 193 50.37 -48.51 -43.67
N VAL O 194 49.99 -48.09 -42.46
CA VAL O 194 50.86 -47.27 -41.60
C VAL O 194 51.42 -48.01 -40.37
N GLU O 195 50.93 -49.22 -40.15
CA GLU O 195 51.18 -50.04 -38.97
C GLU O 195 52.62 -49.95 -38.45
N VAL O 196 53.58 -50.16 -39.34
CA VAL O 196 55.00 -50.12 -38.94
C VAL O 196 55.42 -48.71 -38.52
N ARG O 197 54.94 -47.70 -39.23
CA ARG O 197 55.25 -46.32 -38.87
C ARG O 197 54.67 -46.01 -37.50
N ALA O 198 53.46 -46.51 -37.26
CA ALA O 198 52.79 -46.33 -35.98
C ALA O 198 53.64 -46.95 -34.88
N PHE O 199 53.98 -48.22 -35.05
CA PHE O 199 54.85 -48.94 -34.12
C PHE O 199 56.13 -48.18 -33.75
N LYS O 200 56.93 -47.84 -34.75
CA LYS O 200 58.18 -47.11 -34.54
C LYS O 200 57.93 -45.79 -33.81
N PHE O 201 56.88 -45.08 -34.23
CA PHE O 201 56.49 -43.81 -33.62
C PHE O 201 56.18 -43.94 -32.14
N GLY O 202 55.28 -44.85 -31.80
CA GLY O 202 54.89 -45.08 -30.43
C GLY O 202 56.10 -45.43 -29.59
N ILE O 203 56.85 -46.44 -30.00
CA ILE O 203 58.06 -46.84 -29.27
C ILE O 203 59.00 -45.65 -29.01
N LEU O 204 59.23 -44.86 -30.06
CA LEU O 204 60.16 -43.74 -29.96
C LEU O 204 59.67 -42.71 -28.94
N SER O 205 58.40 -42.32 -29.09
CA SER O 205 57.79 -41.30 -28.24
C SER O 205 57.78 -41.76 -26.79
N ASN O 206 57.54 -43.04 -26.59
CA ASN O 206 57.44 -43.64 -25.27
C ASN O 206 58.78 -43.83 -24.60
N ALA O 207 59.84 -43.87 -25.41
CA ALA O 207 61.18 -43.99 -24.86
C ALA O 207 61.75 -42.61 -24.53
N LEU O 208 61.24 -41.59 -25.20
CA LEU O 208 61.79 -40.24 -25.08
C LEU O 208 60.80 -39.25 -24.47
N SER O 209 59.78 -39.75 -23.79
CA SER O 209 58.84 -38.87 -23.12
C SER O 209 59.24 -38.71 -21.67
N ARG O 210 58.95 -37.56 -21.09
CA ARG O 210 59.11 -37.40 -19.67
C ARG O 210 57.71 -37.19 -19.13
N ILE O 211 57.27 -38.14 -18.32
CA ILE O 211 55.90 -38.10 -17.82
C ILE O 211 55.85 -37.43 -16.45
N ILE O 212 55.15 -36.30 -16.39
CA ILE O 212 55.16 -35.44 -15.22
C ILE O 212 54.16 -35.87 -14.15
N GLY O 213 52.91 -36.10 -14.55
CA GLY O 213 51.93 -36.50 -13.57
C GLY O 213 50.77 -37.28 -14.17
N TYR O 214 49.91 -37.84 -13.31
CA TYR O 214 48.73 -38.54 -13.78
C TYR O 214 47.80 -38.88 -12.62
N ASP O 215 46.52 -39.05 -12.93
CA ASP O 215 45.54 -39.58 -12.02
C ASP O 215 44.72 -40.54 -12.85
N LEU O 216 45.13 -41.80 -12.89
CA LEU O 216 44.47 -42.79 -13.72
C LEU O 216 43.74 -43.86 -12.91
N HIS O 217 42.68 -44.43 -13.49
CA HIS O 217 41.96 -45.53 -12.87
C HIS O 217 41.25 -46.40 -13.91
N PRO O 218 41.41 -47.72 -13.80
CA PRO O 218 40.76 -48.68 -14.68
C PRO O 218 39.27 -48.71 -14.41
N VAL O 219 38.45 -48.73 -15.45
CA VAL O 219 37.01 -48.84 -15.26
C VAL O 219 36.46 -49.98 -16.11
N THR O 220 35.34 -50.57 -15.69
CA THR O 220 34.65 -51.55 -16.52
C THR O 220 33.43 -50.89 -17.16
N VAL O 221 33.39 -50.97 -18.48
CA VAL O 221 32.36 -50.28 -19.26
C VAL O 221 31.43 -51.27 -19.94
N ALA O 222 30.14 -50.92 -19.88
CA ALA O 222 29.08 -51.71 -20.49
C ALA O 222 28.58 -51.04 -21.76
N ILE O 223 28.18 -51.84 -22.74
CA ILE O 223 27.72 -51.32 -24.03
C ILE O 223 26.35 -51.89 -24.43
N GLY O 224 26.06 -53.14 -24.09
CA GLY O 224 24.77 -53.73 -24.42
C GLY O 224 24.96 -55.02 -25.19
N GLU O 225 23.95 -55.66 -25.79
CA GLU O 225 22.49 -55.44 -25.70
C GLU O 225 21.94 -54.04 -25.41
N LEU O 231 25.73 -59.25 -24.91
CA LEU O 231 26.07 -58.44 -23.76
C LEU O 231 27.55 -58.07 -23.83
N ARG O 232 27.85 -56.81 -24.12
CA ARG O 232 29.25 -56.43 -24.24
C ARG O 232 29.74 -55.63 -23.04
N LYS O 233 31.01 -55.80 -22.74
CA LYS O 233 31.67 -55.05 -21.67
C LYS O 233 33.18 -55.23 -21.76
N ALA O 234 33.92 -54.26 -21.26
CA ALA O 234 35.37 -54.27 -21.40
C ALA O 234 36.00 -53.39 -20.34
N ARG O 235 37.31 -53.39 -20.24
CA ARG O 235 37.95 -52.49 -19.29
C ARG O 235 38.80 -51.45 -19.99
N GLY O 236 38.63 -50.20 -19.58
CA GLY O 236 39.36 -49.10 -20.15
C GLY O 236 39.91 -48.20 -19.07
N VAL O 237 40.28 -46.98 -19.45
CA VAL O 237 40.91 -46.05 -18.52
C VAL O 237 40.15 -44.75 -18.41
N MET O 238 40.18 -44.16 -17.21
CA MET O 238 39.74 -42.78 -17.07
C MET O 238 40.65 -42.02 -16.12
N GLY O 239 40.54 -40.70 -16.15
CA GLY O 239 41.42 -39.83 -15.38
C GLY O 239 42.22 -38.95 -16.34
N TRP O 240 43.37 -38.48 -15.89
CA TRP O 240 44.20 -37.62 -16.73
C TRP O 240 45.68 -37.98 -16.70
N ILE O 241 46.42 -37.53 -17.71
CA ILE O 241 47.85 -37.80 -17.78
C ILE O 241 48.62 -36.63 -18.43
N GLU O 242 49.67 -36.19 -17.75
CA GLU O 242 50.45 -35.03 -18.17
C GLU O 242 51.92 -35.36 -18.40
N PHE O 243 52.38 -35.08 -19.62
CA PHE O 243 53.75 -35.41 -20.04
C PHE O 243 54.42 -34.32 -20.87
N ASP O 244 55.68 -34.56 -21.20
CA ASP O 244 56.46 -33.71 -22.09
C ASP O 244 57.37 -34.55 -22.98
N ILE O 245 57.62 -34.10 -24.19
CA ILE O 245 58.55 -34.79 -25.09
C ILE O 245 59.73 -33.92 -25.49
N PRO O 246 60.90 -34.17 -24.89
CA PRO O 246 62.15 -33.43 -25.11
C PRO O 246 62.65 -33.41 -26.56
N ASP O 247 62.17 -34.31 -27.41
CA ASP O 247 62.59 -34.31 -28.82
C ASP O 247 61.70 -33.37 -29.61
N GLU O 248 62.33 -32.44 -30.32
CA GLU O 248 61.63 -31.37 -31.01
C GLU O 248 60.68 -31.87 -32.10
N ARG O 249 61.18 -32.76 -32.96
CA ARG O 249 60.38 -33.28 -34.06
C ARG O 249 59.25 -34.15 -33.53
N LEU O 250 59.62 -35.01 -32.57
CA LEU O 250 58.70 -35.93 -31.95
C LEU O 250 57.59 -35.17 -31.24
N LYS O 251 57.98 -34.17 -30.44
CA LYS O 251 57.01 -33.32 -29.74
C LYS O 251 56.09 -32.63 -30.73
N ARG O 252 56.66 -32.12 -31.82
CA ARG O 252 55.87 -31.44 -32.84
C ARG O 252 54.78 -32.35 -33.43
N ARG O 253 55.19 -33.55 -33.87
CA ARG O 253 54.23 -34.50 -34.41
C ARG O 253 53.16 -34.82 -33.40
N ALA O 254 53.60 -35.05 -32.16
CA ALA O 254 52.70 -35.40 -31.06
C ALA O 254 51.63 -34.33 -30.86
N LEU O 255 52.06 -33.09 -30.64
CA LEU O 255 51.15 -31.95 -30.53
C LEU O 255 50.18 -31.94 -31.69
N ASN O 256 50.69 -32.20 -32.88
CA ASN O 256 49.86 -32.20 -34.07
C ASN O 256 48.70 -33.21 -33.96
N TYR O 257 49.06 -34.49 -33.87
CA TYR O 257 48.08 -35.57 -33.83
C TYR O 257 47.11 -35.42 -32.66
N LEU O 258 47.65 -35.02 -31.51
CA LEU O 258 46.89 -34.86 -30.28
C LEU O 258 45.85 -33.75 -30.41
N LEU O 259 46.29 -32.64 -31.00
CA LEU O 259 45.40 -31.51 -31.28
C LEU O 259 44.27 -31.90 -32.24
N THR O 260 44.58 -32.72 -33.24
CA THR O 260 43.51 -33.25 -34.10
C THR O 260 42.53 -34.12 -33.31
N SER O 261 43.09 -34.99 -32.47
CA SER O 261 42.28 -35.88 -31.63
C SER O 261 41.46 -35.10 -30.63
N SER O 262 41.85 -33.86 -30.36
CA SER O 262 41.11 -32.98 -29.46
C SER O 262 39.77 -32.63 -30.10
N TYR O 263 39.62 -33.02 -31.36
CA TYR O 263 38.36 -32.87 -32.07
C TYR O 263 37.77 -34.24 -32.33
N LEU O 264 38.58 -35.15 -32.87
CA LEU O 264 38.03 -36.45 -33.27
C LEU O 264 38.09 -37.55 -32.19
N GLY O 265 38.74 -37.27 -31.07
CA GLY O 265 38.84 -38.23 -30.00
C GLY O 265 40.07 -39.12 -30.14
N ILE O 266 40.31 -39.99 -29.16
CA ILE O 266 41.53 -40.81 -29.17
C ILE O 266 41.23 -42.28 -28.86
N GLY O 267 42.00 -43.19 -29.46
CA GLY O 267 41.78 -44.61 -29.28
C GLY O 267 40.53 -45.08 -30.00
N ARG O 268 40.16 -46.35 -29.87
CA ARG O 268 38.85 -46.77 -30.35
C ARG O 268 37.86 -46.72 -29.19
N SER O 269 36.56 -46.66 -29.47
CA SER O 269 36.02 -46.40 -30.80
C SER O 269 35.25 -45.09 -30.73
N ARG O 270 35.89 -44.02 -31.20
CA ARG O 270 35.35 -42.66 -31.10
C ARG O 270 33.98 -42.53 -31.77
N GLY O 271 33.68 -43.48 -32.65
CA GLY O 271 32.40 -43.49 -33.36
C GLY O 271 31.20 -43.79 -32.48
N ILE O 272 31.45 -44.21 -31.24
CA ILE O 272 30.34 -44.50 -30.34
C ILE O 272 30.45 -43.79 -28.96
N GLY O 273 31.39 -42.85 -28.86
CA GLY O 273 31.50 -42.01 -27.68
C GLY O 273 32.66 -42.28 -26.75
N PHE O 274 33.44 -43.30 -27.08
CA PHE O 274 34.60 -43.69 -26.29
C PHE O 274 35.84 -42.90 -26.68
N GLY O 275 36.66 -42.56 -25.70
CA GLY O 275 37.92 -41.89 -25.96
C GLY O 275 37.81 -40.38 -26.13
N GLU O 276 36.77 -39.78 -25.57
CA GLU O 276 36.64 -38.33 -25.58
C GLU O 276 37.74 -37.69 -24.75
N ILE O 277 38.37 -36.65 -25.28
CA ILE O 277 39.51 -36.02 -24.62
C ILE O 277 39.41 -34.50 -24.47
N ARG O 278 40.05 -33.96 -23.43
CA ARG O 278 40.23 -32.52 -23.30
C ARG O 278 41.72 -32.25 -23.10
N LEU O 279 42.27 -31.29 -23.85
CA LEU O 279 43.70 -30.98 -23.78
C LEU O 279 44.01 -29.69 -23.02
N GLU O 280 45.04 -29.72 -22.18
CA GLU O 280 45.49 -28.52 -21.48
C GLU O 280 47.02 -28.39 -21.50
N PHE O 281 47.50 -27.19 -21.17
CA PHE O 281 48.92 -26.86 -21.33
C PHE O 281 49.46 -25.96 -20.23
N ARG O 282 50.78 -25.94 -20.08
CA ARG O 282 51.44 -25.03 -19.15
C ARG O 282 52.72 -24.51 -19.79
N LYS O 283 53.64 -23.95 -19.00
CA LYS O 283 54.89 -23.48 -19.58
C LYS O 283 56.02 -23.69 -18.57
N ILE O 284 57.15 -24.19 -19.05
CA ILE O 284 58.27 -24.48 -18.15
C ILE O 284 59.46 -23.56 -18.42
#